data_3POC
#
_entry.id   3POC
#
_cell.length_a   67.954
_cell.length_b   125.691
_cell.length_c   87.968
_cell.angle_alpha   90.00
_cell.angle_beta   107.62
_cell.angle_gamma   90.00
#
_symmetry.space_group_name_H-M   'P 1 21 1'
#
loop_
_entity.id
_entity.type
_entity.pdbx_description
1 polymer alpha-Glucosidase
2 branched 4,6-dideoxy-4-{[(1S,4R,5S,6S)-4,5,6-trihydroxy-3-(hydroxymethyl)cyclohex-2-en-1-yl]amino}-alpha-D-glucopyranose-(1-4)-alpha-D-glucopyranose-(1-4)-alpha-D-glucopyranose
3 non-polymer alpha-D-glucopyranose
4 non-polymer 4,6-dideoxy-4-{[(1S,4R,5S,6S)-4,5,6-trihydroxy-3-(hydroxymethyl)cyclohex-2-en-1-yl]amino}-alpha-D-glucopyranose
5 non-polymer GLYCEROL
6 water water
#
_entity_poly.entity_id   1
_entity_poly.type   'polypeptide(L)'
_entity_poly.pdbx_seq_one_letter_code
;SNAMIRKYRYGAPFDTEALTEKIETAEEAFPYGEISQKEGFAFTYIMDEDDIVYGLGESNRGINKRGYCYISNCTDDPIH
TEDKRSLYGAHNFIIVSGKTTFGLFFDYPSKLTFDIGYTRMDTLKVSCENADLDIYVIEGENAYDIVKQFRRVIGRSYIP
PKFAFGFGQSRWGYTTKEDFRAVAKGYRENHIPIDMIYMDIDYMQDFKDFTVNEKNFPDFPEFVKEMKDQELRLIPIIDA
GVKVEKGYEVYEEGVKNNYFCKREDGSDFVAAVWPGDTHFPDMLNPEARKWFGDKYRFLIDQGIEGFWNAMNEPAIFYSS
EGLAEAKEFAGEFAKDTEGKIHPWAMQAKMKDIVNSPEDYKRFYHNVNGKKIRHDKVHNLFGYNMTRAAGEAFERIDPEK
RFLMFSRSSYIGMHRYGGIWMGDNKSWWSHILLNLKMLPSLNMCGFMYTGADLGGFGDDTTRDLLLRFLALGVFTPLMRD
HAAEGTREQECYQFENIEDFRSVINARYRLVPYLYSEYMKAALNDDMYFKPLGFVYPDDKMAIRVEDQLMLGNEIMIAPV
YEQNARGRYVYLPEEMKFIKFMPDGSISEEVLEKGVHYVDVALNEVPLFIRSGKCIPVAEAAECVKDIDTENMQLIGYEG
SSYTLYEDDGIHKDYDKKENYRVLTK
;
_entity_poly.pdbx_strand_id   A,B
#
loop_
_chem_comp.id
_chem_comp.type
_chem_comp.name
_chem_comp.formula
AC1 D-saccharide 4,6-dideoxy-4-{[(1S,4R,5S,6S)-4,5,6-trihydroxy-3-(hydroxymethyl)cyclohex-2-en-1-yl]amino}-alpha-D-glucopyranose 'C13 H23 N O8'
GLC D-saccharide, alpha linking alpha-D-glucopyranose 'C6 H12 O6'
GOL non-polymer GLYCEROL 'C3 H8 O3'
#
# COMPACT_ATOMS: atom_id res chain seq x y z
N ALA A 3 14.62 -14.64 38.03
CA ALA A 3 13.77 -14.18 39.12
C ALA A 3 12.84 -13.06 38.64
N MET A 4 13.21 -12.45 37.52
CA MET A 4 12.36 -11.43 36.89
C MET A 4 11.62 -12.05 35.70
N ILE A 5 11.93 -13.32 35.42
CA ILE A 5 11.28 -14.01 34.32
C ILE A 5 10.93 -15.47 34.68
N ARG A 6 9.72 -15.89 34.31
CA ARG A 6 9.22 -17.23 34.66
C ARG A 6 8.71 -17.96 33.43
N LYS A 7 8.65 -19.28 33.51
CA LYS A 7 8.21 -20.09 32.39
C LYS A 7 6.99 -20.92 32.75
N TYR A 8 5.90 -20.73 32.01
CA TYR A 8 4.70 -21.54 32.22
C TYR A 8 4.54 -22.57 31.11
N ARG A 9 4.70 -23.83 31.47
CA ARG A 9 4.64 -24.89 30.47
C ARG A 9 3.21 -25.38 30.34
N TYR A 10 2.81 -25.64 29.10
CA TYR A 10 1.50 -26.20 28.80
C TYR A 10 1.70 -27.42 27.90
N GLY A 11 1.06 -28.53 28.27
CA GLY A 11 1.17 -29.75 27.52
C GLY A 11 2.60 -30.22 27.39
N ALA A 12 2.97 -30.75 26.23
CA ALA A 12 4.33 -31.21 26.01
C ALA A 12 4.97 -30.50 24.83
N PRO A 13 5.51 -29.30 25.08
CA PRO A 13 6.04 -28.43 24.02
C PRO A 13 7.27 -28.98 23.33
N PHE A 14 7.28 -28.94 22.00
CA PHE A 14 8.48 -29.22 21.23
C PHE A 14 9.57 -28.26 21.67
N ASP A 15 10.80 -28.74 21.85
CA ASP A 15 11.90 -27.87 22.25
C ASP A 15 12.48 -27.15 21.02
N THR A 16 12.24 -25.84 20.96
CA THR A 16 12.69 -25.04 19.81
C THR A 16 14.13 -24.55 19.97
N GLU A 17 14.64 -24.58 21.20
CA GLU A 17 15.97 -24.07 21.51
C GLU A 17 16.10 -22.57 21.24
N ALA A 18 14.96 -21.86 21.32
CA ALA A 18 14.98 -20.40 21.23
C ALA A 18 15.82 -19.81 22.36
N LEU A 19 15.53 -20.25 23.58
CA LEU A 19 16.29 -19.76 24.73
C LEU A 19 17.65 -20.44 24.93
N THR A 20 18.63 -19.60 25.26
CA THR A 20 19.98 -20.05 25.54
C THR A 20 20.05 -20.39 27.03
N GLU A 21 19.20 -19.73 27.82
CA GLU A 21 19.21 -19.92 29.25
C GLU A 21 18.05 -20.79 29.71
N LYS A 22 18.35 -21.78 30.56
CA LYS A 22 17.33 -22.67 31.08
C LYS A 22 16.56 -22.01 32.23
N ILE A 23 15.25 -21.85 32.05
CA ILE A 23 14.38 -21.34 33.08
C ILE A 23 13.50 -22.46 33.62
N GLU A 24 13.35 -22.52 34.93
CA GLU A 24 12.56 -23.58 35.55
C GLU A 24 11.06 -23.27 35.43
N THR A 25 10.25 -24.33 35.47
CA THR A 25 8.81 -24.23 35.32
C THR A 25 8.13 -23.65 36.56
N ALA A 26 7.28 -22.65 36.35
CA ALA A 26 6.52 -22.03 37.45
C ALA A 26 5.35 -22.90 37.88
N GLU A 27 4.78 -22.61 39.04
CA GLU A 27 3.68 -23.39 39.59
C GLU A 27 2.40 -22.57 39.80
N GLU A 28 2.57 -21.31 40.20
CA GLU A 28 1.43 -20.43 40.43
C GLU A 28 0.53 -20.31 39.18
N ALA A 29 -0.70 -19.86 39.38
CA ALA A 29 -1.60 -19.60 38.27
C ALA A 29 -0.93 -18.61 37.32
N PHE A 30 -1.39 -18.57 36.08
CA PHE A 30 -0.83 -17.62 35.14
C PHE A 30 -1.13 -16.20 35.61
N PRO A 31 -0.11 -15.35 35.64
CA PRO A 31 -0.09 -14.03 36.28
C PRO A 31 -1.06 -13.01 35.67
N TYR A 32 -1.22 -13.01 34.35
CA TYR A 32 -2.05 -12.01 33.68
C TYR A 32 -3.13 -12.63 32.79
N GLY A 33 -4.27 -11.95 32.70
CA GLY A 33 -5.33 -12.36 31.80
C GLY A 33 -5.88 -13.72 32.16
N GLU A 34 -6.48 -14.39 31.18
CA GLU A 34 -7.01 -15.74 31.37
C GLU A 34 -6.49 -16.70 30.32
N ILE A 35 -6.19 -17.93 30.74
CA ILE A 35 -5.81 -18.99 29.81
C ILE A 35 -6.97 -19.96 29.59
N SER A 36 -7.09 -20.47 28.38
CA SER A 36 -8.14 -21.42 28.07
C SER A 36 -7.60 -22.54 27.20
N GLN A 37 -8.16 -23.73 27.37
CA GLN A 37 -7.74 -24.89 26.57
C GLN A 37 -8.93 -25.52 25.85
N LYS A 38 -10.12 -24.95 26.07
CA LYS A 38 -11.34 -25.45 25.47
C LYS A 38 -11.19 -25.62 23.95
N GLU A 39 -10.76 -24.56 23.27
CA GLU A 39 -10.59 -24.62 21.82
C GLU A 39 -9.11 -24.52 21.47
N GLY A 40 -8.35 -25.55 21.81
CA GLY A 40 -6.90 -25.51 21.63
C GLY A 40 -6.26 -24.76 22.77
N PHE A 41 -5.69 -23.60 22.46
CA PHE A 41 -5.10 -22.76 23.50
C PHE A 41 -5.40 -21.29 23.23
N ALA A 42 -5.68 -20.53 24.29
CA ALA A 42 -5.97 -19.12 24.11
C ALA A 42 -5.69 -18.29 25.36
N PHE A 43 -4.87 -17.26 25.19
CA PHE A 43 -4.61 -16.30 26.25
C PHE A 43 -5.37 -15.03 25.91
N THR A 44 -6.17 -14.54 26.86
CA THR A 44 -7.01 -13.37 26.65
C THR A 44 -6.73 -12.30 27.72
N TYR A 45 -6.50 -11.06 27.27
CA TYR A 45 -6.12 -9.98 28.17
C TYR A 45 -6.82 -8.68 27.77
N ILE A 46 -7.49 -8.04 28.73
CA ILE A 46 -8.14 -6.76 28.48
C ILE A 46 -7.15 -5.63 28.69
N MET A 47 -6.77 -4.96 27.60
CA MET A 47 -5.85 -3.83 27.65
C MET A 47 -6.53 -2.56 28.18
N ASP A 48 -5.79 -1.78 28.96
CA ASP A 48 -6.23 -0.44 29.34
C ASP A 48 -6.13 0.44 28.09
N GLU A 49 -6.97 1.46 28.01
CA GLU A 49 -7.08 2.29 26.80
C GLU A 49 -5.76 2.91 26.33
N ASP A 50 -4.88 3.20 27.28
CA ASP A 50 -3.61 3.85 26.98
C ASP A 50 -2.46 2.86 26.72
N ASP A 51 -2.72 1.57 26.94
CA ASP A 51 -1.69 0.55 26.71
C ASP A 51 -1.14 0.63 25.29
N ILE A 52 0.17 0.45 25.17
CA ILE A 52 0.83 0.28 23.88
C ILE A 52 1.36 -1.14 23.79
N VAL A 53 1.36 -1.72 22.60
CA VAL A 53 1.86 -3.08 22.49
C VAL A 53 3.04 -3.17 21.52
N TYR A 54 4.20 -3.51 22.07
CA TYR A 54 5.43 -3.63 21.30
C TYR A 54 5.72 -5.08 20.93
N GLY A 55 6.52 -5.28 19.90
CA GLY A 55 7.06 -6.59 19.63
C GLY A 55 6.74 -7.16 18.26
N LEU A 56 6.82 -8.48 18.16
CA LEU A 56 6.46 -9.23 16.96
C LEU A 56 7.46 -9.09 15.83
N GLY A 57 8.63 -8.52 16.15
CA GLY A 57 9.75 -8.47 15.21
C GLY A 57 9.34 -8.14 13.79
N GLU A 58 9.70 -9.00 12.85
CA GLU A 58 9.31 -8.82 11.46
C GLU A 58 7.84 -9.20 11.25
N SER A 59 6.95 -8.24 11.47
CA SER A 59 5.53 -8.41 11.16
C SER A 59 5.02 -7.12 10.56
N ASN A 60 3.80 -7.16 10.05
CA ASN A 60 3.21 -6.05 9.32
C ASN A 60 2.86 -4.85 10.21
N ARG A 61 2.63 -3.71 9.58
CA ARG A 61 2.08 -2.51 10.21
C ARG A 61 3.07 -1.74 11.09
N GLY A 62 2.60 -1.20 12.21
CA GLY A 62 3.36 -0.20 12.95
C GLY A 62 4.16 -0.71 14.15
N ILE A 63 4.75 0.22 14.91
CA ILE A 63 5.53 -0.14 16.09
C ILE A 63 4.60 -0.54 17.23
N ASN A 64 3.56 0.26 17.46
CA ASN A 64 2.47 -0.11 18.32
C ASN A 64 1.58 -1.05 17.52
N LYS A 65 1.55 -2.32 17.91
CA LYS A 65 0.89 -3.36 17.13
C LYS A 65 -0.63 -3.33 17.29
N ARG A 66 -1.13 -2.60 18.29
CA ARG A 66 -2.57 -2.54 18.50
C ARG A 66 -3.33 -2.20 17.22
N GLY A 67 -4.51 -2.80 17.09
CA GLY A 67 -5.42 -2.46 16.02
C GLY A 67 -5.40 -3.40 14.83
N TYR A 68 -4.79 -4.57 14.98
CA TYR A 68 -4.87 -5.52 13.87
C TYR A 68 -4.53 -6.95 14.29
N CYS A 69 -4.38 -7.83 13.31
CA CYS A 69 -4.20 -9.24 13.56
C CYS A 69 -2.88 -9.68 12.94
N TYR A 70 -2.05 -10.37 13.74
CA TYR A 70 -0.75 -10.86 13.28
C TYR A 70 -0.65 -12.36 13.53
N ILE A 71 -0.34 -13.12 12.49
CA ILE A 71 -0.27 -14.57 12.57
C ILE A 71 1.13 -15.06 12.27
N SER A 72 1.75 -15.70 13.27
CA SER A 72 3.09 -16.22 13.13
C SER A 72 3.00 -17.52 12.37
N ASN A 73 3.42 -17.46 11.12
CA ASN A 73 3.33 -18.58 10.21
C ASN A 73 4.16 -18.18 9.01
N CYS A 74 5.43 -18.55 8.99
CA CYS A 74 6.37 -18.07 7.98
C CYS A 74 5.83 -18.35 6.57
N THR A 75 5.59 -17.31 5.79
CA THR A 75 5.10 -17.51 4.43
C THR A 75 5.74 -16.64 3.35
N ASP A 76 5.90 -17.22 2.17
CA ASP A 76 6.51 -16.57 1.03
C ASP A 76 5.46 -15.71 0.35
N ASP A 77 5.32 -14.47 0.80
CA ASP A 77 4.33 -13.52 0.27
C ASP A 77 4.99 -12.24 -0.23
N PRO A 78 5.08 -12.07 -1.56
CA PRO A 78 5.84 -10.97 -2.17
C PRO A 78 5.09 -9.64 -2.24
N ILE A 79 3.89 -9.59 -1.65
CA ILE A 79 3.06 -8.40 -1.71
C ILE A 79 2.70 -7.94 -0.30
N HIS A 80 3.49 -7.03 0.24
CA HIS A 80 3.35 -6.63 1.64
C HIS A 80 2.38 -5.47 1.82
N THR A 81 1.09 -5.77 1.68
CA THR A 81 0.08 -4.74 1.84
C THR A 81 -0.47 -4.78 3.27
N GLU A 82 -1.19 -3.75 3.68
CA GLU A 82 -1.60 -3.61 5.09
C GLU A 82 -2.51 -4.73 5.60
N ASP A 83 -3.15 -5.45 4.69
CA ASP A 83 -4.10 -6.51 5.09
C ASP A 83 -3.37 -7.78 5.45
N LYS A 84 -2.15 -7.97 4.95
CA LYS A 84 -1.47 -9.25 5.13
C LYS A 84 -1.26 -9.51 6.62
N ARG A 85 -1.60 -10.72 7.06
CA ARG A 85 -1.40 -11.11 8.46
C ARG A 85 -0.10 -11.89 8.71
N SER A 86 0.52 -12.39 7.65
CA SER A 86 1.71 -13.23 7.80
C SER A 86 2.79 -12.92 6.77
N LEU A 87 3.99 -12.64 7.26
CA LEU A 87 5.14 -12.50 6.39
C LEU A 87 6.14 -13.62 6.66
N TYR A 88 7.41 -13.34 6.45
CA TYR A 88 8.45 -14.38 6.55
C TYR A 88 8.80 -14.80 7.97
N GLY A 89 8.58 -13.92 8.93
CA GLY A 89 9.08 -14.20 10.27
C GLY A 89 8.05 -14.55 11.32
N ALA A 90 8.48 -15.38 12.27
CA ALA A 90 7.65 -15.75 13.41
C ALA A 90 8.39 -15.35 14.68
N HIS A 91 8.05 -14.18 15.21
CA HIS A 91 8.75 -13.66 16.38
C HIS A 91 7.78 -13.39 17.51
N ASN A 92 7.63 -14.39 18.38
CA ASN A 92 6.49 -14.47 19.29
C ASN A 92 6.70 -13.77 20.60
N PHE A 93 7.31 -12.59 20.53
CA PHE A 93 7.60 -11.79 21.70
C PHE A 93 6.76 -10.53 21.63
N ILE A 94 6.04 -10.23 22.71
CA ILE A 94 5.32 -8.96 22.78
C ILE A 94 5.47 -8.35 24.15
N ILE A 95 5.28 -7.04 24.22
CA ILE A 95 5.30 -6.34 25.50
C ILE A 95 4.07 -5.47 25.62
N VAL A 96 3.36 -5.62 26.72
CA VAL A 96 2.28 -4.69 27.03
C VAL A 96 2.88 -3.57 27.86
N SER A 97 2.72 -2.34 27.37
CA SER A 97 3.32 -1.20 28.02
C SER A 97 2.24 -0.20 28.42
N GLY A 98 2.12 0.08 29.72
CA GLY A 98 1.10 1.00 30.19
C GLY A 98 0.98 0.99 31.70
N LYS A 99 -0.23 1.17 32.21
CA LYS A 99 -0.47 1.10 33.65
C LYS A 99 0.11 -0.19 34.20
N THR A 100 -0.24 -1.30 33.56
CA THR A 100 0.36 -2.60 33.85
C THR A 100 1.28 -3.01 32.70
N THR A 101 2.55 -3.28 33.03
CA THR A 101 3.54 -3.57 32.00
C THR A 101 4.17 -4.95 32.19
N PHE A 102 4.28 -5.71 31.11
CA PHE A 102 4.87 -7.05 31.18
C PHE A 102 5.16 -7.55 29.78
N GLY A 103 5.98 -8.57 29.68
CA GLY A 103 6.36 -9.12 28.39
C GLY A 103 5.99 -10.58 28.33
N LEU A 104 5.78 -11.07 27.12
CA LEU A 104 5.38 -12.45 26.94
C LEU A 104 6.10 -13.01 25.73
N PHE A 105 6.69 -14.18 25.90
CA PHE A 105 7.23 -14.92 24.78
C PHE A 105 6.55 -16.26 24.68
N PHE A 106 5.91 -16.50 23.54
CA PHE A 106 5.21 -17.75 23.33
C PHE A 106 6.13 -18.66 22.57
N ASP A 107 6.73 -19.60 23.27
CA ASP A 107 7.63 -20.54 22.63
C ASP A 107 6.77 -21.67 22.08
N TYR A 108 6.39 -21.52 20.82
CA TYR A 108 5.49 -22.42 20.11
C TYR A 108 5.84 -22.34 18.63
N PRO A 109 6.08 -23.49 17.99
CA PRO A 109 6.65 -23.52 16.64
C PRO A 109 5.65 -23.59 15.48
N SER A 110 4.36 -23.49 15.77
CA SER A 110 3.35 -23.56 14.71
C SER A 110 2.53 -22.26 14.60
N LYS A 111 1.47 -22.30 13.80
CA LYS A 111 0.58 -21.17 13.59
C LYS A 111 0.13 -20.54 14.91
N LEU A 112 0.52 -19.30 15.15
CA LEU A 112 0.13 -18.62 16.39
C LEU A 112 -0.52 -17.27 16.07
N THR A 113 -1.74 -17.08 16.55
CA THR A 113 -2.52 -15.92 16.18
C THR A 113 -2.55 -14.86 17.26
N PHE A 114 -2.12 -13.66 16.88
CA PHE A 114 -2.12 -12.51 17.78
C PHE A 114 -3.26 -11.58 17.36
N ASP A 115 -4.37 -11.69 18.06
CA ASP A 115 -5.50 -10.80 17.82
C ASP A 115 -5.33 -9.63 18.77
N ILE A 116 -4.67 -8.58 18.29
CA ILE A 116 -4.35 -7.43 19.13
C ILE A 116 -5.30 -6.26 18.84
N GLY A 117 -6.49 -6.31 19.43
CA GLY A 117 -7.46 -5.24 19.29
C GLY A 117 -8.15 -5.25 17.94
N TYR A 118 -8.02 -6.35 17.21
CA TYR A 118 -8.67 -6.49 15.91
C TYR A 118 -10.16 -6.80 16.04
N THR A 119 -10.49 -7.80 16.85
CA THR A 119 -11.88 -8.16 17.04
C THR A 119 -12.55 -7.14 17.96
N ARG A 120 -11.91 -6.85 19.07
CA ARG A 120 -12.42 -5.89 20.03
C ARG A 120 -11.26 -4.99 20.46
N MET A 121 -11.46 -3.68 20.40
CA MET A 121 -10.36 -2.73 20.62
C MET A 121 -9.59 -2.98 21.92
N ASP A 122 -10.28 -3.29 23.01
CA ASP A 122 -9.61 -3.43 24.30
C ASP A 122 -9.13 -4.85 24.58
N THR A 123 -9.31 -5.76 23.62
CA THR A 123 -9.01 -7.17 23.87
C THR A 123 -7.79 -7.65 23.09
N LEU A 124 -6.83 -8.19 23.83
CA LEU A 124 -5.68 -8.86 23.24
C LEU A 124 -5.88 -10.37 23.38
N LYS A 125 -5.86 -11.08 22.27
CA LYS A 125 -6.04 -12.52 22.32
C LYS A 125 -5.03 -13.26 21.48
N VAL A 126 -4.26 -14.13 22.14
CA VAL A 126 -3.25 -14.93 21.48
C VAL A 126 -3.70 -16.39 21.52
N SER A 127 -3.81 -17.03 20.35
CA SER A 127 -4.35 -18.38 20.34
C SER A 127 -3.65 -19.31 19.36
N CYS A 128 -3.68 -20.60 19.67
CA CYS A 128 -3.14 -21.60 18.76
C CYS A 128 -3.95 -22.90 18.86
N GLU A 129 -3.70 -23.80 17.91
CA GLU A 129 -4.45 -25.03 17.79
C GLU A 129 -4.13 -26.05 18.90
N ASN A 130 -2.87 -26.14 19.31
CA ASN A 130 -2.47 -27.12 20.34
C ASN A 130 -1.86 -26.48 21.58
N ALA A 131 -2.40 -26.84 22.75
CA ALA A 131 -1.87 -26.34 24.02
C ALA A 131 -0.56 -27.03 24.42
N ASP A 132 0.41 -27.01 23.51
CA ASP A 132 1.75 -27.54 23.78
C ASP A 132 2.79 -26.45 23.60
N LEU A 133 3.03 -25.68 24.65
CA LEU A 133 3.91 -24.52 24.53
C LEU A 133 4.40 -24.02 25.87
N ASP A 134 5.52 -23.31 25.86
CA ASP A 134 5.99 -22.58 27.03
C ASP A 134 5.69 -21.10 26.85
N ILE A 135 5.28 -20.45 27.94
CA ILE A 135 5.06 -19.02 27.91
C ILE A 135 5.91 -18.35 28.97
N TYR A 136 6.78 -17.46 28.52
CA TYR A 136 7.66 -16.73 29.40
C TYR A 136 7.07 -15.37 29.75
N VAL A 137 6.98 -15.08 31.04
CA VAL A 137 6.52 -13.79 31.53
C VAL A 137 7.70 -12.99 32.08
N ILE A 138 7.95 -11.83 31.48
CA ILE A 138 9.12 -11.01 31.81
C ILE A 138 8.73 -9.69 32.48
N GLU A 139 8.81 -9.66 33.80
CA GLU A 139 8.51 -8.47 34.60
C GLU A 139 9.59 -7.39 34.43
N GLY A 140 9.23 -6.14 34.68
CA GLY A 140 10.20 -5.06 34.63
C GLY A 140 9.59 -3.69 34.86
N GLU A 141 10.44 -2.70 35.11
CA GLU A 141 9.99 -1.32 35.32
C GLU A 141 9.23 -0.80 34.10
N ASN A 142 9.77 -1.09 32.92
CA ASN A 142 9.24 -0.58 31.68
C ASN A 142 9.59 -1.50 30.51
N ALA A 143 8.96 -1.28 29.37
CA ALA A 143 9.21 -2.07 28.18
C ALA A 143 10.70 -2.30 27.91
N TYR A 144 11.49 -1.23 27.98
CA TYR A 144 12.90 -1.30 27.62
C TYR A 144 13.62 -2.27 28.53
N ASP A 145 13.41 -2.12 29.82
CA ASP A 145 14.05 -2.99 30.81
C ASP A 145 13.66 -4.44 30.48
N ILE A 146 12.40 -4.62 30.12
CA ILE A 146 11.87 -5.93 29.74
C ILE A 146 12.55 -6.49 28.50
N VAL A 147 12.81 -5.63 27.51
CA VAL A 147 13.44 -6.09 26.28
C VAL A 147 14.87 -6.55 26.54
N LYS A 148 15.56 -5.81 27.39
CA LYS A 148 16.95 -6.19 27.72
C LYS A 148 17.03 -7.52 28.48
N GLN A 149 16.10 -7.78 29.39
CA GLN A 149 16.08 -9.08 30.06
C GLN A 149 15.85 -10.20 29.06
N PHE A 150 14.98 -9.96 28.07
CA PHE A 150 14.70 -10.98 27.08
C PHE A 150 15.91 -11.22 26.20
N ARG A 151 16.55 -10.15 25.76
CA ARG A 151 17.75 -10.27 24.94
C ARG A 151 18.82 -11.09 25.69
N ARG A 152 18.80 -10.97 27.02
CA ARG A 152 19.74 -11.72 27.86
C ARG A 152 19.59 -13.23 27.71
N VAL A 153 18.36 -13.73 27.82
CA VAL A 153 18.13 -15.17 27.86
C VAL A 153 18.02 -15.86 26.49
N ILE A 154 18.06 -15.08 25.41
CA ILE A 154 17.99 -15.70 24.06
C ILE A 154 19.37 -15.82 23.44
N GLY A 155 20.37 -15.29 24.13
CA GLY A 155 21.75 -15.46 23.73
C GLY A 155 22.19 -14.37 22.79
N ARG A 156 23.50 -14.08 22.79
CA ARG A 156 24.04 -12.98 21.99
C ARG A 156 23.63 -13.03 20.52
N SER A 157 23.33 -11.86 19.97
CA SER A 157 23.00 -11.73 18.56
C SER A 157 24.19 -12.00 17.64
N TYR A 158 23.91 -12.56 16.47
CA TYR A 158 24.88 -12.69 15.39
C TYR A 158 25.67 -11.40 15.14
N ILE A 159 26.97 -11.55 14.93
CA ILE A 159 27.86 -10.42 14.66
C ILE A 159 28.54 -10.59 13.31
N PRO A 160 28.28 -9.67 12.37
CA PRO A 160 28.82 -9.83 11.02
C PRO A 160 30.26 -9.33 10.91
N PRO A 161 30.99 -9.70 9.84
CA PRO A 161 32.29 -9.06 9.62
C PRO A 161 32.08 -7.58 9.33
N LYS A 162 33.13 -6.78 9.49
CA LYS A 162 33.02 -5.36 9.29
C LYS A 162 32.71 -5.01 7.83
N PHE A 163 33.19 -5.80 6.87
CA PHE A 163 33.01 -5.39 5.48
C PHE A 163 31.53 -5.35 5.15
N ALA A 164 30.74 -6.02 5.98
CA ALA A 164 29.29 -6.14 5.76
C ALA A 164 28.57 -4.85 6.13
N PHE A 165 29.26 -3.91 6.75
CA PHE A 165 28.65 -2.62 7.05
C PHE A 165 28.86 -1.65 5.90
N GLY A 166 29.45 -2.12 4.83
CA GLY A 166 29.60 -1.29 3.64
C GLY A 166 28.29 -1.31 2.87
N PHE A 167 28.34 -0.85 1.61
CA PHE A 167 27.18 -0.89 0.71
C PHE A 167 27.22 -2.10 -0.22
N GLY A 168 26.05 -2.63 -0.56
CA GLY A 168 25.99 -3.81 -1.40
C GLY A 168 24.96 -3.66 -2.51
N GLN A 169 25.21 -4.32 -3.63
CA GLN A 169 24.37 -4.19 -4.81
C GLN A 169 24.09 -5.58 -5.36
N SER A 170 22.83 -5.86 -5.63
CA SER A 170 22.42 -7.15 -6.19
C SER A 170 21.25 -7.02 -7.17
N ARG A 171 21.11 -8.01 -8.03
CA ARG A 171 19.95 -8.13 -8.90
C ARG A 171 19.70 -9.56 -9.33
N TRP A 172 18.45 -9.97 -9.17
CA TRP A 172 17.99 -11.21 -9.75
C TRP A 172 18.15 -11.04 -11.25
N GLY A 173 19.17 -11.68 -11.82
CA GLY A 173 19.47 -11.52 -13.23
C GLY A 173 20.97 -11.45 -13.54
N TYR A 174 21.79 -11.04 -12.58
CA TYR A 174 23.24 -11.05 -12.84
C TYR A 174 23.64 -12.50 -13.03
N THR A 175 24.22 -12.84 -14.17
CA THR A 175 24.50 -14.26 -14.43
C THR A 175 25.87 -14.54 -15.02
N THR A 176 26.46 -13.57 -15.72
CA THR A 176 27.77 -13.77 -16.33
C THR A 176 28.86 -12.91 -15.70
N LYS A 177 30.12 -13.26 -15.97
CA LYS A 177 31.25 -12.43 -15.58
C LYS A 177 31.02 -11.01 -16.08
N GLU A 178 30.53 -10.91 -17.32
CA GLU A 178 30.30 -9.61 -17.93
C GLU A 178 29.33 -8.80 -17.07
N ASP A 179 28.23 -9.42 -16.64
CA ASP A 179 27.24 -8.74 -15.80
C ASP A 179 27.86 -8.21 -14.49
N PHE A 180 28.67 -9.04 -13.83
CA PHE A 180 29.31 -8.58 -12.60
C PHE A 180 30.39 -7.54 -12.85
N ARG A 181 31.16 -7.72 -13.91
CA ARG A 181 32.22 -6.73 -14.23
C ARG A 181 31.61 -5.36 -14.51
N ALA A 182 30.44 -5.34 -15.12
CA ALA A 182 29.75 -4.09 -15.43
C ALA A 182 29.22 -3.42 -14.17
N VAL A 183 28.80 -4.22 -13.18
CA VAL A 183 28.38 -3.64 -11.90
C VAL A 183 29.60 -3.03 -11.18
N ALA A 184 30.72 -3.75 -11.20
CA ALA A 184 31.96 -3.26 -10.61
C ALA A 184 32.41 -1.93 -11.23
N LYS A 185 32.61 -1.96 -12.55
CA LYS A 185 32.95 -0.78 -13.34
C LYS A 185 32.01 0.40 -13.02
N GLY A 186 30.71 0.13 -13.07
CA GLY A 186 29.70 1.15 -12.84
C GLY A 186 29.79 1.89 -11.52
N TYR A 187 30.15 1.20 -10.45
CA TYR A 187 30.30 1.85 -9.15
C TYR A 187 31.68 2.48 -8.97
N ARG A 188 32.71 1.69 -9.27
CA ARG A 188 34.09 2.10 -9.05
C ARG A 188 34.47 3.31 -9.93
N GLU A 189 34.12 3.24 -11.21
CA GLU A 189 34.49 4.32 -12.14
C GLU A 189 33.82 5.63 -11.77
N ASN A 190 32.69 5.52 -11.09
CA ASN A 190 31.96 6.70 -10.66
C ASN A 190 32.28 7.07 -9.22
N HIS A 191 33.24 6.36 -8.65
CA HIS A 191 33.68 6.64 -7.29
C HIS A 191 32.52 6.58 -6.31
N ILE A 192 31.58 5.67 -6.57
CA ILE A 192 30.54 5.36 -5.60
C ILE A 192 31.04 4.24 -4.68
N PRO A 193 31.03 4.46 -3.36
CA PRO A 193 31.52 3.41 -2.46
C PRO A 193 30.66 2.13 -2.53
N ILE A 194 31.31 0.98 -2.34
CA ILE A 194 30.65 -0.31 -2.39
C ILE A 194 31.63 -1.41 -1.91
N ASP A 195 31.10 -2.43 -1.23
CA ASP A 195 31.94 -3.51 -0.69
C ASP A 195 31.50 -4.89 -1.15
N MET A 196 30.27 -5.00 -1.62
CA MET A 196 29.67 -6.29 -1.87
C MET A 196 28.85 -6.28 -3.15
N ILE A 197 28.88 -7.38 -3.87
CA ILE A 197 27.95 -7.62 -4.98
C ILE A 197 27.30 -8.99 -4.75
N TYR A 198 25.96 -9.02 -4.67
CA TYR A 198 25.25 -10.28 -4.41
C TYR A 198 25.10 -11.08 -5.68
N MET A 199 25.21 -12.40 -5.53
CA MET A 199 24.96 -13.32 -6.63
C MET A 199 23.68 -14.07 -6.38
N ASP A 200 22.72 -13.87 -7.27
CA ASP A 200 21.43 -14.51 -7.18
C ASP A 200 21.45 -15.82 -7.95
N ILE A 201 20.30 -16.49 -7.97
CA ILE A 201 20.24 -17.92 -8.28
C ILE A 201 20.83 -18.30 -9.65
N ASP A 202 21.02 -17.34 -10.53
CA ASP A 202 21.56 -17.65 -11.85
C ASP A 202 23.03 -18.07 -11.87
N TYR A 203 23.76 -17.85 -10.76
CA TYR A 203 25.18 -18.21 -10.73
C TYR A 203 25.40 -19.71 -10.62
N MET A 204 24.37 -20.46 -10.25
CA MET A 204 24.50 -21.91 -10.07
C MET A 204 24.37 -22.64 -11.39
N GLN A 205 24.71 -23.92 -11.39
CA GLN A 205 24.44 -24.80 -12.52
C GLN A 205 23.01 -25.25 -12.35
N ASP A 206 22.12 -24.73 -13.20
CA ASP A 206 20.72 -25.12 -13.19
C ASP A 206 20.10 -25.07 -11.80
N PHE A 207 20.36 -23.99 -11.07
CA PHE A 207 19.77 -23.77 -9.74
C PHE A 207 20.10 -24.88 -8.73
N LYS A 208 21.20 -25.59 -8.96
CA LYS A 208 21.66 -26.61 -8.01
C LYS A 208 22.51 -25.99 -6.90
N ASP A 209 22.05 -26.14 -5.65
CA ASP A 209 22.79 -25.70 -4.48
C ASP A 209 24.22 -26.22 -4.50
N PHE A 210 25.16 -25.39 -4.04
CA PHE A 210 26.57 -25.72 -3.95
C PHE A 210 27.20 -26.13 -5.28
N THR A 211 26.75 -25.48 -6.36
CA THR A 211 27.43 -25.58 -7.65
C THR A 211 27.62 -24.18 -8.23
N VAL A 212 28.46 -24.08 -9.26
CA VAL A 212 28.58 -22.84 -10.01
C VAL A 212 28.45 -23.14 -11.49
N ASN A 213 27.81 -22.25 -12.23
CA ASN A 213 27.61 -22.45 -13.65
C ASN A 213 28.95 -22.66 -14.32
N GLU A 214 29.10 -23.82 -14.94
CA GLU A 214 30.38 -24.23 -15.51
C GLU A 214 30.74 -23.44 -16.76
N LYS A 215 29.73 -23.10 -17.55
CA LYS A 215 29.96 -22.34 -18.78
C LYS A 215 30.37 -20.91 -18.45
N ASN A 216 29.69 -20.29 -17.49
CA ASN A 216 29.92 -18.88 -17.17
C ASN A 216 31.08 -18.65 -16.21
N PHE A 217 31.32 -19.60 -15.30
CA PHE A 217 32.41 -19.45 -14.34
C PHE A 217 33.32 -20.67 -14.32
N PRO A 218 34.07 -20.87 -15.41
CA PRO A 218 35.01 -21.99 -15.52
C PRO A 218 36.25 -21.85 -14.60
N ASP A 219 36.46 -20.66 -14.05
CA ASP A 219 37.62 -20.37 -13.21
C ASP A 219 37.20 -19.54 -12.01
N PHE A 220 36.18 -20.01 -11.30
CA PHE A 220 35.50 -19.21 -10.27
C PHE A 220 36.41 -18.66 -9.16
N PRO A 221 37.32 -19.51 -8.63
CA PRO A 221 38.21 -18.97 -7.60
C PRO A 221 38.97 -17.75 -8.11
N GLU A 222 39.29 -17.74 -9.40
CA GLU A 222 40.06 -16.65 -10.01
C GLU A 222 39.21 -15.40 -10.17
N PHE A 223 37.93 -15.60 -10.46
CA PHE A 223 37.03 -14.47 -10.64
C PHE A 223 36.71 -13.85 -9.29
N VAL A 224 36.56 -14.70 -8.26
CA VAL A 224 36.33 -14.22 -6.90
C VAL A 224 37.49 -13.32 -6.43
N LYS A 225 38.72 -13.73 -6.75
CA LYS A 225 39.89 -12.92 -6.40
C LYS A 225 39.93 -11.66 -7.25
N GLU A 226 39.53 -11.77 -8.51
CA GLU A 226 39.42 -10.60 -9.39
C GLU A 226 38.58 -9.51 -8.74
N MET A 227 37.42 -9.91 -8.21
CA MET A 227 36.54 -8.98 -7.51
C MET A 227 37.12 -8.54 -6.15
N LYS A 228 37.65 -9.49 -5.36
CA LYS A 228 38.15 -9.17 -4.02
C LYS A 228 39.34 -8.21 -4.06
N ASP A 229 40.14 -8.28 -5.11
CA ASP A 229 41.23 -7.33 -5.31
C ASP A 229 40.74 -5.89 -5.41
N GLN A 230 39.46 -5.72 -5.73
CA GLN A 230 38.84 -4.39 -5.84
C GLN A 230 38.00 -4.06 -4.61
N GLU A 231 38.19 -4.84 -3.55
CA GLU A 231 37.35 -4.77 -2.35
C GLU A 231 35.90 -4.98 -2.70
N LEU A 232 35.66 -5.92 -3.61
CA LEU A 232 34.31 -6.36 -3.93
C LEU A 232 34.17 -7.84 -3.59
N ARG A 233 33.38 -8.12 -2.55
CA ARG A 233 33.14 -9.48 -2.11
C ARG A 233 31.79 -10.02 -2.62
N LEU A 234 31.87 -11.07 -3.44
CA LEU A 234 30.70 -11.76 -3.98
C LEU A 234 29.96 -12.52 -2.88
N ILE A 235 28.67 -12.28 -2.76
CA ILE A 235 27.86 -12.89 -1.72
C ILE A 235 26.75 -13.76 -2.35
N PRO A 236 27.01 -15.06 -2.51
CA PRO A 236 26.14 -16.00 -3.23
C PRO A 236 24.95 -16.53 -2.42
N ILE A 237 23.84 -16.75 -3.13
CA ILE A 237 22.63 -17.24 -2.50
C ILE A 237 22.63 -18.77 -2.44
N ILE A 238 22.03 -19.30 -1.38
CA ILE A 238 21.75 -20.73 -1.27
C ILE A 238 20.26 -20.89 -0.93
N ASP A 239 19.58 -21.79 -1.64
CA ASP A 239 18.16 -22.01 -1.42
C ASP A 239 17.89 -23.34 -0.69
N ALA A 240 16.68 -23.48 -0.16
CA ALA A 240 16.33 -24.63 0.68
C ALA A 240 16.16 -25.89 -0.14
N GLY A 241 15.70 -25.74 -1.38
CA GLY A 241 15.37 -26.89 -2.20
C GLY A 241 16.58 -27.44 -2.94
N VAL A 242 16.85 -28.73 -2.74
CA VAL A 242 17.90 -29.42 -3.47
C VAL A 242 17.34 -30.13 -4.69
N LYS A 243 17.83 -29.77 -5.87
CA LYS A 243 17.29 -30.29 -7.13
C LYS A 243 17.29 -31.81 -7.21
N VAL A 244 16.18 -32.38 -7.65
CA VAL A 244 16.17 -33.82 -7.92
C VAL A 244 16.86 -34.04 -9.26
N GLU A 245 17.99 -34.72 -9.24
CA GLU A 245 18.78 -34.93 -10.46
C GLU A 245 19.81 -36.03 -10.28
N LYS A 246 19.77 -37.01 -11.18
CA LYS A 246 20.66 -38.17 -11.10
C LYS A 246 22.11 -37.74 -11.33
N GLY A 247 23.00 -38.13 -10.42
CA GLY A 247 24.40 -37.78 -10.56
C GLY A 247 24.80 -36.55 -9.77
N TYR A 248 23.83 -35.69 -9.49
CA TYR A 248 24.09 -34.51 -8.66
C TYR A 248 24.37 -34.97 -7.24
N GLU A 249 25.58 -34.70 -6.78
CA GLU A 249 26.08 -35.30 -5.54
C GLU A 249 25.29 -34.90 -4.29
N VAL A 250 24.78 -33.67 -4.24
CA VAL A 250 24.04 -33.26 -3.05
C VAL A 250 22.75 -34.05 -3.00
N TYR A 251 22.14 -34.24 -4.16
CA TYR A 251 20.91 -35.02 -4.23
C TYR A 251 21.15 -36.49 -3.87
N GLU A 252 22.12 -37.13 -4.51
CA GLU A 252 22.38 -38.55 -4.27
C GLU A 252 22.61 -38.79 -2.77
N GLU A 253 23.46 -37.97 -2.16
CA GLU A 253 23.80 -38.14 -0.75
C GLU A 253 22.60 -38.00 0.18
N GLY A 254 21.72 -37.04 -0.14
CA GLY A 254 20.55 -36.83 0.69
C GLY A 254 19.56 -37.98 0.61
N VAL A 255 19.46 -38.58 -0.57
CA VAL A 255 18.57 -39.72 -0.75
C VAL A 255 19.18 -40.92 -0.01
N LYS A 256 20.42 -41.25 -0.36
CA LYS A 256 21.11 -42.42 0.16
C LYS A 256 21.14 -42.47 1.69
N ASN A 257 21.33 -41.30 2.32
CA ASN A 257 21.47 -41.22 3.76
C ASN A 257 20.22 -40.79 4.49
N ASN A 258 19.10 -40.69 3.76
CA ASN A 258 17.84 -40.25 4.36
C ASN A 258 17.98 -38.92 5.08
N TYR A 259 18.57 -37.93 4.40
CA TYR A 259 18.71 -36.57 4.94
C TYR A 259 17.60 -35.60 4.48
N PHE A 260 16.70 -36.06 3.61
CA PHE A 260 15.58 -35.25 3.11
C PHE A 260 14.28 -35.45 3.88
N CYS A 261 13.39 -34.46 3.84
CA CYS A 261 12.09 -34.61 4.48
C CYS A 261 11.29 -35.64 3.71
N LYS A 262 10.51 -36.45 4.42
CA LYS A 262 9.83 -37.58 3.80
C LYS A 262 8.32 -37.51 4.00
N ARG A 263 7.60 -38.22 3.13
CA ARG A 263 6.16 -38.37 3.27
C ARG A 263 5.95 -39.42 4.36
N GLU A 264 4.72 -39.57 4.84
CA GLU A 264 4.48 -40.57 5.87
C GLU A 264 4.98 -41.95 5.46
N ASP A 265 4.85 -42.29 4.17
CA ASP A 265 5.26 -43.60 3.69
C ASP A 265 6.78 -43.76 3.53
N GLY A 266 7.55 -42.77 3.97
CA GLY A 266 9.00 -42.83 3.85
C GLY A 266 9.60 -42.41 2.51
N SER A 267 8.77 -42.03 1.54
CA SER A 267 9.31 -41.50 0.29
C SER A 267 9.82 -40.06 0.49
N ASP A 268 10.82 -39.70 -0.30
CA ASP A 268 11.37 -38.35 -0.25
C ASP A 268 10.35 -37.35 -0.84
N PHE A 269 9.91 -36.41 -0.02
CA PHE A 269 8.87 -35.45 -0.44
C PHE A 269 9.37 -34.52 -1.54
N VAL A 270 8.55 -34.32 -2.57
CA VAL A 270 8.94 -33.52 -3.72
C VAL A 270 8.25 -32.15 -3.73
N ALA A 271 9.06 -31.09 -3.79
CA ALA A 271 8.53 -29.76 -3.92
C ALA A 271 9.19 -29.08 -5.10
N ALA A 272 8.39 -28.43 -5.95
CA ALA A 272 8.92 -27.65 -7.06
C ALA A 272 9.34 -26.28 -6.57
N VAL A 273 10.57 -25.88 -6.91
CA VAL A 273 11.03 -24.51 -6.72
C VAL A 273 11.80 -24.12 -7.98
N TRP A 274 12.80 -23.25 -7.87
CA TRP A 274 13.50 -22.80 -9.09
C TRP A 274 14.04 -23.95 -9.95
N PRO A 275 14.62 -24.98 -9.32
CA PRO A 275 15.25 -26.07 -10.09
C PRO A 275 14.25 -27.05 -10.69
N GLY A 276 12.96 -26.78 -10.56
CA GLY A 276 11.96 -27.79 -10.83
C GLY A 276 11.73 -28.61 -9.57
N ASP A 277 11.62 -29.92 -9.69
CA ASP A 277 11.47 -30.78 -8.52
C ASP A 277 12.70 -30.73 -7.61
N THR A 278 12.47 -30.60 -6.31
CA THR A 278 13.55 -30.66 -5.32
C THR A 278 13.10 -31.47 -4.11
N HIS A 279 14.05 -31.79 -3.24
CA HIS A 279 13.75 -32.28 -1.91
C HIS A 279 14.26 -31.24 -0.92
N PHE A 280 13.63 -31.16 0.25
CA PHE A 280 14.13 -30.31 1.32
C PHE A 280 15.03 -31.09 2.28
N PRO A 281 16.23 -30.56 2.58
CA PRO A 281 16.99 -31.19 3.67
C PRO A 281 16.18 -31.18 4.96
N ASP A 282 16.33 -32.19 5.80
CA ASP A 282 15.60 -32.26 7.05
C ASP A 282 16.29 -31.40 8.09
N MET A 283 15.96 -30.11 8.11
CA MET A 283 16.67 -29.13 8.95
C MET A 283 16.56 -29.40 10.45
N LEU A 284 15.60 -30.19 10.87
CA LEU A 284 15.41 -30.45 12.30
C LEU A 284 16.18 -31.69 12.74
N ASN A 285 16.78 -32.38 11.79
CA ASN A 285 17.61 -33.54 12.10
C ASN A 285 19.08 -33.14 12.14
N PRO A 286 19.72 -33.29 13.31
CA PRO A 286 21.10 -32.82 13.53
C PRO A 286 22.10 -33.37 12.50
N GLU A 287 22.04 -34.66 12.18
CA GLU A 287 22.96 -35.19 11.18
C GLU A 287 22.72 -34.56 9.80
N ALA A 288 21.45 -34.39 9.43
CA ALA A 288 21.10 -33.70 8.20
C ALA A 288 21.60 -32.26 8.18
N ARG A 289 21.36 -31.52 9.27
CA ARG A 289 21.88 -30.15 9.39
C ARG A 289 23.40 -30.10 9.18
N LYS A 290 24.13 -31.01 9.82
CA LYS A 290 25.59 -30.98 9.75
C LYS A 290 26.05 -31.24 8.32
N TRP A 291 25.42 -32.21 7.68
CA TRP A 291 25.72 -32.57 6.29
C TRP A 291 25.47 -31.41 5.34
N PHE A 292 24.34 -30.74 5.51
CA PHE A 292 23.99 -29.62 4.64
C PHE A 292 24.92 -28.42 4.86
N GLY A 293 25.12 -28.05 6.12
CA GLY A 293 26.03 -26.96 6.45
C GLY A 293 27.44 -27.16 5.93
N ASP A 294 27.99 -28.38 6.08
CA ASP A 294 29.35 -28.63 5.63
C ASP A 294 29.50 -28.33 4.14
N LYS A 295 28.40 -28.37 3.39
CA LYS A 295 28.46 -28.15 1.94
C LYS A 295 28.92 -26.74 1.61
N TYR A 296 28.74 -25.81 2.54
CA TYR A 296 29.22 -24.43 2.33
C TYR A 296 30.73 -24.37 2.10
N ARG A 297 31.44 -25.40 2.56
CA ARG A 297 32.89 -25.49 2.39
CA ARG A 297 32.89 -25.43 2.40
C ARG A 297 33.26 -25.31 0.92
N PHE A 298 32.43 -25.85 0.04
CA PHE A 298 32.66 -25.79 -1.42
C PHE A 298 32.83 -24.36 -1.93
N LEU A 299 32.10 -23.43 -1.33
CA LEU A 299 32.19 -22.03 -1.72
C LEU A 299 33.23 -21.25 -0.93
N ILE A 300 33.37 -21.55 0.36
CA ILE A 300 34.32 -20.87 1.22
C ILE A 300 35.74 -21.18 0.76
N ASP A 301 35.96 -22.41 0.31
CA ASP A 301 37.23 -22.85 -0.27
C ASP A 301 37.58 -22.09 -1.54
N GLN A 302 36.61 -21.38 -2.11
CA GLN A 302 36.89 -20.64 -3.34
C GLN A 302 37.01 -19.15 -3.06
N GLY A 303 37.06 -18.81 -1.77
CA GLY A 303 37.33 -17.44 -1.33
C GLY A 303 36.08 -16.63 -1.02
N ILE A 304 34.94 -17.30 -0.91
CA ILE A 304 33.69 -16.62 -0.61
C ILE A 304 33.60 -16.38 0.89
N GLU A 305 33.21 -15.16 1.30
CA GLU A 305 33.20 -14.81 2.73
C GLU A 305 31.83 -14.47 3.30
N GLY A 306 30.78 -14.75 2.56
CA GLY A 306 29.44 -14.49 3.04
C GLY A 306 28.38 -15.12 2.16
N PHE A 307 27.20 -15.34 2.72
CA PHE A 307 26.10 -16.00 2.03
C PHE A 307 24.75 -15.39 2.40
N TRP A 308 23.75 -15.68 1.56
CA TRP A 308 22.36 -15.41 1.93
C TRP A 308 21.47 -16.59 1.55
N ASN A 309 20.46 -16.86 2.38
CA ASN A 309 19.53 -17.95 2.16
C ASN A 309 18.15 -17.41 1.85
N ALA A 310 17.54 -17.91 0.78
CA ALA A 310 16.15 -17.58 0.45
C ALA A 310 15.25 -18.83 0.40
N MET A 311 13.96 -18.62 0.19
CA MET A 311 12.99 -19.70 0.03
C MET A 311 12.94 -20.66 1.22
N ASN A 312 13.36 -20.20 2.40
CA ASN A 312 13.52 -21.11 3.55
C ASN A 312 12.30 -21.18 4.47
N GLU A 313 11.12 -20.93 3.92
CA GLU A 313 9.90 -21.01 4.71
C GLU A 313 9.49 -22.42 5.16
N PRO A 314 9.68 -23.45 4.29
CA PRO A 314 10.24 -23.40 2.93
C PRO A 314 9.17 -23.03 1.92
N ALA A 315 9.57 -22.37 0.84
CA ALA A 315 8.65 -21.95 -0.20
C ALA A 315 8.35 -23.13 -1.11
N ILE A 316 7.07 -23.29 -1.50
CA ILE A 316 6.65 -24.35 -2.41
C ILE A 316 5.83 -23.79 -3.57
N PHE A 317 6.32 -23.95 -4.80
CA PHE A 317 5.58 -23.49 -5.97
C PHE A 317 4.41 -24.44 -6.20
N TYR A 318 4.64 -25.72 -5.91
CA TYR A 318 3.61 -26.76 -5.90
C TYR A 318 4.26 -28.09 -5.57
N SER A 319 3.47 -29.03 -5.05
CA SER A 319 3.96 -30.37 -4.79
C SER A 319 3.60 -31.26 -5.96
N SER A 320 4.08 -32.51 -5.97
CA SER A 320 3.64 -33.45 -6.98
C SER A 320 2.14 -33.72 -6.86
N GLU A 321 1.64 -33.74 -5.62
CA GLU A 321 0.22 -34.02 -5.38
C GLU A 321 -0.63 -32.85 -5.88
N GLY A 322 -0.17 -31.64 -5.59
CA GLY A 322 -0.88 -30.44 -6.00
C GLY A 322 -0.92 -30.30 -7.50
N LEU A 323 0.19 -30.63 -8.13
CA LEU A 323 0.29 -30.52 -9.58
C LEU A 323 -0.77 -31.40 -10.22
N ALA A 324 -0.79 -32.68 -9.83
CA ALA A 324 -1.75 -33.64 -10.38
C ALA A 324 -3.19 -33.20 -10.13
N GLU A 325 -3.47 -32.70 -8.93
CA GLU A 325 -4.79 -32.14 -8.63
C GLU A 325 -5.15 -30.99 -9.57
N ALA A 326 -4.19 -30.12 -9.84
CA ALA A 326 -4.44 -28.99 -10.75
C ALA A 326 -4.61 -29.44 -12.20
N LYS A 327 -3.77 -30.35 -12.67
CA LYS A 327 -3.90 -30.83 -14.05
C LYS A 327 -5.24 -31.56 -14.25
N GLU A 328 -5.70 -32.20 -13.20
CA GLU A 328 -6.97 -32.90 -13.26
C GLU A 328 -8.10 -31.89 -13.32
N PHE A 329 -8.03 -30.85 -12.50
CA PHE A 329 -9.08 -29.85 -12.48
C PHE A 329 -9.10 -29.11 -13.82
N ALA A 330 -7.91 -28.87 -14.37
CA ALA A 330 -7.76 -28.23 -15.67
C ALA A 330 -8.42 -29.04 -16.80
N GLY A 331 -8.24 -30.36 -16.78
CA GLY A 331 -8.88 -31.23 -17.74
C GLY A 331 -10.39 -31.12 -17.69
N GLU A 332 -10.93 -31.11 -16.47
CA GLU A 332 -12.37 -30.90 -16.29
C GLU A 332 -12.82 -29.59 -16.91
N PHE A 333 -12.19 -28.50 -16.49
CA PHE A 333 -12.48 -27.18 -17.03
C PHE A 333 -12.41 -27.19 -18.55
N ALA A 334 -11.34 -27.77 -19.08
CA ALA A 334 -11.13 -27.82 -20.53
C ALA A 334 -12.36 -28.28 -21.29
N LYS A 335 -13.01 -29.32 -20.80
CA LYS A 335 -14.14 -29.86 -21.54
C LYS A 335 -15.49 -29.67 -20.84
N ASP A 336 -15.57 -28.71 -19.94
CA ASP A 336 -16.85 -28.34 -19.38
C ASP A 336 -17.67 -27.55 -20.41
N THR A 337 -18.54 -28.24 -21.14
CA THR A 337 -19.37 -27.57 -22.13
C THR A 337 -20.55 -26.83 -21.49
N GLU A 338 -21.08 -27.38 -20.40
CA GLU A 338 -22.25 -26.82 -19.72
C GLU A 338 -21.96 -25.53 -18.94
N GLY A 339 -20.69 -25.14 -18.88
CA GLY A 339 -20.32 -23.95 -18.14
C GLY A 339 -20.53 -24.08 -16.64
N LYS A 340 -20.26 -25.27 -16.12
CA LYS A 340 -20.37 -25.53 -14.69
C LYS A 340 -19.06 -25.20 -13.95
N ILE A 341 -17.95 -25.23 -14.67
CA ILE A 341 -16.65 -24.87 -14.11
C ILE A 341 -16.23 -23.49 -14.62
N HIS A 342 -16.31 -22.49 -13.75
CA HIS A 342 -16.04 -21.10 -14.13
C HIS A 342 -14.55 -20.80 -14.05
N PRO A 343 -14.09 -19.87 -14.89
CA PRO A 343 -12.66 -19.56 -15.00
C PRO A 343 -12.05 -19.10 -13.68
N TRP A 344 -12.84 -18.52 -12.79
CA TRP A 344 -12.33 -18.06 -11.50
C TRP A 344 -12.06 -19.23 -10.55
N ALA A 345 -12.77 -20.34 -10.77
CA ALA A 345 -12.50 -21.56 -10.04
C ALA A 345 -11.19 -22.16 -10.54
N MET A 346 -10.96 -22.07 -11.85
CA MET A 346 -9.73 -22.57 -12.44
C MET A 346 -8.58 -21.76 -11.87
N GLN A 347 -8.79 -20.45 -11.76
CA GLN A 347 -7.77 -19.52 -11.29
C GLN A 347 -7.47 -19.70 -9.80
N ALA A 348 -8.51 -19.98 -9.01
CA ALA A 348 -8.34 -20.21 -7.58
C ALA A 348 -7.53 -21.48 -7.32
N LYS A 349 -7.74 -22.50 -8.15
CA LYS A 349 -7.01 -23.75 -8.00
C LYS A 349 -5.52 -23.60 -8.30
N MET A 350 -5.19 -22.87 -9.37
CA MET A 350 -3.81 -22.62 -9.73
C MET A 350 -3.07 -21.88 -8.62
N LYS A 351 -3.76 -20.92 -8.01
CA LYS A 351 -3.20 -20.16 -6.89
C LYS A 351 -3.08 -21.03 -5.65
N ASP A 352 -4.07 -21.87 -5.41
CA ASP A 352 -4.14 -22.70 -4.21
C ASP A 352 -2.98 -23.71 -4.00
N ILE A 353 -2.35 -24.16 -5.09
CA ILE A 353 -1.26 -25.13 -4.99
C ILE A 353 0.08 -24.46 -4.64
N VAL A 354 0.07 -23.15 -4.43
CA VAL A 354 1.30 -22.44 -4.07
C VAL A 354 1.38 -22.24 -2.57
N ASN A 355 2.48 -22.70 -1.96
CA ASN A 355 2.64 -22.57 -0.52
C ASN A 355 1.40 -23.08 0.19
N SER A 356 0.97 -24.27 -0.22
CA SER A 356 -0.28 -24.83 0.23
C SER A 356 -0.20 -25.41 1.64
N PRO A 357 -1.07 -24.94 2.54
CA PRO A 357 -1.15 -25.49 3.90
C PRO A 357 -1.27 -27.01 3.89
N GLU A 358 -1.86 -27.56 2.83
CA GLU A 358 -2.00 -29.02 2.71
C GLU A 358 -0.66 -29.68 2.38
N ASP A 359 0.16 -29.00 1.57
CA ASP A 359 1.53 -29.45 1.34
C ASP A 359 2.34 -29.49 2.63
N TYR A 360 2.18 -28.47 3.47
CA TYR A 360 2.93 -28.42 4.73
C TYR A 360 2.51 -29.54 5.69
N LYS A 361 1.40 -30.21 5.36
CA LYS A 361 0.94 -31.39 6.10
C LYS A 361 1.44 -32.70 5.48
N ARG A 362 2.10 -32.61 4.32
CA ARG A 362 2.46 -33.82 3.58
C ARG A 362 3.87 -34.36 3.85
N PHE A 363 4.69 -33.64 4.61
CA PHE A 363 6.03 -34.15 4.94
C PHE A 363 6.42 -34.01 6.40
N TYR A 364 7.47 -34.73 6.78
CA TYR A 364 7.82 -34.96 8.18
C TYR A 364 9.28 -34.65 8.44
N HIS A 365 9.58 -34.31 9.69
CA HIS A 365 10.95 -34.20 10.12
C HIS A 365 11.26 -35.39 11.01
N ASN A 366 12.46 -35.93 10.86
CA ASN A 366 12.92 -37.04 11.69
C ASN A 366 13.79 -36.50 12.80
N VAL A 367 13.21 -36.31 13.98
CA VAL A 367 13.94 -35.73 15.09
C VAL A 367 14.39 -36.81 16.05
N ASN A 368 15.59 -37.34 15.83
CA ASN A 368 16.10 -38.43 16.64
C ASN A 368 15.17 -39.61 16.62
N GLY A 369 14.87 -40.10 15.41
CA GLY A 369 14.05 -41.28 15.23
C GLY A 369 12.55 -41.04 15.22
N LYS A 370 12.10 -39.99 15.91
CA LYS A 370 10.67 -39.65 16.02
CA LYS A 370 10.67 -39.67 16.00
C LYS A 370 10.23 -38.73 14.89
N LYS A 371 9.22 -39.16 14.13
CA LYS A 371 8.68 -38.38 13.03
C LYS A 371 7.74 -37.31 13.56
N ILE A 372 7.93 -36.07 13.09
CA ILE A 372 7.03 -34.97 13.42
C ILE A 372 6.53 -34.30 12.14
N ARG A 373 5.22 -34.16 12.01
CA ARG A 373 4.65 -33.62 10.79
C ARG A 373 5.02 -32.14 10.65
N HIS A 374 5.45 -31.75 9.46
CA HIS A 374 6.09 -30.44 9.31
C HIS A 374 5.24 -29.26 9.79
N ASP A 375 3.95 -29.28 9.51
CA ASP A 375 3.11 -28.14 9.88
C ASP A 375 3.22 -27.88 11.39
N LYS A 376 3.52 -28.93 12.16
CA LYS A 376 3.59 -28.81 13.60
C LYS A 376 4.83 -28.03 14.08
N VAL A 377 5.84 -27.94 13.23
CA VAL A 377 7.06 -27.19 13.56
C VAL A 377 7.42 -26.31 12.38
N HIS A 378 6.40 -25.78 11.71
CA HIS A 378 6.63 -25.09 10.45
C HIS A 378 7.58 -23.91 10.62
N ASN A 379 7.39 -23.12 11.67
CA ASN A 379 8.16 -21.88 11.82
C ASN A 379 9.64 -22.11 12.17
N LEU A 380 10.06 -23.37 12.29
CA LEU A 380 11.42 -23.65 12.70
C LEU A 380 12.33 -23.96 11.51
N PHE A 381 11.75 -24.11 10.34
CA PHE A 381 12.52 -24.61 9.20
C PHE A 381 13.63 -23.64 8.77
N GLY A 382 13.28 -22.38 8.56
CA GLY A 382 14.23 -21.38 8.14
C GLY A 382 15.26 -21.17 9.23
N TYR A 383 14.80 -21.09 10.46
CA TYR A 383 15.67 -20.94 11.64
C TYR A 383 16.76 -22.03 11.65
N ASN A 384 16.34 -23.27 11.47
CA ASN A 384 17.29 -24.37 11.49
C ASN A 384 18.13 -24.52 10.21
N MET A 385 17.62 -24.05 9.08
CA MET A 385 18.47 -23.95 7.89
C MET A 385 19.64 -22.94 8.09
N THR A 386 19.39 -21.81 8.73
CA THR A 386 20.42 -20.80 8.95
C THR A 386 21.43 -21.34 9.98
N ARG A 387 20.90 -21.95 11.04
CA ARG A 387 21.72 -22.60 12.05
C ARG A 387 22.64 -23.64 11.43
N ALA A 388 22.15 -24.41 10.47
CA ALA A 388 23.00 -25.40 9.79
C ALA A 388 24.24 -24.69 9.28
N ALA A 389 24.02 -23.54 8.64
CA ALA A 389 25.10 -22.78 8.05
C ALA A 389 26.01 -22.18 9.12
N GLY A 390 25.44 -21.51 10.10
CA GLY A 390 26.23 -20.90 11.16
C GLY A 390 27.17 -21.91 11.81
N GLU A 391 26.60 -23.03 12.24
CA GLU A 391 27.36 -24.07 12.93
C GLU A 391 28.44 -24.67 12.04
N ALA A 392 28.21 -24.75 10.74
CA ALA A 392 29.26 -25.19 9.84
C ALA A 392 30.42 -24.17 9.75
N PHE A 393 30.11 -22.86 9.71
CA PHE A 393 31.16 -21.84 9.64
C PHE A 393 32.12 -22.00 10.84
N GLU A 394 31.55 -22.31 11.99
CA GLU A 394 32.36 -22.50 13.21
C GLU A 394 33.22 -23.73 13.15
N ARG A 395 32.78 -24.77 12.45
CA ARG A 395 33.60 -25.97 12.30
C ARG A 395 34.69 -25.72 11.27
N ILE A 396 34.33 -25.01 10.21
CA ILE A 396 35.21 -24.77 9.08
C ILE A 396 36.32 -23.78 9.43
N ASP A 397 35.95 -22.63 9.98
CA ASP A 397 36.93 -21.63 10.43
C ASP A 397 36.47 -20.90 11.69
N PRO A 398 36.83 -21.44 12.86
CA PRO A 398 36.31 -20.90 14.12
C PRO A 398 36.73 -19.46 14.38
N GLU A 399 37.81 -18.98 13.77
CA GLU A 399 38.30 -17.63 14.09
C GLU A 399 37.64 -16.53 13.29
N LYS A 400 36.98 -16.91 12.19
CA LYS A 400 36.55 -15.95 11.18
C LYS A 400 35.06 -15.69 11.25
N ARG A 401 34.68 -14.42 11.06
CA ARG A 401 33.28 -14.03 10.93
C ARG A 401 32.82 -14.15 9.49
N PHE A 402 31.67 -14.76 9.27
CA PHE A 402 31.09 -14.79 7.92
C PHE A 402 29.83 -13.92 7.82
N LEU A 403 29.64 -13.26 6.69
CA LEU A 403 28.37 -12.59 6.44
C LEU A 403 27.34 -13.68 6.17
N MET A 404 26.23 -13.61 6.89
CA MET A 404 25.15 -14.60 6.74
C MET A 404 23.82 -13.98 7.13
N PHE A 405 22.82 -14.08 6.25
CA PHE A 405 21.47 -13.66 6.59
C PHE A 405 20.43 -14.42 5.77
N SER A 406 19.18 -14.41 6.24
CA SER A 406 18.15 -15.27 5.68
C SER A 406 16.82 -14.57 5.56
N ARG A 407 15.88 -15.20 4.87
CA ARG A 407 14.57 -14.57 4.66
C ARG A 407 13.66 -14.92 5.83
N SER A 408 13.35 -16.21 5.97
CA SER A 408 12.48 -16.67 7.05
C SER A 408 13.28 -16.97 8.31
N SER A 409 12.63 -16.81 9.46
CA SER A 409 13.30 -16.91 10.74
C SER A 409 12.36 -17.12 11.92
N TYR A 410 12.96 -17.50 13.04
CA TYR A 410 12.28 -17.69 14.32
C TYR A 410 13.24 -17.21 15.40
N ILE A 411 12.72 -16.82 16.55
CA ILE A 411 13.60 -16.37 17.64
C ILE A 411 14.52 -17.49 18.10
N GLY A 412 15.82 -17.21 18.04
CA GLY A 412 16.82 -18.24 18.21
C GLY A 412 17.76 -18.22 17.02
N MET A 413 17.21 -17.93 15.84
CA MET A 413 18.02 -17.87 14.63
C MET A 413 18.89 -16.63 14.65
N HIS A 414 18.52 -15.68 15.50
CA HIS A 414 19.22 -14.41 15.58
C HIS A 414 20.67 -14.64 16.02
N ARG A 415 20.94 -15.82 16.58
CA ARG A 415 22.28 -16.16 17.01
C ARG A 415 23.21 -16.49 15.84
N TYR A 416 22.64 -16.93 14.71
CA TYR A 416 23.43 -17.51 13.61
C TYR A 416 23.50 -16.67 12.33
N GLY A 417 22.64 -15.66 12.22
CA GLY A 417 22.60 -14.83 11.03
C GLY A 417 21.65 -13.67 11.16
N GLY A 418 21.71 -12.76 10.19
CA GLY A 418 20.76 -11.65 10.16
C GLY A 418 19.50 -12.04 9.38
N ILE A 419 18.69 -11.03 9.05
CA ILE A 419 17.50 -11.18 8.22
C ILE A 419 17.48 -9.99 7.28
N TRP A 420 16.96 -10.18 6.07
CA TRP A 420 16.55 -9.01 5.29
C TRP A 420 15.04 -9.11 5.19
N MET A 421 14.39 -7.98 4.92
CA MET A 421 12.94 -7.92 5.05
C MET A 421 12.16 -8.45 3.85
N GLY A 422 12.85 -9.25 3.03
CA GLY A 422 12.20 -10.00 1.97
C GLY A 422 11.84 -9.18 0.74
N ASP A 423 10.81 -9.63 0.04
CA ASP A 423 10.46 -9.07 -1.25
C ASP A 423 9.50 -7.90 -1.05
N ASN A 424 10.05 -6.75 -0.70
CA ASN A 424 9.23 -5.54 -0.66
C ASN A 424 8.97 -5.02 -2.08
N LYS A 425 8.45 -3.79 -2.19
CA LYS A 425 8.06 -3.24 -3.49
C LYS A 425 8.62 -1.83 -3.61
N SER A 426 8.75 -1.34 -4.84
CA SER A 426 9.17 0.05 -5.03
C SER A 426 7.98 0.96 -4.76
N TRP A 427 7.59 1.00 -3.48
CA TRP A 427 6.50 1.84 -3.01
C TRP A 427 7.05 2.75 -1.92
N TRP A 428 6.53 3.97 -1.84
CA TRP A 428 6.94 4.92 -0.81
C TRP A 428 6.56 4.45 0.58
N SER A 429 5.39 3.80 0.69
CA SER A 429 4.94 3.21 1.95
C SER A 429 5.91 2.14 2.49
N HIS A 430 6.72 1.57 1.61
CA HIS A 430 7.68 0.56 2.07
C HIS A 430 8.96 1.13 2.72
N ILE A 431 9.22 2.42 2.52
CA ILE A 431 10.30 3.06 3.26
C ILE A 431 9.89 3.08 4.73
N LEU A 432 8.64 3.45 5.00
CA LEU A 432 8.17 3.51 6.37
C LEU A 432 8.00 2.13 6.94
N LEU A 433 7.67 1.15 6.09
CA LEU A 433 7.55 -0.23 6.54
C LEU A 433 8.91 -0.76 6.98
N ASN A 434 9.91 -0.60 6.11
CA ASN A 434 11.30 -0.89 6.48
C ASN A 434 11.64 -0.23 7.81
N LEU A 435 11.30 1.06 7.95
CA LEU A 435 11.65 1.80 9.16
C LEU A 435 11.05 1.17 10.41
N LYS A 436 9.74 0.94 10.38
CA LYS A 436 9.00 0.53 11.57
C LYS A 436 9.36 -0.88 12.03
N MET A 437 9.78 -1.73 11.11
CA MET A 437 10.22 -3.08 11.47
C MET A 437 11.52 -3.10 12.28
N LEU A 438 12.35 -2.08 12.15
CA LEU A 438 13.68 -2.08 12.81
C LEU A 438 13.66 -2.30 14.34
N PRO A 439 12.99 -1.40 15.08
CA PRO A 439 13.11 -1.57 16.53
C PRO A 439 12.52 -2.90 16.98
N SER A 440 11.46 -3.32 16.32
CA SER A 440 10.82 -4.59 16.67
C SER A 440 11.76 -5.79 16.44
N LEU A 441 12.47 -5.79 15.32
CA LEU A 441 13.46 -6.83 15.06
C LEU A 441 14.58 -6.82 16.12
N ASN A 442 14.94 -5.62 16.59
CA ASN A 442 15.98 -5.48 17.61
C ASN A 442 15.57 -6.10 18.95
N MET A 443 14.29 -5.95 19.29
CA MET A 443 13.75 -6.52 20.53
C MET A 443 13.86 -8.04 20.52
N CYS A 444 13.81 -8.64 19.32
CA CYS A 444 13.81 -10.09 19.20
C CYS A 444 15.20 -10.60 18.83
N GLY A 445 16.22 -9.77 19.02
CA GLY A 445 17.59 -10.19 18.83
C GLY A 445 18.14 -10.08 17.43
N PHE A 446 17.32 -9.66 16.47
CA PHE A 446 17.79 -9.54 15.09
C PHE A 446 18.25 -8.10 14.80
N MET A 447 19.55 -7.86 14.87
CA MET A 447 20.07 -6.52 14.74
C MET A 447 20.67 -6.30 13.37
N TYR A 448 21.27 -7.33 12.78
CA TYR A 448 21.80 -7.16 11.43
C TYR A 448 20.69 -7.36 10.43
N THR A 449 20.13 -6.25 9.96
CA THR A 449 18.91 -6.32 9.19
C THR A 449 18.73 -5.06 8.35
N GLY A 450 17.93 -5.18 7.29
CA GLY A 450 17.62 -4.08 6.37
C GLY A 450 16.63 -4.55 5.29
N ALA A 451 16.20 -3.64 4.42
CA ALA A 451 15.23 -3.92 3.35
C ALA A 451 15.90 -3.81 1.98
N ASP A 452 15.24 -4.29 0.93
CA ASP A 452 15.76 -4.08 -0.42
C ASP A 452 15.60 -2.61 -0.81
N LEU A 453 16.72 -1.88 -0.86
CA LEU A 453 16.70 -0.44 -1.11
C LEU A 453 16.31 -0.15 -2.57
N GLY A 454 15.34 0.73 -2.73
CA GLY A 454 14.74 0.99 -4.03
C GLY A 454 13.47 0.19 -4.22
N GLY A 455 13.31 -0.86 -3.42
CA GLY A 455 12.19 -1.75 -3.54
C GLY A 455 12.53 -2.92 -4.44
N PHE A 456 12.29 -4.13 -3.97
CA PHE A 456 12.57 -5.34 -4.74
C PHE A 456 11.66 -5.42 -5.96
N GLY A 457 10.35 -5.50 -5.70
CA GLY A 457 9.38 -5.65 -6.77
C GLY A 457 9.00 -4.32 -7.43
N ASP A 458 8.44 -4.41 -8.63
CA ASP A 458 7.94 -3.25 -9.38
C ASP A 458 9.05 -2.29 -9.84
N ASP A 459 8.65 -1.19 -10.48
CA ASP A 459 9.60 -0.22 -11.02
C ASP A 459 9.82 0.98 -10.09
N THR A 460 11.08 1.20 -9.71
CA THR A 460 11.45 2.32 -8.85
C THR A 460 11.61 3.61 -9.67
N THR A 461 11.77 4.74 -8.99
CA THR A 461 12.16 5.99 -9.65
C THR A 461 13.41 6.53 -8.96
N ARG A 462 14.12 7.42 -9.65
CA ARG A 462 15.34 8.02 -9.12
C ARG A 462 15.15 8.54 -7.70
N ASP A 463 14.13 9.36 -7.48
CA ASP A 463 13.89 9.92 -6.15
C ASP A 463 13.51 8.88 -5.11
N LEU A 464 12.66 7.91 -5.47
CA LEU A 464 12.35 6.83 -4.52
C LEU A 464 13.62 6.10 -4.09
N LEU A 465 14.52 5.86 -5.04
CA LEU A 465 15.71 5.09 -4.74
C LEU A 465 16.60 5.90 -3.80
N LEU A 466 16.70 7.20 -4.07
CA LEU A 466 17.50 8.09 -3.23
C LEU A 466 16.98 8.14 -1.78
N ARG A 467 15.66 8.24 -1.59
CA ARG A 467 15.13 8.26 -0.22
C ARG A 467 15.27 6.92 0.48
N PHE A 468 15.13 5.83 -0.27
CA PHE A 468 15.39 4.50 0.29
C PHE A 468 16.82 4.44 0.80
N LEU A 469 17.78 4.85 -0.05
CA LEU A 469 19.19 4.81 0.33
C LEU A 469 19.49 5.63 1.60
N ALA A 470 18.82 6.77 1.76
CA ALA A 470 19.05 7.63 2.93
C ALA A 470 18.59 6.97 4.23
N LEU A 471 17.60 6.07 4.14
CA LEU A 471 17.27 5.27 5.30
C LEU A 471 18.29 4.15 5.44
N GLY A 472 18.68 3.57 4.30
CA GLY A 472 19.65 2.49 4.26
C GLY A 472 20.99 2.85 4.89
N VAL A 473 21.34 4.12 4.81
CA VAL A 473 22.52 4.66 5.47
C VAL A 473 22.64 4.11 6.90
N PHE A 474 21.52 4.03 7.61
CA PHE A 474 21.56 3.68 9.02
C PHE A 474 21.31 2.20 9.37
N THR A 475 20.90 1.40 8.39
CA THR A 475 20.57 0.01 8.68
C THR A 475 21.77 -0.88 8.41
N PRO A 476 22.16 -1.70 9.41
CA PRO A 476 23.37 -2.50 9.26
C PRO A 476 23.44 -3.16 7.88
N LEU A 477 22.37 -3.82 7.44
CA LEU A 477 22.34 -4.33 6.07
C LEU A 477 21.89 -3.19 5.14
N MET A 478 22.79 -2.75 4.25
CA MET A 478 22.44 -1.71 3.29
C MET A 478 22.69 -2.23 1.88
N ARG A 479 21.65 -2.68 1.22
CA ARG A 479 21.85 -3.20 -0.12
C ARG A 479 20.72 -2.86 -1.05
N ASP A 480 21.11 -2.58 -2.28
CA ASP A 480 20.22 -2.30 -3.41
C ASP A 480 20.00 -3.63 -4.11
N HIS A 481 18.77 -4.14 -4.05
CA HIS A 481 18.44 -5.38 -4.74
C HIS A 481 17.09 -5.26 -5.46
N ALA A 482 16.96 -5.93 -6.60
CA ALA A 482 15.80 -5.74 -7.50
C ALA A 482 15.36 -7.06 -8.12
N ALA A 483 14.05 -7.24 -8.29
CA ALA A 483 13.52 -8.43 -8.93
C ALA A 483 13.80 -8.42 -10.44
N GLU A 484 13.73 -9.58 -11.09
CA GLU A 484 13.96 -9.63 -12.53
C GLU A 484 12.81 -8.95 -13.28
N GLY A 485 13.12 -8.30 -14.39
CA GLY A 485 12.11 -7.62 -15.15
C GLY A 485 11.77 -6.23 -14.65
N THR A 486 12.28 -5.85 -13.47
CA THR A 486 12.02 -4.49 -12.96
C THR A 486 12.93 -3.47 -13.66
N ARG A 487 12.62 -2.17 -13.52
CA ARG A 487 13.52 -1.16 -14.07
C ARG A 487 14.87 -1.36 -13.36
N GLU A 488 15.96 -1.22 -14.12
CA GLU A 488 17.30 -1.40 -13.54
C GLU A 488 17.53 -0.32 -12.51
N GLN A 489 17.99 -0.70 -11.33
CA GLN A 489 18.12 0.27 -10.26
C GLN A 489 19.48 0.37 -9.56
N GLU A 490 20.54 -0.09 -10.21
CA GLU A 490 21.90 0.27 -9.78
C GLU A 490 21.99 1.79 -9.77
N CYS A 491 22.91 2.35 -8.99
CA CYS A 491 22.96 3.80 -8.81
C CYS A 491 23.35 4.51 -10.09
N TYR A 492 24.17 3.84 -10.90
CA TYR A 492 24.66 4.43 -12.14
C TYR A 492 23.65 4.41 -13.30
N GLN A 493 22.42 3.97 -13.03
CA GLN A 493 21.37 3.93 -14.05
C GLN A 493 20.61 5.24 -14.18
N PHE A 494 20.91 6.22 -13.32
CA PHE A 494 20.13 7.45 -13.25
C PHE A 494 20.96 8.72 -13.50
N GLU A 495 20.27 9.85 -13.69
CA GLU A 495 20.92 11.14 -13.93
C GLU A 495 21.59 11.65 -12.68
N ASN A 496 22.54 12.56 -12.88
CA ASN A 496 23.20 13.27 -11.78
C ASN A 496 23.60 12.27 -10.73
N ILE A 497 24.42 11.31 -11.16
CA ILE A 497 24.92 10.21 -10.31
C ILE A 497 25.66 10.71 -9.08
N GLU A 498 26.07 11.97 -9.09
CA GLU A 498 26.74 12.54 -7.93
C GLU A 498 25.84 12.52 -6.68
N ASP A 499 24.52 12.60 -6.87
CA ASP A 499 23.61 12.53 -5.72
C ASP A 499 23.62 11.17 -5.01
N PHE A 500 23.85 10.09 -5.77
CA PHE A 500 23.99 8.75 -5.20
C PHE A 500 25.31 8.59 -4.46
N ARG A 501 26.39 9.10 -5.05
CA ARG A 501 27.69 9.11 -4.41
C ARG A 501 27.61 9.86 -3.07
N SER A 502 26.91 10.99 -3.09
CA SER A 502 26.74 11.79 -1.90
C SER A 502 26.03 11.04 -0.77
N VAL A 503 24.94 10.35 -1.10
CA VAL A 503 24.19 9.64 -0.08
C VAL A 503 24.98 8.41 0.45
N ILE A 504 25.60 7.67 -0.44
CA ILE A 504 26.37 6.51 -0.02
C ILE A 504 27.67 6.93 0.71
N ASN A 505 28.23 8.08 0.33
CA ASN A 505 29.39 8.62 1.06
C ASN A 505 29.00 8.82 2.51
N ALA A 506 27.77 9.28 2.73
CA ALA A 506 27.31 9.54 4.08
C ALA A 506 27.41 8.24 4.87
N ARG A 507 27.00 7.14 4.25
CA ARG A 507 27.12 5.83 4.88
C ARG A 507 28.54 5.50 5.31
N TYR A 508 29.48 5.62 4.38
CA TYR A 508 30.85 5.23 4.67
C TYR A 508 31.47 6.14 5.73
N ARG A 509 31.13 7.42 5.67
CA ARG A 509 31.62 8.35 6.68
C ARG A 509 31.11 7.97 8.08
N LEU A 510 29.93 7.37 8.13
CA LEU A 510 29.34 6.92 9.40
C LEU A 510 29.69 5.48 9.78
N VAL A 511 30.38 4.75 8.92
CA VAL A 511 30.62 3.33 9.22
C VAL A 511 31.31 3.13 10.57
N PRO A 512 32.40 3.88 10.84
CA PRO A 512 33.07 3.67 12.13
C PRO A 512 32.09 3.84 13.27
N TYR A 513 31.24 4.86 13.22
CA TYR A 513 30.28 5.08 14.30
C TYR A 513 29.18 4.02 14.36
N LEU A 514 28.65 3.63 13.20
CA LEU A 514 27.56 2.64 13.16
C LEU A 514 28.06 1.25 13.59
N TYR A 515 29.21 0.83 13.06
CA TYR A 515 29.80 -0.43 13.46
C TYR A 515 29.97 -0.43 14.97
N SER A 516 30.55 0.66 15.48
CA SER A 516 30.79 0.80 16.89
C SER A 516 29.53 0.53 17.72
N GLU A 517 28.44 1.23 17.42
CA GLU A 517 27.20 1.05 18.18
C GLU A 517 26.65 -0.37 18.06
N TYR A 518 26.78 -0.96 16.88
CA TYR A 518 26.33 -2.34 16.69
C TYR A 518 27.12 -3.29 17.59
N MET A 519 28.44 -3.20 17.57
CA MET A 519 29.28 -4.07 18.40
C MET A 519 28.97 -3.88 19.87
N LYS A 520 28.97 -2.63 20.33
CA LYS A 520 28.54 -2.33 21.68
C LYS A 520 27.19 -2.96 22.04
N ALA A 521 26.21 -2.80 21.16
CA ALA A 521 24.86 -3.29 21.41
C ALA A 521 24.83 -4.83 21.48
N ALA A 522 25.50 -5.46 20.51
CA ALA A 522 25.51 -6.91 20.42
C ALA A 522 26.19 -7.54 21.63
N LEU A 523 27.33 -6.97 22.02
CA LEU A 523 28.12 -7.54 23.11
C LEU A 523 27.45 -7.36 24.47
N ASN A 524 26.51 -6.42 24.56
CA ASN A 524 25.85 -6.14 25.82
C ASN A 524 24.35 -6.47 25.78
N ASP A 525 23.96 -7.32 24.84
CA ASP A 525 22.56 -7.66 24.65
C ASP A 525 21.67 -6.41 24.69
N ASP A 526 22.05 -5.37 23.94
CA ASP A 526 21.26 -4.15 23.90
C ASP A 526 20.74 -3.87 22.48
N MET A 527 19.88 -2.86 22.35
CA MET A 527 19.29 -2.57 21.04
C MET A 527 20.08 -1.54 20.25
N TYR A 528 20.17 -1.73 18.94
CA TYR A 528 20.85 -0.80 18.06
C TYR A 528 19.86 0.31 17.65
N PHE A 529 18.65 -0.06 17.23
CA PHE A 529 17.55 0.90 17.08
C PHE A 529 16.58 0.80 18.27
N LYS A 530 16.08 1.94 18.75
CA LYS A 530 15.08 1.96 19.83
C LYS A 530 13.88 2.88 19.48
N PRO A 531 12.65 2.47 19.83
CA PRO A 531 11.55 3.43 19.66
C PRO A 531 11.76 4.58 20.64
N LEU A 532 11.31 5.77 20.29
CA LEU A 532 11.55 6.93 21.12
C LEU A 532 11.13 6.70 22.56
N GLY A 533 10.04 5.96 22.73
CA GLY A 533 9.51 5.70 24.06
C GLY A 533 10.50 4.99 24.97
N PHE A 534 11.38 4.19 24.37
CA PHE A 534 12.38 3.47 25.16
C PHE A 534 13.38 4.44 25.81
N VAL A 535 13.65 5.53 25.12
CA VAL A 535 14.59 6.53 25.61
C VAL A 535 13.89 7.65 26.39
N TYR A 536 12.63 7.94 26.08
CA TYR A 536 11.91 9.02 26.76
C TYR A 536 10.58 8.55 27.36
N PRO A 537 10.64 7.63 28.33
CA PRO A 537 9.43 6.98 28.84
C PRO A 537 8.43 7.98 29.40
N ASP A 538 8.92 9.07 29.96
CA ASP A 538 8.06 10.02 30.68
C ASP A 538 7.37 11.03 29.77
N ASP A 539 7.71 10.99 28.48
CA ASP A 539 7.21 11.97 27.51
C ASP A 539 6.05 11.38 26.70
N LYS A 540 4.83 11.72 27.10
CA LYS A 540 3.64 11.10 26.53
C LYS A 540 3.46 11.35 25.03
N MET A 541 4.12 12.39 24.52
CA MET A 541 4.17 12.62 23.08
C MET A 541 5.22 11.70 22.44
N ALA A 542 6.39 11.63 23.06
CA ALA A 542 7.48 10.82 22.53
C ALA A 542 7.10 9.36 22.35
N ILE A 543 6.39 8.82 23.33
CA ILE A 543 6.12 7.38 23.31
C ILE A 543 5.30 6.98 22.09
N ARG A 544 4.49 7.89 21.55
CA ARG A 544 3.64 7.53 20.40
C ARG A 544 4.24 7.86 19.03
N VAL A 545 5.45 8.42 19.00
CA VAL A 545 6.12 8.67 17.73
C VAL A 545 6.50 7.34 17.06
N GLU A 546 6.23 7.23 15.76
CA GLU A 546 6.46 5.97 15.06
C GLU A 546 7.26 6.08 13.77
N ASP A 547 7.57 7.29 13.34
CA ASP A 547 8.40 7.44 12.14
C ASP A 547 9.74 8.07 12.45
N GLN A 548 10.17 7.96 13.71
CA GLN A 548 11.52 8.29 14.14
C GLN A 548 12.06 7.19 15.06
N LEU A 549 13.36 6.95 15.02
CA LEU A 549 13.99 5.97 15.90
C LEU A 549 15.28 6.53 16.50
N MET A 550 15.56 6.15 17.74
CA MET A 550 16.83 6.44 18.39
C MET A 550 17.80 5.34 17.97
N LEU A 551 19.07 5.70 17.77
CA LEU A 551 20.10 4.73 17.40
C LEU A 551 21.22 4.89 18.42
N GLY A 552 21.69 3.78 19.01
CA GLY A 552 22.66 3.87 20.09
C GLY A 552 22.17 4.80 21.18
N ASN A 553 23.08 5.58 21.76
CA ASN A 553 22.72 6.53 22.81
C ASN A 553 23.06 7.96 22.40
N GLU A 554 23.33 8.15 21.11
CA GLU A 554 23.81 9.45 20.66
C GLU A 554 22.86 10.19 19.71
N ILE A 555 22.17 9.47 18.84
CA ILE A 555 21.44 10.11 17.74
C ILE A 555 20.00 9.60 17.52
N MET A 556 19.27 10.35 16.71
CA MET A 556 17.92 9.97 16.29
C MET A 556 17.84 10.11 14.77
N ILE A 557 17.09 9.23 14.12
CA ILE A 557 16.93 9.34 12.68
C ILE A 557 15.47 9.65 12.35
N ALA A 558 15.26 10.28 11.20
CA ALA A 558 13.91 10.62 10.78
C ALA A 558 13.87 10.79 9.27
N PRO A 559 13.80 9.67 8.55
CA PRO A 559 13.95 9.69 7.09
C PRO A 559 12.74 10.32 6.43
N VAL A 560 12.94 10.89 5.26
CA VAL A 560 11.81 11.36 4.46
C VAL A 560 11.23 10.18 3.68
N TYR A 561 9.93 9.95 3.82
CA TYR A 561 9.28 8.83 3.13
C TYR A 561 8.08 9.21 2.24
N GLU A 562 7.82 10.51 2.07
CA GLU A 562 6.76 10.98 1.19
C GLU A 562 7.35 11.48 -0.13
N GLN A 563 6.77 11.05 -1.24
CA GLN A 563 7.25 11.48 -2.55
C GLN A 563 7.06 12.97 -2.76
N ASN A 564 8.02 13.60 -3.45
CA ASN A 564 8.01 15.03 -3.73
C ASN A 564 8.23 15.91 -2.51
N ALA A 565 8.26 15.33 -1.31
CA ALA A 565 8.48 16.13 -0.11
C ALA A 565 9.87 16.74 -0.08
N ARG A 566 9.98 17.93 0.52
CA ARG A 566 11.26 18.62 0.62
C ARG A 566 11.68 18.76 2.07
N GLY A 567 10.99 18.04 2.94
CA GLY A 567 11.25 18.08 4.37
C GLY A 567 10.20 17.21 5.05
N ARG A 568 10.15 17.25 6.37
CA ARG A 568 9.14 16.48 7.11
C ARG A 568 8.95 17.04 8.49
N TYR A 569 7.87 16.66 9.17
CA TYR A 569 7.70 17.05 10.57
C TYR A 569 8.51 16.09 11.45
N VAL A 570 9.03 16.62 12.56
CA VAL A 570 9.69 15.78 13.57
C VAL A 570 9.31 16.28 14.94
N TYR A 571 9.38 15.39 15.93
CA TYR A 571 9.23 15.80 17.32
C TYR A 571 10.50 15.50 18.09
N LEU A 572 11.02 16.51 18.79
CA LEU A 572 12.27 16.38 19.55
C LEU A 572 11.98 16.38 21.06
N PRO A 573 12.21 15.23 21.71
CA PRO A 573 11.91 15.07 23.14
C PRO A 573 12.92 15.82 24.00
N GLU A 574 14.00 16.29 23.35
CA GLU A 574 15.05 17.06 24.00
C GLU A 574 15.77 17.90 22.95
N GLU A 575 16.49 18.93 23.39
CA GLU A 575 17.29 19.72 22.46
C GLU A 575 18.25 18.82 21.70
N MET A 576 18.42 19.08 20.41
CA MET A 576 19.29 18.25 19.59
C MET A 576 19.98 19.08 18.52
N LYS A 577 21.05 18.55 17.93
CA LYS A 577 21.66 19.21 16.77
C LYS A 577 21.22 18.54 15.47
N PHE A 578 20.42 19.24 14.68
CA PHE A 578 20.01 18.76 13.37
C PHE A 578 21.20 18.80 12.41
N ILE A 579 21.60 17.63 11.93
CA ILE A 579 22.80 17.50 11.12
C ILE A 579 22.42 17.06 9.72
N LYS A 580 23.03 17.63 8.69
CA LYS A 580 22.80 17.06 7.37
C LYS A 580 24.10 16.82 6.62
N PHE A 581 24.27 15.62 6.07
CA PHE A 581 25.32 15.36 5.10
C PHE A 581 24.94 15.99 3.76
N MET A 582 25.64 17.09 3.42
CA MET A 582 25.37 17.86 2.22
C MET A 582 26.06 17.26 1.01
N PRO A 583 25.56 17.57 -0.20
CA PRO A 583 26.08 16.94 -1.42
C PRO A 583 27.49 17.40 -1.78
N ASP A 584 27.90 18.56 -1.27
CA ASP A 584 29.24 19.06 -1.55
C ASP A 584 30.24 18.41 -0.61
N GLY A 585 29.75 17.56 0.28
CA GLY A 585 30.65 16.89 1.21
C GLY A 585 30.69 17.54 2.58
N SER A 586 29.97 18.64 2.74
CA SER A 586 29.98 19.35 4.01
C SER A 586 28.93 18.79 4.96
N ILE A 587 28.92 19.31 6.18
CA ILE A 587 28.01 18.83 7.21
C ILE A 587 27.36 20.00 7.93
N SER A 588 26.13 20.32 7.56
CA SER A 588 25.43 21.46 8.19
C SER A 588 24.95 21.07 9.59
N GLU A 589 24.88 22.06 10.46
CA GLU A 589 24.48 21.86 11.84
C GLU A 589 23.59 23.00 12.28
N GLU A 590 22.55 22.67 13.03
CA GLU A 590 21.62 23.66 13.55
C GLU A 590 21.12 23.12 14.88
N VAL A 591 21.18 23.93 15.93
CA VAL A 591 20.56 23.53 17.19
C VAL A 591 19.06 23.78 17.17
N LEU A 592 18.28 22.73 17.42
CA LEU A 592 16.83 22.85 17.53
C LEU A 592 16.41 22.45 18.93
N GLU A 593 15.47 23.17 19.53
CA GLU A 593 15.06 22.88 20.90
C GLU A 593 14.00 21.79 20.98
N LYS A 594 13.69 21.36 22.21
CA LYS A 594 12.62 20.39 22.44
C LYS A 594 11.31 20.87 21.84
N GLY A 595 10.59 19.97 21.18
CA GLY A 595 9.30 20.33 20.62
C GLY A 595 9.10 19.92 19.16
N VAL A 596 8.02 20.39 18.57
CA VAL A 596 7.69 20.13 17.17
C VAL A 596 8.45 21.04 16.21
N HIS A 597 8.93 20.47 15.12
CA HIS A 597 9.60 21.26 14.09
C HIS A 597 9.29 20.70 12.73
N TYR A 598 9.38 21.55 11.71
CA TYR A 598 9.45 21.08 10.35
C TYR A 598 10.89 21.30 9.88
N VAL A 599 11.53 20.27 9.34
CA VAL A 599 12.91 20.41 8.91
C VAL A 599 13.06 20.18 7.42
N ASP A 600 13.89 20.98 6.76
CA ASP A 600 14.10 20.84 5.32
C ASP A 600 15.13 19.76 5.04
N VAL A 601 14.79 18.84 4.15
CA VAL A 601 15.72 17.78 3.78
C VAL A 601 15.60 17.54 2.28
N ALA A 602 16.55 18.05 1.53
CA ALA A 602 16.50 17.85 0.09
C ALA A 602 16.80 16.40 -0.22
N LEU A 603 16.58 16.03 -1.47
CA LEU A 603 16.71 14.66 -1.94
C LEU A 603 18.13 14.11 -1.84
N ASN A 604 19.11 14.98 -2.02
CA ASN A 604 20.52 14.55 -1.99
C ASN A 604 21.19 14.88 -0.66
N GLU A 605 20.40 14.93 0.40
CA GLU A 605 20.88 15.28 1.74
C GLU A 605 20.48 14.19 2.73
N VAL A 606 21.40 13.78 3.60
CA VAL A 606 21.08 12.77 4.60
C VAL A 606 21.05 13.38 6.00
N PRO A 607 19.88 13.30 6.66
CA PRO A 607 19.67 13.95 7.96
C PRO A 607 19.85 12.99 9.15
N LEU A 608 20.13 13.55 10.30
CA LEU A 608 20.12 12.84 11.57
C LEU A 608 20.17 13.90 12.66
N PHE A 609 19.80 13.54 13.88
CA PHE A 609 19.92 14.47 14.99
C PHE A 609 20.87 13.93 16.05
N ILE A 610 21.71 14.81 16.60
CA ILE A 610 22.61 14.44 17.69
C ILE A 610 22.06 14.96 19.02
N ARG A 611 21.91 14.06 20.00
CA ARG A 611 21.28 14.39 21.26
C ARG A 611 22.10 15.34 22.12
N SER A 612 21.42 16.10 22.98
CA SER A 612 22.10 17.00 23.91
C SER A 612 23.17 16.26 24.69
N GLY A 613 24.36 16.84 24.73
CA GLY A 613 25.45 16.30 25.54
C GLY A 613 26.06 15.05 24.95
N LYS A 614 25.94 14.88 23.64
CA LYS A 614 26.56 13.75 22.95
C LYS A 614 27.32 14.22 21.73
N CYS A 615 28.16 13.36 21.19
CA CYS A 615 28.81 13.63 19.92
C CYS A 615 29.03 12.30 19.21
N ILE A 616 29.43 12.36 17.95
CA ILE A 616 29.75 11.14 17.20
C ILE A 616 30.93 11.38 16.29
N PRO A 617 31.74 10.34 16.07
CA PRO A 617 32.85 10.54 15.14
C PRO A 617 32.36 10.41 13.69
N VAL A 618 32.93 11.21 12.80
CA VAL A 618 32.61 11.09 11.38
C VAL A 618 33.90 11.03 10.56
N ALA A 619 34.09 9.94 9.84
CA ALA A 619 35.28 9.79 9.02
C ALA A 619 35.14 10.55 7.71
N GLU A 620 36.25 10.76 7.01
CA GLU A 620 36.17 11.25 5.64
C GLU A 620 35.69 10.12 4.73
N ALA A 621 35.08 10.50 3.61
CA ALA A 621 34.54 9.54 2.66
C ALA A 621 35.61 8.60 2.13
N ALA A 622 35.33 7.30 2.12
CA ALA A 622 36.17 6.33 1.42
C ALA A 622 35.30 5.40 0.57
N GLU A 623 35.93 4.73 -0.39
CA GLU A 623 35.18 3.97 -1.40
C GLU A 623 34.97 2.49 -1.02
N CYS A 624 35.70 2.04 0.00
CA CYS A 624 35.44 0.72 0.60
C CYS A 624 35.77 0.74 2.08
N VAL A 625 35.31 -0.27 2.79
CA VAL A 625 35.45 -0.30 4.24
C VAL A 625 36.93 -0.31 4.68
N LYS A 626 37.72 -1.18 4.06
CA LYS A 626 39.16 -1.27 4.34
C LYS A 626 39.90 0.07 4.26
N ASP A 627 39.40 0.99 3.44
CA ASP A 627 40.12 2.24 3.22
C ASP A 627 39.65 3.40 4.09
N ILE A 628 38.66 3.18 4.94
CA ILE A 628 38.19 4.25 5.80
C ILE A 628 39.27 4.59 6.80
N ASP A 629 39.44 5.89 7.07
CA ASP A 629 40.51 6.33 7.97
C ASP A 629 39.95 6.72 9.33
N THR A 630 40.20 5.87 10.32
CA THR A 630 39.64 6.09 11.65
C THR A 630 40.58 6.81 12.60
N GLU A 631 41.83 7.00 12.17
CA GLU A 631 42.84 7.60 13.05
C GLU A 631 42.48 9.03 13.43
N ASN A 632 42.12 9.82 12.43
CA ASN A 632 41.71 11.20 12.66
C ASN A 632 40.39 11.51 11.96
N MET A 633 39.28 11.31 12.66
CA MET A 633 37.98 11.72 12.14
C MET A 633 37.38 12.85 12.99
N GLN A 634 36.52 13.66 12.40
CA GLN A 634 35.96 14.78 13.17
C GLN A 634 34.91 14.30 14.17
N LEU A 635 34.64 15.12 15.17
CA LEU A 635 33.66 14.81 16.20
C LEU A 635 32.56 15.85 16.09
N ILE A 636 31.36 15.39 15.80
CA ILE A 636 30.21 16.26 15.58
C ILE A 636 29.26 16.17 16.76
N GLY A 637 28.69 17.30 17.16
CA GLY A 637 27.80 17.29 18.29
C GLY A 637 28.15 18.35 19.31
N TYR A 638 27.94 18.04 20.58
CA TYR A 638 28.05 19.03 21.64
C TYR A 638 29.44 19.16 22.23
N GLU A 639 29.90 20.39 22.36
CA GLU A 639 31.22 20.68 22.91
C GLU A 639 31.36 20.06 24.30
N GLY A 640 32.54 19.54 24.59
CA GLY A 640 32.83 19.00 25.90
C GLY A 640 32.36 17.58 26.11
N SER A 641 31.64 17.04 25.13
CA SER A 641 31.09 15.71 25.25
C SER A 641 32.12 14.69 24.79
N SER A 642 31.88 13.43 25.12
CA SER A 642 32.81 12.38 24.73
C SER A 642 32.07 11.16 24.20
N TYR A 643 32.74 10.38 23.38
CA TYR A 643 32.13 9.20 22.77
C TYR A 643 33.08 8.01 22.84
N THR A 644 32.56 6.86 23.24
CA THR A 644 33.41 5.68 23.35
C THR A 644 33.36 4.80 22.12
N LEU A 645 34.41 4.87 21.32
CA LEU A 645 34.47 4.18 20.05
C LEU A 645 34.92 2.73 20.19
N TYR A 646 34.05 1.78 19.84
CA TYR A 646 34.47 0.38 19.74
C TYR A 646 35.01 0.12 18.34
N GLU A 647 36.18 -0.49 18.28
CA GLU A 647 36.82 -0.80 17.02
C GLU A 647 37.71 -2.02 17.18
N ASP A 648 37.62 -2.97 16.25
CA ASP A 648 38.49 -4.14 16.25
C ASP A 648 38.91 -4.43 14.81
N ASP A 649 39.46 -5.60 14.54
CA ASP A 649 39.94 -5.86 13.18
C ASP A 649 38.81 -6.17 12.19
N GLY A 650 37.61 -6.36 12.72
CA GLY A 650 36.42 -6.50 11.88
C GLY A 650 36.34 -7.86 11.20
N ILE A 651 37.29 -8.74 11.51
CA ILE A 651 37.41 -10.03 10.83
C ILE A 651 37.29 -11.20 11.81
N HIS A 652 37.99 -11.12 12.94
CA HIS A 652 37.97 -12.23 13.89
C HIS A 652 36.98 -12.01 15.05
N LYS A 653 37.08 -12.85 16.07
CA LYS A 653 36.11 -12.86 17.16
C LYS A 653 36.76 -12.56 18.50
N ASP A 654 37.75 -11.69 18.48
CA ASP A 654 38.39 -11.23 19.70
C ASP A 654 37.70 -9.95 20.20
N TYR A 655 36.60 -10.12 20.94
CA TYR A 655 35.73 -8.99 21.29
C TYR A 655 36.00 -8.30 22.63
N ASP A 656 36.54 -9.03 23.61
CA ASP A 656 36.70 -8.47 24.96
C ASP A 656 37.71 -7.33 25.10
N LYS A 657 38.93 -7.59 24.64
CA LYS A 657 40.07 -6.68 24.75
C LYS A 657 39.79 -5.18 25.01
N LYS A 658 40.48 -4.65 26.03
CA LYS A 658 40.37 -3.23 26.37
C LYS A 658 40.87 -2.38 25.21
N GLU A 659 41.75 -2.96 24.40
CA GLU A 659 42.30 -2.28 23.23
C GLU A 659 41.24 -1.95 22.16
N ASN A 660 40.09 -2.61 22.26
CA ASN A 660 38.99 -2.35 21.32
C ASN A 660 38.24 -1.06 21.61
N TYR A 661 38.46 -0.47 22.78
CA TYR A 661 37.76 0.77 23.13
C TYR A 661 38.70 1.96 23.22
N ARG A 662 38.31 3.07 22.61
CA ARG A 662 38.94 4.36 22.94
C ARG A 662 37.93 5.47 23.18
N VAL A 663 38.25 6.32 24.14
CA VAL A 663 37.38 7.43 24.48
C VAL A 663 37.77 8.64 23.64
N LEU A 664 36.83 9.12 22.84
CA LEU A 664 37.02 10.32 22.04
C LEU A 664 36.34 11.49 22.73
N THR A 665 36.96 12.66 22.69
CA THR A 665 36.42 13.82 23.38
C THR A 665 36.41 15.04 22.46
N LYS A 666 35.24 15.66 22.32
CA LYS A 666 35.11 16.86 21.51
C LYS A 666 35.70 18.06 22.28
N ALA B 3 -5.27 35.78 -19.05
CA ALA B 3 -6.22 34.70 -19.33
C ALA B 3 -6.29 34.42 -20.84
N MET B 4 -6.39 33.15 -21.20
CA MET B 4 -6.38 32.74 -22.60
C MET B 4 -6.50 31.23 -22.81
N ILE B 5 -7.29 30.82 -23.80
CA ILE B 5 -7.38 29.42 -24.22
C ILE B 5 -7.17 29.28 -25.72
N ARG B 6 -6.27 28.39 -26.13
CA ARG B 6 -6.10 28.08 -27.54
C ARG B 6 -6.32 26.59 -27.78
N LYS B 7 -6.71 26.21 -29.00
CA LYS B 7 -6.86 24.80 -29.34
C LYS B 7 -5.98 24.38 -30.52
N TYR B 8 -5.09 23.43 -30.29
CA TYR B 8 -4.21 22.91 -31.33
C TYR B 8 -4.71 21.58 -31.82
N ARG B 9 -5.00 21.49 -33.11
CA ARG B 9 -5.57 20.26 -33.67
C ARG B 9 -4.52 19.45 -34.43
N TYR B 10 -4.45 18.17 -34.11
CA TYR B 10 -3.60 17.23 -34.85
C TYR B 10 -4.46 16.16 -35.52
N GLY B 11 -4.26 15.98 -36.82
CA GLY B 11 -4.96 14.94 -37.56
C GLY B 11 -6.46 15.14 -37.56
N ALA B 12 -7.21 14.08 -37.26
CA ALA B 12 -8.68 14.12 -37.33
C ALA B 12 -9.29 13.57 -36.05
N PRO B 13 -9.34 14.39 -34.99
CA PRO B 13 -9.74 13.90 -33.67
C PRO B 13 -11.16 13.35 -33.65
N PHE B 14 -11.41 12.38 -32.78
CA PHE B 14 -12.77 11.94 -32.51
C PHE B 14 -13.44 13.00 -31.65
N ASP B 15 -14.68 13.33 -31.97
CA ASP B 15 -15.41 14.34 -31.20
C ASP B 15 -15.88 13.75 -29.87
N THR B 16 -15.19 14.08 -28.79
CA THR B 16 -15.55 13.50 -27.48
C THR B 16 -16.69 14.23 -26.77
N GLU B 17 -16.95 15.46 -27.21
CA GLU B 17 -17.96 16.32 -26.59
C GLU B 17 -17.60 16.70 -25.15
N ALA B 18 -16.30 16.60 -24.84
CA ALA B 18 -15.77 17.01 -23.54
C ALA B 18 -16.14 18.47 -23.22
N LEU B 19 -15.80 19.38 -24.13
CA LEU B 19 -16.07 20.81 -23.93
C LEU B 19 -17.46 21.16 -24.39
N THR B 20 -18.10 22.11 -23.71
CA THR B 20 -19.33 22.69 -24.19
C THR B 20 -19.06 24.01 -24.93
N GLU B 21 -17.92 24.62 -24.68
CA GLU B 21 -17.58 25.87 -25.36
C GLU B 21 -16.70 25.65 -26.60
N LYS B 22 -17.03 26.36 -27.68
CA LYS B 22 -16.26 26.29 -28.94
C LYS B 22 -14.97 27.09 -28.85
N ILE B 23 -13.85 26.49 -29.18
CA ILE B 23 -12.60 27.23 -29.28
C ILE B 23 -12.06 27.10 -30.70
N GLU B 24 -11.66 28.21 -31.30
CA GLU B 24 -11.13 28.15 -32.65
C GLU B 24 -9.76 27.48 -32.68
N THR B 25 -9.46 26.84 -33.81
CA THR B 25 -8.20 26.13 -34.02
C THR B 25 -7.03 27.10 -34.24
N ALA B 26 -6.02 27.01 -33.39
CA ALA B 26 -4.84 27.88 -33.50
C ALA B 26 -3.95 27.47 -34.68
N GLU B 27 -3.34 28.44 -35.35
CA GLU B 27 -2.47 28.17 -36.50
C GLU B 27 -1.00 28.52 -36.23
N GLU B 28 -0.74 29.12 -35.08
CA GLU B 28 0.61 29.52 -34.68
C GLU B 28 1.41 28.34 -34.09
N ALA B 29 2.69 28.57 -33.87
CA ALA B 29 3.54 27.56 -33.24
C ALA B 29 2.97 27.09 -31.90
N PHE B 30 3.20 25.83 -31.57
CA PHE B 30 2.80 25.35 -30.24
C PHE B 30 3.66 26.06 -29.20
N PRO B 31 3.02 26.51 -28.11
CA PRO B 31 3.69 27.53 -27.28
C PRO B 31 4.64 26.98 -26.22
N TYR B 32 4.45 25.74 -25.78
CA TYR B 32 5.36 25.16 -24.79
C TYR B 32 5.91 23.81 -25.22
N GLY B 33 7.17 23.55 -24.88
CA GLY B 33 7.74 22.23 -25.12
C GLY B 33 7.87 21.90 -26.59
N GLU B 34 8.01 20.62 -26.88
CA GLU B 34 8.19 20.14 -28.25
C GLU B 34 7.11 19.14 -28.60
N ILE B 35 6.59 19.24 -29.83
CA ILE B 35 5.65 18.26 -30.34
C ILE B 35 6.33 17.38 -31.38
N SER B 36 6.29 16.07 -31.21
CA SER B 36 6.77 15.16 -32.25
C SER B 36 5.68 14.23 -32.74
N GLN B 37 5.70 13.95 -34.04
CA GLN B 37 4.72 13.06 -34.65
C GLN B 37 5.42 11.97 -35.45
N LYS B 38 6.65 11.65 -35.07
CA LYS B 38 7.47 10.70 -35.82
C LYS B 38 7.15 9.27 -35.43
N GLU B 39 6.58 9.11 -34.24
CA GLU B 39 6.23 7.79 -33.72
C GLU B 39 4.89 7.86 -33.01
N GLY B 40 3.84 8.15 -33.77
CA GLY B 40 2.56 8.48 -33.17
C GLY B 40 2.58 9.94 -32.75
N PHE B 41 2.31 10.20 -31.48
CA PHE B 41 2.31 11.57 -31.02
C PHE B 41 2.99 11.69 -29.66
N ALA B 42 3.80 12.74 -29.48
CA ALA B 42 4.43 13.00 -28.20
C ALA B 42 4.62 14.49 -27.93
N PHE B 43 4.21 14.92 -26.74
CA PHE B 43 4.54 16.24 -26.24
C PHE B 43 5.63 16.10 -25.20
N THR B 44 6.72 16.84 -25.37
CA THR B 44 7.84 16.78 -24.43
C THR B 44 8.14 18.17 -23.86
N TYR B 45 8.23 18.24 -22.53
CA TYR B 45 8.49 19.49 -21.83
C TYR B 45 9.53 19.33 -20.72
N ILE B 46 10.56 20.18 -20.72
CA ILE B 46 11.57 20.17 -19.66
C ILE B 46 11.09 21.03 -18.50
N MET B 47 10.84 20.41 -17.36
CA MET B 47 10.34 21.13 -16.20
C MET B 47 11.48 21.78 -15.43
N ASP B 48 11.23 22.99 -14.93
CA ASP B 48 12.05 23.60 -13.90
C ASP B 48 12.00 22.73 -12.65
N GLU B 49 13.00 22.89 -11.79
CA GLU B 49 13.17 22.05 -10.61
C GLU B 49 12.09 22.23 -9.55
N ASP B 50 11.57 23.45 -9.39
CA ASP B 50 10.52 23.69 -8.39
C ASP B 50 9.09 23.50 -8.94
N ASP B 51 8.95 23.21 -10.23
CA ASP B 51 7.62 23.02 -10.82
C ASP B 51 6.79 21.95 -10.11
N ILE B 52 5.52 22.26 -9.90
CA ILE B 52 4.54 21.29 -9.41
C ILE B 52 3.62 20.97 -10.57
N VAL B 53 3.27 19.70 -10.75
CA VAL B 53 2.30 19.31 -11.79
C VAL B 53 1.00 18.84 -11.14
N TYR B 54 -0.07 19.57 -11.40
CA TYR B 54 -1.38 19.23 -10.88
C TYR B 54 -2.20 18.57 -11.97
N GLY B 55 -3.26 17.85 -11.59
CA GLY B 55 -4.19 17.33 -12.55
C GLY B 55 -4.44 15.83 -12.54
N LEU B 56 -4.94 15.34 -13.67
CA LEU B 56 -5.26 13.92 -13.87
C LEU B 56 -6.42 13.38 -13.03
N GLY B 57 -7.13 14.25 -12.32
CA GLY B 57 -8.39 13.85 -11.69
C GLY B 57 -8.24 12.55 -10.91
N GLU B 58 -9.01 11.52 -11.29
CA GLU B 58 -8.91 10.24 -10.59
C GLU B 58 -7.76 9.41 -11.13
N SER B 59 -6.59 9.56 -10.51
CA SER B 59 -5.45 8.74 -10.87
C SER B 59 -4.62 8.52 -9.62
N ASN B 60 -3.64 7.63 -9.75
CA ASN B 60 -2.86 7.13 -8.63
C ASN B 60 -1.99 8.20 -7.95
N ARG B 61 -1.60 7.94 -6.70
CA ARG B 61 -0.63 8.76 -5.95
C ARG B 61 -1.12 10.12 -5.46
N GLY B 62 -0.26 11.13 -5.53
CA GLY B 62 -0.51 12.39 -4.85
C GLY B 62 -1.02 13.57 -5.67
N ILE B 63 -1.10 14.74 -5.03
CA ILE B 63 -1.62 15.95 -5.65
C ILE B 63 -0.62 16.50 -6.66
N ASN B 64 0.66 16.50 -6.28
CA ASN B 64 1.72 16.79 -7.21
C ASN B 64 2.04 15.49 -7.95
N LYS B 65 1.81 15.48 -9.25
CA LYS B 65 1.87 14.24 -10.01
C LYS B 65 3.30 13.86 -10.40
N ARG B 66 4.25 14.77 -10.17
CA ARG B 66 5.64 14.52 -10.54
C ARG B 66 6.14 13.26 -9.84
N GLY B 67 7.00 12.52 -10.53
CA GLY B 67 7.62 11.36 -9.93
C GLY B 67 7.05 10.03 -10.34
N TYR B 68 6.14 10.02 -11.32
CA TYR B 68 5.61 8.72 -11.77
C TYR B 68 4.93 8.75 -13.13
N CYS B 69 4.33 7.62 -13.50
CA CYS B 69 3.74 7.46 -14.82
C CYS B 69 2.24 7.20 -14.67
N TYR B 70 1.44 7.93 -15.43
CA TYR B 70 -0.02 7.75 -15.38
C TYR B 70 -0.54 7.51 -16.78
N ILE B 71 -1.26 6.41 -16.95
CA ILE B 71 -1.83 6.08 -18.25
C ILE B 71 -3.35 6.17 -18.19
N SER B 72 -3.92 7.12 -18.93
CA SER B 72 -5.36 7.24 -19.03
C SER B 72 -5.89 6.09 -19.88
N ASN B 73 -6.49 5.13 -19.19
CA ASN B 73 -6.96 3.92 -19.82
C ASN B 73 -7.86 3.23 -18.81
N CYS B 74 -9.15 3.56 -18.85
CA CYS B 74 -10.11 3.10 -17.87
C CYS B 74 -10.00 1.61 -17.69
N THR B 75 -9.63 1.17 -16.49
CA THR B 75 -9.57 -0.27 -16.25
C THR B 75 -10.11 -0.66 -14.89
N ASP B 76 -10.71 -1.83 -14.86
CA ASP B 76 -11.30 -2.40 -13.67
C ASP B 76 -10.18 -3.09 -12.88
N ASP B 77 -9.57 -2.37 -11.96
CA ASP B 77 -8.51 -2.91 -11.12
C ASP B 77 -8.85 -2.63 -9.67
N PRO B 78 -9.10 -3.69 -8.89
CA PRO B 78 -9.52 -3.56 -7.49
C PRO B 78 -8.37 -3.48 -6.49
N ILE B 79 -7.15 -3.38 -6.98
CA ILE B 79 -5.98 -3.29 -6.09
C ILE B 79 -5.24 -1.99 -6.34
N HIS B 80 -5.61 -0.93 -5.63
CA HIS B 80 -5.01 0.38 -5.88
C HIS B 80 -3.71 0.57 -5.11
N THR B 81 -2.67 -0.13 -5.55
CA THR B 81 -1.34 0.02 -4.95
C THR B 81 -0.54 1.06 -5.73
N GLU B 82 0.53 1.56 -5.12
CA GLU B 82 1.34 2.63 -5.67
C GLU B 82 1.91 2.40 -7.07
N ASP B 83 2.11 1.14 -7.46
CA ASP B 83 2.65 0.83 -8.78
C ASP B 83 1.66 1.02 -9.94
N LYS B 84 0.35 0.96 -9.65
CA LYS B 84 -0.65 0.99 -10.73
C LYS B 84 -0.53 2.26 -11.59
N ARG B 85 -0.59 2.08 -12.90
CA ARG B 85 -0.51 3.18 -13.83
C ARG B 85 -1.88 3.62 -14.35
N SER B 86 -2.88 2.75 -14.21
CA SER B 86 -4.23 3.11 -14.66
C SER B 86 -5.30 2.67 -13.68
N LEU B 87 -6.15 3.59 -13.28
CA LEU B 87 -7.35 3.23 -12.52
C LEU B 87 -8.57 3.36 -13.43
N TYR B 88 -9.71 3.75 -12.86
CA TYR B 88 -10.97 3.86 -13.60
C TYR B 88 -11.06 5.12 -14.47
N GLY B 89 -10.35 6.16 -14.06
CA GLY B 89 -10.50 7.48 -14.65
C GLY B 89 -9.56 7.80 -15.78
N ALA B 90 -10.09 8.53 -16.77
CA ALA B 90 -9.29 9.04 -17.88
C ALA B 90 -9.53 10.54 -17.96
N HIS B 91 -8.76 11.29 -17.18
CA HIS B 91 -8.97 12.72 -17.04
C HIS B 91 -7.74 13.49 -17.49
N ASN B 92 -7.72 13.85 -18.76
CA ASN B 92 -6.50 14.28 -19.43
C ASN B 92 -6.11 15.76 -19.27
N PHE B 93 -6.33 16.31 -18.09
CA PHE B 93 -6.04 17.72 -17.81
C PHE B 93 -4.91 17.82 -16.79
N ILE B 94 -3.83 18.50 -17.16
CA ILE B 94 -2.71 18.75 -16.22
C ILE B 94 -2.30 20.21 -16.24
N ILE B 95 -1.82 20.70 -15.10
CA ILE B 95 -1.28 22.04 -15.03
C ILE B 95 0.16 22.02 -14.52
N VAL B 96 1.08 22.54 -15.35
CA VAL B 96 2.46 22.74 -14.96
C VAL B 96 2.50 24.06 -14.20
N SER B 97 2.98 24.04 -12.96
CA SER B 97 2.88 25.21 -12.10
C SER B 97 4.23 25.58 -11.50
N GLY B 98 4.74 26.76 -11.85
CA GLY B 98 6.04 27.20 -11.39
C GLY B 98 6.39 28.55 -11.99
N LYS B 99 7.67 28.75 -12.30
CA LYS B 99 8.13 30.00 -12.88
C LYS B 99 7.35 30.26 -14.15
N THR B 100 7.18 29.20 -14.94
CA THR B 100 6.26 29.22 -16.07
C THR B 100 5.10 28.30 -15.73
N THR B 101 3.87 28.83 -15.87
CA THR B 101 2.65 28.10 -15.53
C THR B 101 1.72 28.03 -16.77
N PHE B 102 1.07 26.87 -16.99
CA PHE B 102 0.11 26.71 -18.09
C PHE B 102 -0.62 25.39 -17.94
N GLY B 103 -1.84 25.32 -18.45
CA GLY B 103 -2.61 24.09 -18.40
C GLY B 103 -2.73 23.48 -19.79
N LEU B 104 -2.81 22.16 -19.82
CA LEU B 104 -2.96 21.42 -21.07
C LEU B 104 -4.08 20.42 -20.90
N PHE B 105 -5.06 20.45 -21.81
CA PHE B 105 -6.02 19.36 -21.87
C PHE B 105 -5.85 18.57 -23.15
N PHE B 106 -5.61 17.27 -23.00
CA PHE B 106 -5.40 16.38 -24.14
C PHE B 106 -6.73 15.69 -24.43
N ASP B 107 -7.43 16.18 -25.44
CA ASP B 107 -8.75 15.65 -25.81
C ASP B 107 -8.53 14.54 -26.83
N TYR B 108 -8.45 13.33 -26.29
CA TYR B 108 -8.08 12.13 -27.01
C TYR B 108 -8.77 11.02 -26.22
N PRO B 109 -9.47 10.10 -26.92
CA PRO B 109 -10.34 9.12 -26.27
C PRO B 109 -9.69 7.75 -26.05
N SER B 110 -8.40 7.60 -26.33
CA SER B 110 -7.76 6.30 -26.18
C SER B 110 -6.55 6.33 -25.22
N LYS B 111 -5.75 5.28 -25.23
CA LYS B 111 -4.65 5.16 -24.27
C LYS B 111 -3.66 6.30 -24.39
N LEU B 112 -3.59 7.12 -23.34
CA LEU B 112 -2.69 8.26 -23.33
C LEU B 112 -1.75 8.16 -22.14
N THR B 113 -0.45 8.26 -22.39
CA THR B 113 0.56 8.05 -21.35
C THR B 113 1.19 9.35 -20.90
N PHE B 114 1.03 9.67 -19.62
CA PHE B 114 1.71 10.80 -19.00
C PHE B 114 2.93 10.29 -18.23
N ASP B 115 4.12 10.50 -18.79
CA ASP B 115 5.37 10.21 -18.10
C ASP B 115 5.83 11.50 -17.41
N ILE B 116 5.46 11.66 -16.15
CA ILE B 116 5.73 12.91 -15.46
C ILE B 116 6.91 12.70 -14.51
N GLY B 117 8.12 12.78 -15.08
CA GLY B 117 9.34 12.62 -14.30
C GLY B 117 9.68 11.18 -13.99
N TYR B 118 8.96 10.24 -14.60
CA TYR B 118 9.27 8.83 -14.38
C TYR B 118 10.60 8.43 -15.00
N THR B 119 10.73 8.65 -16.32
CA THR B 119 11.94 8.27 -17.03
C THR B 119 13.12 9.17 -16.67
N ARG B 120 12.93 10.47 -16.79
CA ARG B 120 13.94 11.43 -16.32
C ARG B 120 13.23 12.46 -15.44
N MET B 121 13.81 12.76 -14.28
CA MET B 121 13.14 13.64 -13.32
CA MET B 121 13.15 13.64 -13.31
C MET B 121 12.67 14.97 -13.90
N ASP B 122 13.45 15.56 -14.81
CA ASP B 122 13.13 16.90 -15.33
C ASP B 122 12.19 16.91 -16.55
N THR B 123 11.82 15.73 -17.02
CA THR B 123 11.12 15.61 -18.30
C THR B 123 9.67 15.17 -18.15
N LEU B 124 8.75 16.00 -18.65
CA LEU B 124 7.33 15.66 -18.77
C LEU B 124 7.03 15.23 -20.21
N LYS B 125 6.51 14.03 -20.37
CA LYS B 125 6.25 13.51 -21.71
C LYS B 125 4.89 12.84 -21.78
N VAL B 126 4.01 13.37 -22.65
CA VAL B 126 2.68 12.84 -22.84
C VAL B 126 2.60 12.30 -24.25
N SER B 127 2.23 11.03 -24.38
CA SER B 127 2.23 10.39 -25.69
C SER B 127 1.09 9.41 -25.91
N CYS B 128 0.77 9.21 -27.18
CA CYS B 128 -0.23 8.27 -27.59
C CYS B 128 0.10 7.74 -28.97
N GLU B 129 -0.67 6.73 -29.38
CA GLU B 129 -0.41 5.95 -30.58
C GLU B 129 -0.72 6.70 -31.88
N ASN B 130 -1.75 7.55 -31.85
CA ASN B 130 -2.14 8.31 -33.04
C ASN B 130 -2.15 9.79 -32.80
N ALA B 131 -1.54 10.56 -33.70
CA ALA B 131 -1.66 12.01 -33.66
C ALA B 131 -3.01 12.46 -34.21
N ASP B 132 -4.08 12.03 -33.56
CA ASP B 132 -5.43 12.49 -33.85
C ASP B 132 -6.07 12.98 -32.56
N LEU B 133 -5.87 14.25 -32.24
CA LEU B 133 -6.34 14.78 -30.97
C LEU B 133 -6.36 16.31 -30.98
N ASP B 134 -7.07 16.90 -30.03
CA ASP B 134 -7.02 18.35 -29.81
C ASP B 134 -6.26 18.59 -28.52
N ILE B 135 -5.39 19.59 -28.52
CA ILE B 135 -4.71 19.98 -27.30
C ILE B 135 -5.08 21.42 -26.94
N TYR B 136 -5.70 21.59 -25.78
CA TYR B 136 -6.06 22.90 -25.30
C TYR B 136 -5.00 23.46 -24.35
N VAL B 137 -4.46 24.63 -24.71
CA VAL B 137 -3.50 25.34 -23.87
C VAL B 137 -4.17 26.49 -23.13
N ILE B 138 -4.17 26.43 -21.81
CA ILE B 138 -4.78 27.47 -20.97
C ILE B 138 -3.72 28.25 -20.19
N GLU B 139 -3.90 29.56 -20.12
CA GLU B 139 -2.94 30.40 -19.42
C GLU B 139 -3.64 31.33 -18.44
N GLY B 140 -2.88 31.82 -17.46
CA GLY B 140 -3.41 32.71 -16.45
C GLY B 140 -2.37 33.02 -15.40
N GLU B 141 -2.76 33.78 -14.38
CA GLU B 141 -1.84 34.14 -13.29
C GLU B 141 -1.21 32.90 -12.67
N ASN B 142 -2.06 31.97 -12.24
CA ASN B 142 -1.60 30.82 -11.45
C ASN B 142 -2.47 29.63 -11.74
N ALA B 143 -2.18 28.51 -11.11
CA ALA B 143 -2.89 27.28 -11.39
C ALA B 143 -4.39 27.42 -11.15
N TYR B 144 -4.77 28.09 -10.07
CA TYR B 144 -6.17 28.19 -9.73
C TYR B 144 -6.93 28.91 -10.85
N ASP B 145 -6.34 30.01 -11.32
CA ASP B 145 -6.92 30.78 -12.41
C ASP B 145 -7.12 29.89 -13.62
N ILE B 146 -6.10 29.09 -13.93
CA ILE B 146 -6.14 28.19 -15.08
C ILE B 146 -7.21 27.12 -14.93
N VAL B 147 -7.40 26.59 -13.72
CA VAL B 147 -8.45 25.59 -13.51
C VAL B 147 -9.85 26.16 -13.74
N LYS B 148 -10.08 27.35 -13.22
CA LYS B 148 -11.39 27.97 -13.34
C LYS B 148 -11.77 28.20 -14.79
N GLN B 149 -10.80 28.58 -15.62
CA GLN B 149 -11.09 28.75 -17.04
C GLN B 149 -11.40 27.40 -17.66
N PHE B 150 -10.69 26.36 -17.25
CA PHE B 150 -11.04 25.03 -17.76
C PHE B 150 -12.46 24.58 -17.36
N ARG B 151 -12.81 24.82 -16.10
CA ARG B 151 -14.15 24.49 -15.62
C ARG B 151 -15.23 25.23 -16.43
N ARG B 152 -14.93 26.44 -16.88
CA ARG B 152 -15.90 27.18 -17.67
C ARG B 152 -16.18 26.47 -18.99
N VAL B 153 -15.13 26.06 -19.69
CA VAL B 153 -15.32 25.52 -21.03
C VAL B 153 -15.86 24.09 -21.09
N ILE B 154 -15.66 23.30 -20.04
CA ILE B 154 -16.22 21.96 -20.01
C ILE B 154 -17.67 21.93 -19.53
N GLY B 155 -18.21 23.09 -19.18
CA GLY B 155 -19.62 23.19 -18.81
C GLY B 155 -19.90 22.80 -17.37
N ARG B 156 -21.04 23.27 -16.86
CA ARG B 156 -21.39 23.15 -15.45
C ARG B 156 -21.39 21.72 -14.93
N SER B 157 -20.92 21.54 -13.71
CA SER B 157 -20.87 20.23 -13.09
C SER B 157 -22.25 19.70 -12.67
N TYR B 158 -22.42 18.39 -12.76
CA TYR B 158 -23.57 17.70 -12.20
C TYR B 158 -23.88 18.23 -10.80
N ILE B 159 -25.16 18.40 -10.50
CA ILE B 159 -25.60 18.87 -9.20
C ILE B 159 -26.61 17.87 -8.64
N PRO B 160 -26.28 17.22 -7.52
CA PRO B 160 -27.17 16.20 -6.97
C PRO B 160 -28.29 16.83 -6.15
N PRO B 161 -29.36 16.08 -5.87
CA PRO B 161 -30.42 16.49 -4.95
C PRO B 161 -29.87 16.59 -3.54
N LYS B 162 -30.50 17.40 -2.69
CA LYS B 162 -29.96 17.67 -1.37
C LYS B 162 -29.90 16.44 -0.47
N PHE B 163 -30.78 15.47 -0.69
CA PHE B 163 -30.74 14.25 0.13
C PHE B 163 -29.43 13.49 -0.03
N ALA B 164 -28.79 13.66 -1.20
CA ALA B 164 -27.48 13.04 -1.47
C ALA B 164 -26.36 13.59 -0.60
N PHE B 165 -26.63 14.66 0.14
CA PHE B 165 -25.66 15.19 1.09
C PHE B 165 -25.85 14.56 2.47
N GLY B 166 -26.70 13.54 2.54
CA GLY B 166 -26.82 12.76 3.75
C GLY B 166 -25.75 11.69 3.80
N PHE B 167 -25.89 10.77 4.75
CA PHE B 167 -25.01 9.61 4.81
C PHE B 167 -25.73 8.38 4.24
N GLY B 168 -24.99 7.54 3.54
CA GLY B 168 -25.57 6.35 2.93
C GLY B 168 -24.84 5.07 3.27
N GLN B 169 -25.59 3.98 3.40
CA GLN B 169 -25.02 2.68 3.78
C GLN B 169 -25.25 1.65 2.69
N SER B 170 -24.21 0.89 2.36
CA SER B 170 -24.31 -0.14 1.33
C SER B 170 -23.45 -1.37 1.65
N ARG B 171 -23.80 -2.49 1.05
CA ARG B 171 -22.96 -3.69 1.11
C ARG B 171 -23.33 -4.66 0.01
N TRP B 172 -22.34 -5.13 -0.73
CA TRP B 172 -22.55 -6.16 -1.73
C TRP B 172 -22.96 -7.43 -0.97
N GLY B 173 -24.26 -7.72 -1.00
CA GLY B 173 -24.80 -8.79 -0.21
C GLY B 173 -26.24 -8.55 0.25
N TYR B 174 -26.62 -7.28 0.45
CA TYR B 174 -28.00 -6.98 0.81
C TYR B 174 -28.87 -7.54 -0.30
N THR B 175 -29.81 -8.40 0.06
CA THR B 175 -30.54 -9.15 -0.95
C THR B 175 -32.04 -9.12 -0.75
N THR B 176 -32.47 -9.43 0.47
CA THR B 176 -33.89 -9.60 0.77
C THR B 176 -34.41 -8.35 1.46
N LYS B 177 -35.72 -8.29 1.67
CA LYS B 177 -36.29 -7.13 2.36
C LYS B 177 -35.84 -7.13 3.82
N GLU B 178 -35.61 -8.32 4.35
CA GLU B 178 -35.09 -8.47 5.71
C GLU B 178 -33.68 -7.88 5.79
N ASP B 179 -32.88 -8.16 4.78
CA ASP B 179 -31.53 -7.62 4.70
C ASP B 179 -31.56 -6.10 4.85
N PHE B 180 -32.50 -5.45 4.17
CA PHE B 180 -32.61 -3.99 4.18
C PHE B 180 -33.24 -3.44 5.45
N ARG B 181 -34.30 -4.07 5.92
CA ARG B 181 -34.95 -3.65 7.17
C ARG B 181 -34.01 -3.69 8.36
N ALA B 182 -33.12 -4.67 8.39
CA ALA B 182 -32.14 -4.79 9.47
C ALA B 182 -31.13 -3.62 9.42
N VAL B 183 -30.73 -3.22 8.22
CA VAL B 183 -29.85 -2.07 8.08
C VAL B 183 -30.57 -0.81 8.54
N ALA B 184 -31.82 -0.64 8.10
CA ALA B 184 -32.62 0.50 8.51
C ALA B 184 -32.73 0.52 10.03
N LYS B 185 -33.01 -0.66 10.59
CA LYS B 185 -33.21 -0.82 12.03
C LYS B 185 -31.94 -0.49 12.83
N GLY B 186 -30.81 -1.05 12.37
CA GLY B 186 -29.52 -0.79 12.99
C GLY B 186 -29.16 0.67 13.08
N TYR B 187 -29.64 1.48 12.12
CA TYR B 187 -29.33 2.92 12.13
C TYR B 187 -30.36 3.75 12.88
N ARG B 188 -31.63 3.55 12.56
CA ARG B 188 -32.68 4.40 13.12
C ARG B 188 -32.88 4.18 14.62
N GLU B 189 -32.69 2.95 15.09
CA GLU B 189 -32.86 2.64 16.50
C GLU B 189 -31.68 3.10 17.37
N ASN B 190 -30.51 3.22 16.76
CA ASN B 190 -29.34 3.76 17.45
C ASN B 190 -29.21 5.27 17.21
N HIS B 191 -30.27 5.88 16.71
CA HIS B 191 -30.31 7.32 16.44
C HIS B 191 -29.09 7.82 15.69
N ILE B 192 -28.57 7.01 14.78
CA ILE B 192 -27.53 7.44 13.86
C ILE B 192 -28.24 7.99 12.63
N PRO B 193 -27.79 9.16 12.16
CA PRO B 193 -28.41 9.75 10.97
C PRO B 193 -28.11 8.90 9.73
N ILE B 194 -29.00 8.93 8.76
CA ILE B 194 -28.81 8.21 7.50
C ILE B 194 -29.95 8.59 6.56
N ASP B 195 -29.65 8.66 5.27
CA ASP B 195 -30.65 9.07 4.29
C ASP B 195 -30.79 8.11 3.13
N MET B 196 -29.80 7.23 2.97
CA MET B 196 -29.75 6.37 1.80
C MET B 196 -29.27 4.97 2.13
N ILE B 197 -29.87 3.97 1.50
CA ILE B 197 -29.35 2.62 1.52
C ILE B 197 -29.15 2.20 0.08
N TYR B 198 -27.99 1.63 -0.23
CA TYR B 198 -27.69 1.25 -1.60
C TYR B 198 -28.13 -0.17 -1.88
N MET B 199 -28.69 -0.40 -3.07
CA MET B 199 -29.04 -1.76 -3.47
C MET B 199 -28.02 -2.21 -4.50
N ASP B 200 -27.20 -3.19 -4.11
CA ASP B 200 -26.19 -3.76 -4.99
C ASP B 200 -26.84 -4.84 -5.86
N ILE B 201 -26.03 -5.51 -6.69
CA ILE B 201 -26.53 -6.34 -7.81
C ILE B 201 -27.55 -7.42 -7.46
N ASP B 202 -27.55 -7.85 -6.20
CA ASP B 202 -28.42 -8.96 -5.78
C ASP B 202 -29.92 -8.62 -5.76
N TYR B 203 -30.27 -7.35 -5.91
CA TYR B 203 -31.67 -6.93 -5.92
C TYR B 203 -32.33 -7.25 -7.26
N MET B 204 -31.51 -7.47 -8.29
CA MET B 204 -32.02 -7.78 -9.61
C MET B 204 -32.48 -9.24 -9.74
N GLN B 205 -33.29 -9.51 -10.77
CA GLN B 205 -33.61 -10.88 -11.14
C GLN B 205 -32.46 -11.43 -11.97
N ASP B 206 -31.69 -12.33 -11.38
CA ASP B 206 -30.54 -12.95 -12.05
C ASP B 206 -29.65 -11.94 -12.74
N PHE B 207 -29.41 -10.81 -12.06
CA PHE B 207 -28.49 -9.78 -12.51
C PHE B 207 -28.92 -9.10 -13.80
N LYS B 208 -30.21 -9.19 -14.13
CA LYS B 208 -30.73 -8.53 -15.34
C LYS B 208 -31.00 -7.05 -15.08
N ASP B 209 -30.36 -6.19 -15.87
CA ASP B 209 -30.58 -4.75 -15.78
C ASP B 209 -32.07 -4.45 -15.89
N PHE B 210 -32.56 -3.60 -14.99
CA PHE B 210 -33.94 -3.11 -15.08
C PHE B 210 -34.98 -4.19 -14.78
N THR B 211 -34.61 -5.13 -13.94
CA THR B 211 -35.57 -6.06 -13.35
C THR B 211 -35.42 -5.92 -11.87
N VAL B 212 -36.39 -6.44 -11.14
CA VAL B 212 -36.30 -6.61 -9.70
C VAL B 212 -36.63 -8.08 -9.39
N ASN B 213 -35.94 -8.69 -8.43
CA ASN B 213 -36.26 -10.06 -8.02
C ASN B 213 -37.69 -10.13 -7.48
N GLU B 214 -38.61 -10.61 -8.29
CA GLU B 214 -40.02 -10.58 -7.91
C GLU B 214 -40.38 -11.54 -6.76
N LYS B 215 -39.50 -12.50 -6.49
CA LYS B 215 -39.69 -13.38 -5.33
C LYS B 215 -39.45 -12.63 -4.02
N ASN B 216 -38.29 -11.99 -3.92
CA ASN B 216 -37.95 -11.23 -2.71
C ASN B 216 -38.71 -9.91 -2.60
N PHE B 217 -38.99 -9.29 -3.74
CA PHE B 217 -39.71 -8.02 -3.76
C PHE B 217 -40.97 -8.16 -4.61
N PRO B 218 -42.01 -8.80 -4.04
CA PRO B 218 -43.26 -9.05 -4.76
C PRO B 218 -43.98 -7.76 -5.11
N ASP B 219 -43.90 -6.78 -4.20
CA ASP B 219 -44.48 -5.47 -4.45
C ASP B 219 -43.44 -4.40 -4.19
N PHE B 220 -42.47 -4.33 -5.09
CA PHE B 220 -41.32 -3.43 -4.91
C PHE B 220 -41.70 -1.98 -4.59
N PRO B 221 -42.65 -1.39 -5.34
CA PRO B 221 -42.97 0.01 -5.07
C PRO B 221 -43.45 0.26 -3.65
N GLU B 222 -44.12 -0.72 -3.05
CA GLU B 222 -44.56 -0.59 -1.67
C GLU B 222 -43.36 -0.60 -0.72
N PHE B 223 -42.39 -1.46 -0.99
CA PHE B 223 -41.21 -1.53 -0.15
C PHE B 223 -40.42 -0.23 -0.28
N VAL B 224 -40.36 0.29 -1.50
CA VAL B 224 -39.66 1.55 -1.74
C VAL B 224 -40.28 2.64 -0.88
N LYS B 225 -41.61 2.66 -0.83
CA LYS B 225 -42.34 3.63 -0.02
C LYS B 225 -42.13 3.36 1.47
N GLU B 226 -42.19 2.10 1.86
CA GLU B 226 -41.98 1.72 3.25
C GLU B 226 -40.67 2.28 3.79
N MET B 227 -39.63 2.22 2.97
CA MET B 227 -38.34 2.81 3.30
C MET B 227 -38.39 4.34 3.25
N LYS B 228 -39.01 4.89 2.21
CA LYS B 228 -39.04 6.34 2.03
C LYS B 228 -39.80 7.05 3.15
N ASP B 229 -40.76 6.38 3.75
CA ASP B 229 -41.55 7.02 4.80
C ASP B 229 -40.69 7.23 6.06
N GLN B 230 -39.52 6.62 6.07
CA GLN B 230 -38.57 6.80 7.16
C GLN B 230 -37.39 7.63 6.67
N GLU B 231 -37.61 8.41 5.62
CA GLU B 231 -36.54 9.14 4.94
C GLU B 231 -35.34 8.22 4.66
N LEU B 232 -35.61 7.16 3.92
CA LEU B 232 -34.56 6.25 3.45
C LEU B 232 -34.82 5.97 1.97
N ARG B 233 -33.89 6.39 1.12
CA ARG B 233 -34.06 6.24 -0.31
C ARG B 233 -33.13 5.16 -0.88
N LEU B 234 -33.76 4.12 -1.43
CA LEU B 234 -33.02 3.03 -2.04
C LEU B 234 -32.36 3.48 -3.35
N ILE B 235 -31.04 3.30 -3.42
CA ILE B 235 -30.27 3.66 -4.59
C ILE B 235 -29.75 2.37 -5.24
N PRO B 236 -30.43 1.89 -6.28
CA PRO B 236 -30.06 0.65 -6.96
C PRO B 236 -28.98 0.83 -8.00
N ILE B 237 -28.20 -0.23 -8.22
CA ILE B 237 -27.09 -0.22 -9.16
C ILE B 237 -27.59 -0.69 -10.53
N ILE B 238 -26.96 -0.21 -11.59
CA ILE B 238 -27.24 -0.67 -12.95
C ILE B 238 -25.89 -0.92 -13.59
N ASP B 239 -25.68 -2.09 -14.17
CA ASP B 239 -24.39 -2.40 -14.76
C ASP B 239 -24.43 -2.31 -16.28
N ALA B 240 -23.28 -2.36 -16.94
CA ALA B 240 -23.24 -2.13 -18.39
C ALA B 240 -23.69 -3.33 -19.23
N GLY B 241 -23.42 -4.53 -18.73
CA GLY B 241 -23.74 -5.73 -19.47
C GLY B 241 -25.19 -6.15 -19.30
N VAL B 242 -25.90 -6.24 -20.43
CA VAL B 242 -27.27 -6.72 -20.45
C VAL B 242 -27.28 -8.22 -20.72
N LYS B 243 -27.86 -8.99 -19.80
CA LYS B 243 -27.80 -10.44 -19.85
C LYS B 243 -28.38 -11.01 -21.14
N VAL B 244 -27.65 -11.94 -21.76
CA VAL B 244 -28.21 -12.73 -22.86
C VAL B 244 -29.20 -13.74 -22.31
N GLU B 245 -30.48 -13.56 -22.65
CA GLU B 245 -31.54 -14.45 -22.20
C GLU B 245 -32.84 -14.28 -23.02
N LYS B 246 -33.19 -15.30 -23.80
CA LYS B 246 -34.42 -15.27 -24.58
C LYS B 246 -35.62 -14.87 -23.71
N GLY B 247 -36.39 -13.91 -24.18
CA GLY B 247 -37.59 -13.49 -23.47
C GLY B 247 -37.37 -12.28 -22.61
N TYR B 248 -36.10 -12.01 -22.29
CA TYR B 248 -35.70 -10.84 -21.51
C TYR B 248 -35.84 -9.64 -22.45
N GLU B 249 -36.84 -8.81 -22.20
CA GLU B 249 -37.19 -7.76 -23.16
C GLU B 249 -36.05 -6.80 -23.49
N VAL B 250 -35.27 -6.42 -22.47
CA VAL B 250 -34.13 -5.53 -22.73
C VAL B 250 -33.20 -6.19 -23.74
N TYR B 251 -32.90 -7.48 -23.52
CA TYR B 251 -32.10 -8.25 -24.47
C TYR B 251 -32.73 -8.28 -25.86
N GLU B 252 -33.98 -8.76 -25.95
CA GLU B 252 -34.66 -8.90 -27.24
C GLU B 252 -34.71 -7.59 -28.03
N GLU B 253 -34.99 -6.48 -27.34
CA GLU B 253 -35.09 -5.19 -28.04
C GLU B 253 -33.72 -4.76 -28.53
N GLY B 254 -32.70 -5.04 -27.73
CA GLY B 254 -31.35 -4.64 -28.07
C GLY B 254 -30.83 -5.37 -29.28
N VAL B 255 -31.14 -6.67 -29.35
CA VAL B 255 -30.76 -7.49 -30.48
C VAL B 255 -31.55 -7.08 -31.70
N LYS B 256 -32.85 -6.86 -31.51
CA LYS B 256 -33.73 -6.56 -32.63
C LYS B 256 -33.34 -5.27 -33.37
N ASN B 257 -33.08 -4.22 -32.61
CA ASN B 257 -32.77 -2.91 -33.19
C ASN B 257 -31.28 -2.63 -33.34
N ASN B 258 -30.45 -3.65 -33.19
CA ASN B 258 -29.00 -3.46 -33.29
C ASN B 258 -28.50 -2.34 -32.36
N TYR B 259 -28.87 -2.41 -31.09
CA TYR B 259 -28.40 -1.44 -30.09
C TYR B 259 -27.15 -1.92 -29.34
N PHE B 260 -26.73 -3.16 -29.57
CA PHE B 260 -25.56 -3.71 -28.90
C PHE B 260 -24.30 -3.54 -29.74
N CYS B 261 -23.16 -3.51 -29.06
CA CYS B 261 -21.87 -3.49 -29.73
C CYS B 261 -21.70 -4.81 -30.50
N LYS B 262 -21.29 -4.72 -31.76
CA LYS B 262 -21.13 -5.91 -32.58
C LYS B 262 -19.67 -6.26 -32.85
N ARG B 263 -19.40 -7.52 -33.17
CA ARG B 263 -18.07 -7.94 -33.61
C ARG B 263 -17.87 -7.45 -35.04
N GLU B 264 -16.70 -7.71 -35.62
CA GLU B 264 -16.44 -7.27 -36.98
C GLU B 264 -17.46 -7.82 -37.97
N ASP B 265 -17.94 -9.04 -37.72
CA ASP B 265 -18.85 -9.71 -38.64
C ASP B 265 -20.34 -9.36 -38.48
N GLY B 266 -20.67 -8.49 -37.54
CA GLY B 266 -22.06 -8.11 -37.35
C GLY B 266 -22.79 -8.81 -36.21
N SER B 267 -22.24 -9.94 -35.74
CA SER B 267 -22.82 -10.62 -34.59
C SER B 267 -22.68 -9.75 -33.34
N ASP B 268 -23.58 -9.92 -32.38
CA ASP B 268 -23.50 -9.16 -31.14
C ASP B 268 -22.38 -9.70 -30.26
N PHE B 269 -21.42 -8.84 -29.93
CA PHE B 269 -20.28 -9.27 -29.11
C PHE B 269 -20.76 -9.75 -27.75
N VAL B 270 -20.17 -10.86 -27.29
CA VAL B 270 -20.52 -11.46 -26.02
C VAL B 270 -19.42 -11.28 -24.99
N ALA B 271 -19.76 -10.68 -23.85
CA ALA B 271 -18.82 -10.52 -22.75
C ALA B 271 -19.47 -11.01 -21.48
N ALA B 272 -18.73 -11.79 -20.70
CA ALA B 272 -19.26 -12.36 -19.48
C ALA B 272 -19.08 -11.40 -18.33
N VAL B 273 -20.14 -11.15 -17.57
CA VAL B 273 -20.03 -10.38 -16.34
C VAL B 273 -20.87 -11.07 -15.27
N TRP B 274 -21.40 -10.31 -14.32
CA TRP B 274 -22.23 -10.88 -13.27
C TRP B 274 -23.29 -11.87 -13.75
N PRO B 275 -24.00 -11.55 -14.84
CA PRO B 275 -25.09 -12.43 -15.32
C PRO B 275 -24.63 -13.59 -16.20
N GLY B 276 -23.31 -13.79 -16.30
CA GLY B 276 -22.78 -14.73 -17.27
C GLY B 276 -22.68 -13.98 -18.58
N ASP B 277 -23.17 -14.58 -19.67
CA ASP B 277 -23.12 -13.93 -20.97
C ASP B 277 -23.93 -12.63 -21.03
N THR B 278 -23.30 -11.54 -21.50
CA THR B 278 -24.02 -10.28 -21.75
C THR B 278 -23.65 -9.65 -23.09
N HIS B 279 -24.44 -8.66 -23.50
CA HIS B 279 -24.08 -7.80 -24.61
C HIS B 279 -23.94 -6.40 -24.02
N PHE B 280 -23.11 -5.57 -24.64
CA PHE B 280 -22.98 -4.17 -24.23
C PHE B 280 -23.77 -3.25 -25.14
N PRO B 281 -24.66 -2.46 -24.55
CA PRO B 281 -25.33 -1.41 -25.32
C PRO B 281 -24.28 -0.52 -25.98
N ASP B 282 -24.54 -0.12 -27.22
CA ASP B 282 -23.62 0.71 -27.98
C ASP B 282 -23.72 2.15 -27.51
N MET B 283 -23.02 2.47 -26.44
CA MET B 283 -23.12 3.75 -25.75
C MET B 283 -22.78 4.97 -26.60
N LEU B 284 -21.97 4.79 -27.64
CA LEU B 284 -21.63 5.92 -28.51
C LEU B 284 -22.63 6.08 -29.65
N ASN B 285 -23.65 5.24 -29.67
CA ASN B 285 -24.72 5.39 -30.65
C ASN B 285 -25.89 6.12 -29.99
N PRO B 286 -26.30 7.26 -30.55
CA PRO B 286 -27.35 8.12 -29.98
C PRO B 286 -28.70 7.39 -29.79
N GLU B 287 -29.13 6.63 -30.78
CA GLU B 287 -30.36 5.84 -30.63
C GLU B 287 -30.23 4.84 -29.48
N ALA B 288 -29.08 4.17 -29.43
CA ALA B 288 -28.84 3.17 -28.38
C ALA B 288 -28.88 3.83 -27.00
N ARG B 289 -28.13 4.92 -26.85
CA ARG B 289 -28.13 5.69 -25.60
C ARG B 289 -29.52 6.08 -25.16
N LYS B 290 -30.33 6.63 -26.07
CA LYS B 290 -31.67 7.07 -25.70
C LYS B 290 -32.51 5.90 -25.19
N TRP B 291 -32.42 4.76 -25.89
CA TRP B 291 -33.11 3.53 -25.51
C TRP B 291 -32.70 3.04 -24.12
N PHE B 292 -31.39 2.90 -23.89
CA PHE B 292 -30.90 2.35 -22.63
C PHE B 292 -31.30 3.30 -21.52
N GLY B 293 -31.07 4.60 -21.73
CA GLY B 293 -31.40 5.60 -20.74
C GLY B 293 -32.89 5.57 -20.39
N ASP B 294 -33.74 5.50 -21.41
CA ASP B 294 -35.17 5.44 -21.16
C ASP B 294 -35.58 4.29 -20.21
N LYS B 295 -34.77 3.24 -20.13
CA LYS B 295 -35.14 2.11 -19.27
C LYS B 295 -35.13 2.45 -17.78
N TYR B 296 -34.48 3.56 -17.41
CA TYR B 296 -34.47 3.97 -16.00
C TYR B 296 -35.88 4.31 -15.51
N ARG B 297 -36.77 4.62 -16.45
CA ARG B 297 -38.17 4.89 -16.13
C ARG B 297 -38.79 3.77 -15.30
N PHE B 298 -38.38 2.54 -15.59
CA PHE B 298 -38.87 1.36 -14.89
C PHE B 298 -38.72 1.53 -13.37
N LEU B 299 -37.54 1.98 -12.95
CA LEU B 299 -37.26 2.15 -11.52
C LEU B 299 -37.79 3.47 -10.99
N ILE B 300 -37.76 4.51 -11.81
CA ILE B 300 -38.25 5.81 -11.36
C ILE B 300 -39.74 5.72 -11.07
N ASP B 301 -40.48 5.08 -11.97
CA ASP B 301 -41.92 4.91 -11.80
C ASP B 301 -42.27 4.25 -10.47
N GLN B 302 -41.33 3.53 -9.89
CA GLN B 302 -41.58 2.84 -8.62
C GLN B 302 -41.10 3.63 -7.41
N GLY B 303 -40.65 4.87 -7.66
CA GLY B 303 -40.29 5.76 -6.57
C GLY B 303 -38.79 5.91 -6.31
N ILE B 304 -37.96 5.43 -7.23
CA ILE B 304 -36.52 5.52 -7.07
C ILE B 304 -36.01 6.89 -7.51
N GLU B 305 -35.19 7.53 -6.67
CA GLU B 305 -34.69 8.88 -6.96
C GLU B 305 -33.18 8.96 -7.13
N GLY B 306 -32.51 7.82 -7.31
CA GLY B 306 -31.07 7.83 -7.50
C GLY B 306 -30.54 6.49 -7.97
N PHE B 307 -29.42 6.51 -8.69
CA PHE B 307 -28.80 5.29 -9.21
C PHE B 307 -27.30 5.38 -9.13
N TRP B 308 -26.64 4.21 -9.17
CA TRP B 308 -25.20 4.22 -9.42
C TRP B 308 -24.89 3.20 -10.51
N ASN B 309 -23.81 3.42 -11.25
CA ASN B 309 -23.43 2.53 -12.33
C ASN B 309 -22.08 1.96 -12.03
N ALA B 310 -21.87 0.70 -12.39
CA ALA B 310 -20.56 0.07 -12.19
C ALA B 310 -20.22 -0.77 -13.41
N MET B 311 -19.00 -1.30 -13.45
CA MET B 311 -18.62 -2.23 -14.51
C MET B 311 -18.65 -1.57 -15.89
N ASN B 312 -18.56 -0.24 -15.91
CA ASN B 312 -18.73 0.50 -17.15
C ASN B 312 -17.44 0.91 -17.87
N GLU B 313 -16.37 0.17 -17.62
CA GLU B 313 -15.10 0.40 -18.33
C GLU B 313 -15.18 0.15 -19.85
N PRO B 314 -15.91 -0.89 -20.29
CA PRO B 314 -16.70 -1.86 -19.52
C PRO B 314 -15.80 -2.98 -19.03
N ALA B 315 -16.10 -3.53 -17.86
CA ALA B 315 -15.36 -4.66 -17.31
C ALA B 315 -15.76 -5.92 -18.07
N ILE B 316 -14.79 -6.80 -18.33
CA ILE B 316 -15.07 -8.07 -19.00
C ILE B 316 -14.38 -9.20 -18.25
N PHE B 317 -15.17 -10.11 -17.69
CA PHE B 317 -14.60 -11.27 -16.99
C PHE B 317 -13.92 -12.19 -17.99
N TYR B 318 -14.48 -12.25 -19.19
CA TYR B 318 -13.95 -13.01 -20.32
C TYR B 318 -14.91 -12.89 -21.49
N SER B 319 -14.40 -13.05 -22.70
CA SER B 319 -15.28 -13.14 -23.85
C SER B 319 -15.42 -14.60 -24.21
N SER B 320 -16.34 -14.91 -25.12
CA SER B 320 -16.45 -16.27 -25.63
C SER B 320 -15.13 -16.69 -26.29
N GLU B 321 -14.50 -15.74 -26.97
CA GLU B 321 -13.23 -16.01 -27.63
C GLU B 321 -12.12 -16.36 -26.62
N GLY B 322 -12.05 -15.62 -25.53
CA GLY B 322 -11.02 -15.84 -24.52
C GLY B 322 -11.27 -17.11 -23.72
N LEU B 323 -12.55 -17.42 -23.50
CA LEU B 323 -12.92 -18.59 -22.74
C LEU B 323 -12.48 -19.82 -23.52
N ALA B 324 -12.73 -19.82 -24.83
CA ALA B 324 -12.34 -20.95 -25.67
C ALA B 324 -10.82 -21.12 -25.64
N GLU B 325 -10.09 -20.01 -25.75
CA GLU B 325 -8.63 -20.02 -25.69
C GLU B 325 -8.12 -20.65 -24.39
N ALA B 326 -8.69 -20.25 -23.27
CA ALA B 326 -8.23 -20.69 -21.95
C ALA B 326 -8.56 -22.15 -21.72
N LYS B 327 -9.68 -22.61 -22.27
CA LYS B 327 -10.02 -24.01 -22.19
C LYS B 327 -9.07 -24.81 -23.05
N GLU B 328 -8.74 -24.31 -24.24
CA GLU B 328 -7.79 -25.01 -25.09
C GLU B 328 -6.43 -25.17 -24.40
N PHE B 329 -5.99 -24.12 -23.71
CA PHE B 329 -4.73 -24.14 -22.99
C PHE B 329 -4.78 -25.07 -21.77
N ALA B 330 -5.91 -25.03 -21.05
CA ALA B 330 -6.09 -25.86 -19.87
C ALA B 330 -6.05 -27.35 -20.24
N GLY B 331 -6.51 -27.65 -21.44
CA GLY B 331 -6.50 -29.02 -21.94
C GLY B 331 -5.10 -29.52 -22.18
N GLU B 332 -4.25 -28.65 -22.71
CA GLU B 332 -2.85 -29.00 -22.96
C GLU B 332 -2.09 -29.13 -21.64
N PHE B 333 -2.26 -28.16 -20.75
CA PHE B 333 -1.73 -28.27 -19.41
C PHE B 333 -2.12 -29.60 -18.76
N ALA B 334 -3.37 -29.99 -18.92
CA ALA B 334 -3.91 -31.20 -18.29
C ALA B 334 -3.19 -32.45 -18.77
N LYS B 335 -2.92 -32.53 -20.07
CA LYS B 335 -2.32 -33.72 -20.66
C LYS B 335 -0.79 -33.64 -20.79
N ASP B 336 -0.21 -32.55 -20.31
CA ASP B 336 1.23 -32.39 -20.32
C ASP B 336 1.92 -33.30 -19.28
N THR B 337 2.83 -34.16 -19.75
CA THR B 337 3.53 -35.07 -18.84
C THR B 337 5.00 -34.72 -18.68
N GLU B 338 5.54 -33.98 -19.64
CA GLU B 338 6.95 -33.60 -19.64
C GLU B 338 7.18 -32.21 -19.06
N GLY B 339 6.26 -31.75 -18.23
CA GLY B 339 6.39 -30.46 -17.57
C GLY B 339 6.83 -29.31 -18.45
N LYS B 340 6.37 -29.29 -19.70
CA LYS B 340 6.70 -28.21 -20.61
C LYS B 340 5.77 -27.01 -20.42
N ILE B 341 4.62 -27.25 -19.80
CA ILE B 341 3.66 -26.21 -19.50
C ILE B 341 3.56 -26.03 -17.99
N HIS B 342 4.22 -25.00 -17.47
CA HIS B 342 4.23 -24.79 -16.03
C HIS B 342 2.93 -24.16 -15.52
N PRO B 343 2.59 -24.43 -14.25
CA PRO B 343 1.37 -23.90 -13.61
C PRO B 343 1.25 -22.40 -13.76
N TRP B 344 2.35 -21.67 -13.61
CA TRP B 344 2.28 -20.20 -13.68
C TRP B 344 1.93 -19.67 -15.08
N ALA B 345 2.18 -20.48 -16.10
CA ALA B 345 1.73 -20.16 -17.44
C ALA B 345 0.21 -20.38 -17.53
N MET B 346 -0.26 -21.49 -16.98
CA MET B 346 -1.69 -21.72 -16.83
C MET B 346 -2.29 -20.57 -16.01
N GLN B 347 -1.63 -20.23 -14.91
CA GLN B 347 -2.09 -19.14 -14.06
C GLN B 347 -2.14 -17.80 -14.79
N ALA B 348 -1.19 -17.57 -15.72
CA ALA B 348 -1.14 -16.33 -16.47
C ALA B 348 -2.26 -16.24 -17.48
N LYS B 349 -2.50 -17.33 -18.21
CA LYS B 349 -3.54 -17.34 -19.22
C LYS B 349 -4.89 -17.01 -18.59
N MET B 350 -5.18 -17.62 -17.45
CA MET B 350 -6.42 -17.36 -16.73
C MET B 350 -6.58 -15.87 -16.42
N LYS B 351 -5.48 -15.24 -16.01
CA LYS B 351 -5.51 -13.83 -15.68
C LYS B 351 -5.64 -12.98 -16.94
N ASP B 352 -5.05 -13.43 -18.03
CA ASP B 352 -5.02 -12.66 -19.27
C ASP B 352 -6.38 -12.53 -19.98
N ILE B 353 -7.37 -13.31 -19.56
CA ILE B 353 -8.68 -13.26 -20.23
C ILE B 353 -9.62 -12.24 -19.59
N VAL B 354 -9.20 -11.67 -18.47
CA VAL B 354 -9.96 -10.64 -17.75
C VAL B 354 -9.55 -9.23 -18.21
N ASN B 355 -10.53 -8.44 -18.66
CA ASN B 355 -10.25 -7.09 -19.15
C ASN B 355 -9.14 -7.14 -20.19
N SER B 356 -9.25 -8.10 -21.10
CA SER B 356 -8.24 -8.35 -22.11
C SER B 356 -8.16 -7.22 -23.13
N PRO B 357 -6.96 -6.63 -23.29
CA PRO B 357 -6.76 -5.70 -24.39
C PRO B 357 -7.20 -6.29 -25.73
N GLU B 358 -7.14 -7.61 -25.88
CA GLU B 358 -7.57 -8.24 -27.12
C GLU B 358 -9.08 -8.15 -27.31
N ASP B 359 -9.82 -8.28 -26.20
CA ASP B 359 -11.28 -8.18 -26.22
C ASP B 359 -11.72 -6.78 -26.62
N TYR B 360 -11.01 -5.77 -26.15
CA TYR B 360 -11.35 -4.39 -26.51
C TYR B 360 -11.07 -4.10 -27.98
N LYS B 361 -10.42 -5.03 -28.67
CA LYS B 361 -10.29 -4.92 -30.12
C LYS B 361 -11.33 -5.77 -30.88
N ARG B 362 -12.17 -6.48 -30.14
CA ARG B 362 -13.13 -7.43 -30.74
C ARG B 362 -14.52 -6.87 -31.03
N PHE B 363 -14.82 -5.69 -30.52
CA PHE B 363 -16.12 -5.09 -30.77
C PHE B 363 -16.06 -3.64 -31.21
N TYR B 364 -17.13 -3.22 -31.89
CA TYR B 364 -17.19 -1.93 -32.56
C TYR B 364 -18.34 -1.08 -32.05
N HIS B 365 -18.21 0.22 -32.27
CA HIS B 365 -19.27 1.18 -32.01
C HIS B 365 -19.78 1.70 -33.35
N ASN B 366 -21.10 1.85 -33.46
CA ASN B 366 -21.71 2.42 -34.65
C ASN B 366 -22.01 3.88 -34.37
N VAL B 367 -21.15 4.78 -34.86
CA VAL B 367 -21.30 6.18 -34.53
C VAL B 367 -21.84 6.96 -35.74
N ASN B 368 -23.14 7.24 -35.73
CA ASN B 368 -23.81 7.88 -36.86
C ASN B 368 -23.53 7.14 -38.17
N GLY B 369 -23.55 5.81 -38.13
CA GLY B 369 -23.33 5.00 -39.32
C GLY B 369 -21.89 4.54 -39.56
N LYS B 370 -20.94 5.17 -38.88
CA LYS B 370 -19.54 4.78 -39.01
C LYS B 370 -19.11 3.86 -37.88
N LYS B 371 -18.52 2.72 -38.25
CA LYS B 371 -18.08 1.76 -37.27
C LYS B 371 -16.68 2.11 -36.78
N ILE B 372 -16.51 2.10 -35.46
CA ILE B 372 -15.23 2.41 -34.85
C ILE B 372 -14.89 1.30 -33.87
N ARG B 373 -13.71 0.70 -33.99
CA ARG B 373 -13.29 -0.34 -33.04
C ARG B 373 -13.21 0.24 -31.62
N HIS B 374 -13.66 -0.51 -30.64
CA HIS B 374 -13.79 0.01 -29.28
C HIS B 374 -12.50 0.52 -28.64
N ASP B 375 -11.37 -0.13 -28.89
CA ASP B 375 -10.12 0.32 -28.30
C ASP B 375 -9.85 1.79 -28.67
N LYS B 376 -10.17 2.16 -29.91
CA LYS B 376 -9.91 3.52 -30.37
C LYS B 376 -10.70 4.61 -29.61
N VAL B 377 -11.75 4.21 -28.90
CA VAL B 377 -12.58 5.14 -28.14
C VAL B 377 -12.87 4.59 -26.75
N HIS B 378 -11.97 3.75 -26.25
CA HIS B 378 -12.24 2.98 -25.04
C HIS B 378 -12.67 3.84 -23.84
N ASN B 379 -11.98 4.95 -23.62
CA ASN B 379 -12.23 5.76 -22.43
C ASN B 379 -13.53 6.56 -22.46
N LEU B 380 -14.30 6.41 -23.52
CA LEU B 380 -15.53 7.18 -23.67
C LEU B 380 -16.74 6.35 -23.27
N PHE B 381 -16.53 5.06 -23.03
CA PHE B 381 -17.66 4.15 -22.83
C PHE B 381 -18.42 4.47 -21.55
N GLY B 382 -17.70 4.60 -20.45
CA GLY B 382 -18.34 4.84 -19.16
C GLY B 382 -19.00 6.20 -19.16
N TYR B 383 -18.26 7.17 -19.68
CA TYR B 383 -18.75 8.53 -19.86
C TYR B 383 -20.16 8.51 -20.49
N ASN B 384 -20.27 7.88 -21.66
CA ASN B 384 -21.51 7.88 -22.42
C ASN B 384 -22.62 7.03 -21.81
N MET B 385 -22.25 6.10 -20.93
CA MET B 385 -23.27 5.33 -20.22
C MET B 385 -23.94 6.25 -19.19
N THR B 386 -23.14 7.04 -18.48
CA THR B 386 -23.66 7.97 -17.50
C THR B 386 -24.44 9.08 -18.21
N ARG B 387 -23.99 9.41 -19.42
CA ARG B 387 -24.66 10.40 -20.25
C ARG B 387 -26.06 9.92 -20.61
N ALA B 388 -26.17 8.63 -20.93
CA ALA B 388 -27.45 8.04 -21.32
C ALA B 388 -28.46 8.23 -20.20
N ALA B 389 -28.02 8.06 -18.96
CA ALA B 389 -28.91 8.21 -17.82
C ALA B 389 -29.31 9.68 -17.61
N GLY B 390 -28.32 10.57 -17.61
CA GLY B 390 -28.58 11.97 -17.37
C GLY B 390 -29.54 12.56 -18.39
N GLU B 391 -29.32 12.22 -19.66
CA GLU B 391 -30.13 12.76 -20.74
C GLU B 391 -31.53 12.18 -20.65
N ALA B 392 -31.62 10.93 -20.22
CA ALA B 392 -32.93 10.32 -20.02
C ALA B 392 -33.66 11.01 -18.88
N PHE B 393 -32.94 11.39 -17.83
CA PHE B 393 -33.54 12.11 -16.71
C PHE B 393 -34.17 13.42 -17.16
N GLU B 394 -33.44 14.20 -17.95
CA GLU B 394 -33.96 15.46 -18.48
C GLU B 394 -35.20 15.25 -19.34
N ARG B 395 -35.24 14.16 -20.10
CA ARG B 395 -36.43 13.88 -20.89
C ARG B 395 -37.60 13.54 -19.98
N ILE B 396 -37.36 12.65 -19.02
CA ILE B 396 -38.37 12.24 -18.03
C ILE B 396 -38.91 13.40 -17.19
N ASP B 397 -38.04 14.09 -16.45
CA ASP B 397 -38.44 15.24 -15.65
C ASP B 397 -37.29 16.27 -15.61
N PRO B 398 -37.36 17.30 -16.47
CA PRO B 398 -36.26 18.24 -16.67
C PRO B 398 -36.08 19.22 -15.50
N GLU B 399 -37.04 19.30 -14.59
CA GLU B 399 -36.92 20.21 -13.46
C GLU B 399 -36.51 19.50 -12.17
N LYS B 400 -36.09 18.25 -12.29
CA LYS B 400 -35.84 17.43 -11.10
C LYS B 400 -34.47 16.76 -11.10
N ARG B 401 -33.77 16.89 -9.97
CA ARG B 401 -32.42 16.34 -9.78
C ARG B 401 -32.45 14.89 -9.31
N PHE B 402 -31.76 14.02 -10.04
CA PHE B 402 -31.60 12.64 -9.62
C PHE B 402 -30.20 12.44 -9.09
N LEU B 403 -30.05 11.62 -8.05
CA LEU B 403 -28.72 11.21 -7.60
C LEU B 403 -28.17 10.25 -8.63
N MET B 404 -26.97 10.52 -9.12
CA MET B 404 -26.37 9.67 -10.12
C MET B 404 -24.84 9.75 -9.99
N PHE B 405 -24.19 8.60 -9.90
CA PHE B 405 -22.74 8.53 -10.01
C PHE B 405 -22.23 7.24 -10.66
N SER B 406 -21.03 7.31 -11.21
CA SER B 406 -20.49 6.19 -11.99
C SER B 406 -19.07 5.82 -11.57
N ARG B 407 -18.59 4.67 -12.02
CA ARG B 407 -17.23 4.24 -11.68
C ARG B 407 -16.19 4.79 -12.66
N SER B 408 -16.34 4.44 -13.94
CA SER B 408 -15.40 4.85 -14.95
C SER B 408 -15.86 6.15 -15.61
N SER B 409 -14.91 6.95 -16.10
CA SER B 409 -15.28 8.22 -16.69
C SER B 409 -14.21 8.90 -17.53
N TYR B 410 -14.62 10.01 -18.14
CA TYR B 410 -13.80 10.81 -19.03
C TYR B 410 -14.36 12.24 -18.89
N ILE B 411 -13.55 13.24 -19.15
CA ILE B 411 -14.01 14.60 -18.93
C ILE B 411 -15.15 14.90 -19.91
N GLY B 412 -16.21 15.52 -19.39
CA GLY B 412 -17.46 15.60 -20.11
C GLY B 412 -18.52 14.86 -19.32
N MET B 413 -18.15 13.72 -18.75
CA MET B 413 -19.12 12.96 -17.96
C MET B 413 -19.54 13.74 -16.71
N HIS B 414 -18.69 14.66 -16.28
CA HIS B 414 -18.94 15.45 -15.07
C HIS B 414 -20.24 16.23 -15.11
N ARG B 415 -20.79 16.43 -16.31
CA ARG B 415 -22.04 17.19 -16.48
C ARG B 415 -23.27 16.34 -16.12
N TYR B 416 -23.12 15.01 -16.21
CA TYR B 416 -24.25 14.08 -16.09
C TYR B 416 -24.29 13.28 -14.79
N GLY B 417 -23.18 13.26 -14.04
CA GLY B 417 -23.18 12.50 -12.80
C GLY B 417 -21.84 12.56 -12.09
N GLY B 418 -21.85 12.18 -10.81
CA GLY B 418 -20.65 12.16 -10.00
C GLY B 418 -19.87 10.86 -10.17
N ILE B 419 -18.94 10.63 -9.23
CA ILE B 419 -18.05 9.48 -9.31
C ILE B 419 -17.78 8.99 -7.89
N TRP B 420 -17.68 7.68 -7.71
CA TRP B 420 -17.04 7.14 -6.51
C TRP B 420 -15.69 6.52 -6.88
N MET B 421 -14.75 6.53 -5.94
CA MET B 421 -13.37 6.16 -6.23
C MET B 421 -13.10 4.66 -6.39
N GLY B 422 -14.16 3.90 -6.59
CA GLY B 422 -14.04 2.51 -7.00
C GLY B 422 -13.67 1.54 -5.89
N ASP B 423 -13.08 0.42 -6.29
CA ASP B 423 -12.79 -0.65 -5.34
C ASP B 423 -11.52 -0.36 -4.55
N ASN B 424 -11.64 0.48 -3.53
CA ASN B 424 -10.53 0.66 -2.61
C ASN B 424 -10.40 -0.52 -1.62
N LYS B 425 -9.55 -0.36 -0.61
CA LYS B 425 -9.30 -1.43 0.36
C LYS B 425 -9.32 -0.87 1.77
N SER B 426 -9.51 -1.75 2.76
CA SER B 426 -9.48 -1.33 4.16
C SER B 426 -8.03 -1.21 4.60
N TRP B 427 -7.38 -0.18 4.05
CA TRP B 427 -6.01 0.17 4.34
C TRP B 427 -6.02 1.60 4.82
N TRP B 428 -5.21 1.90 5.85
CA TRP B 428 -5.07 3.26 6.32
C TRP B 428 -4.59 4.19 5.20
N SER B 429 -3.77 3.67 4.29
CA SER B 429 -3.21 4.48 3.21
C SER B 429 -4.25 4.91 2.19
N HIS B 430 -5.42 4.29 2.24
CA HIS B 430 -6.50 4.66 1.32
C HIS B 430 -7.31 5.84 1.84
N ILE B 431 -7.21 6.13 3.14
CA ILE B 431 -7.75 7.40 3.65
C ILE B 431 -7.01 8.54 2.96
N LEU B 432 -5.69 8.43 2.91
CA LEU B 432 -4.86 9.43 2.23
C LEU B 432 -5.13 9.45 0.71
N LEU B 433 -5.24 8.28 0.10
CA LEU B 433 -5.56 8.20 -1.32
C LEU B 433 -6.87 8.94 -1.59
N ASN B 434 -7.88 8.63 -0.80
CA ASN B 434 -9.16 9.31 -0.88
C ASN B 434 -8.97 10.82 -0.79
N LEU B 435 -8.35 11.28 0.29
CA LEU B 435 -8.11 12.70 0.51
C LEU B 435 -7.48 13.35 -0.71
N LYS B 436 -6.38 12.78 -1.21
CA LYS B 436 -5.60 13.39 -2.29
C LYS B 436 -6.29 13.44 -3.65
N MET B 437 -7.15 12.46 -3.94
CA MET B 437 -7.83 12.44 -5.23
C MET B 437 -8.82 13.59 -5.37
N LEU B 438 -9.32 14.11 -4.25
CA LEU B 438 -10.41 15.09 -4.28
C LEU B 438 -10.15 16.40 -5.06
N PRO B 439 -9.08 17.13 -4.71
CA PRO B 439 -8.86 18.38 -5.44
C PRO B 439 -8.68 18.15 -6.94
N SER B 440 -7.97 17.08 -7.30
CA SER B 440 -7.73 16.74 -8.70
C SER B 440 -9.02 16.48 -9.45
N LEU B 441 -9.95 15.80 -8.79
CA LEU B 441 -11.26 15.56 -9.40
C LEU B 441 -12.02 16.87 -9.59
N ASN B 442 -11.95 17.75 -8.59
CA ASN B 442 -12.56 19.07 -8.70
C ASN B 442 -12.05 19.86 -9.90
N MET B 443 -10.73 19.83 -10.09
CA MET B 443 -10.11 20.51 -11.23
C MET B 443 -10.71 20.05 -12.54
N CYS B 444 -11.21 18.81 -12.56
CA CYS B 444 -11.70 18.17 -13.78
C CYS B 444 -13.23 18.14 -13.89
N GLY B 445 -13.90 18.88 -13.01
CA GLY B 445 -15.35 19.02 -13.08
C GLY B 445 -16.14 18.04 -12.23
N PHE B 446 -15.45 17.08 -11.63
CA PHE B 446 -16.13 16.10 -10.77
C PHE B 446 -16.13 16.55 -9.32
N MET B 447 -17.27 17.08 -8.87
CA MET B 447 -17.40 17.62 -7.52
C MET B 447 -18.17 16.66 -6.60
N TYR B 448 -19.22 16.03 -7.10
CA TYR B 448 -19.92 15.04 -6.28
C TYR B 448 -19.13 13.73 -6.30
N THR B 449 -18.26 13.54 -5.31
CA THR B 449 -17.39 12.38 -5.30
C THR B 449 -17.09 11.94 -3.87
N GLY B 450 -16.57 10.71 -3.75
CA GLY B 450 -16.23 10.13 -2.46
C GLY B 450 -15.66 8.74 -2.67
N ALA B 451 -15.17 8.14 -1.59
CA ALA B 451 -14.64 6.78 -1.58
C ALA B 451 -15.49 5.83 -0.74
N ASP B 452 -15.33 4.53 -0.95
CA ASP B 452 -15.99 3.58 -0.05
C ASP B 452 -15.40 3.69 1.36
N LEU B 453 -16.17 4.25 2.27
CA LEU B 453 -15.72 4.55 3.62
C LEU B 453 -15.56 3.29 4.47
N GLY B 454 -14.38 3.13 5.06
CA GLY B 454 -14.03 1.94 5.83
C GLY B 454 -13.24 1.00 4.97
N GLY B 455 -13.30 1.21 3.65
CA GLY B 455 -12.60 0.35 2.72
C GLY B 455 -13.51 -0.71 2.12
N PHE B 456 -13.53 -0.79 0.79
CA PHE B 456 -14.32 -1.78 0.09
C PHE B 456 -13.80 -3.21 0.36
N GLY B 457 -12.63 -3.54 -0.18
CA GLY B 457 -12.07 -4.88 -0.01
C GLY B 457 -11.30 -5.07 1.29
N ASP B 458 -11.11 -6.33 1.69
CA ASP B 458 -10.36 -6.67 2.91
C ASP B 458 -11.11 -6.32 4.21
N ASP B 459 -10.51 -6.62 5.35
CA ASP B 459 -11.20 -6.45 6.63
C ASP B 459 -10.84 -5.16 7.37
N THR B 460 -11.86 -4.37 7.67
N THR B 460 -11.85 -4.36 7.67
CA THR B 460 -11.68 -3.10 8.36
CA THR B 460 -11.63 -3.11 8.36
C THR B 460 -11.66 -3.34 9.87
C THR B 460 -11.55 -3.36 9.86
N THR B 461 -11.34 -2.29 10.62
CA THR B 461 -11.37 -2.34 12.07
C THR B 461 -12.17 -1.15 12.56
N ARG B 462 -12.60 -1.19 13.81
CA ARG B 462 -13.42 -0.12 14.35
C ARG B 462 -12.77 1.26 14.14
N ASP B 463 -11.46 1.34 14.41
CA ASP B 463 -10.76 2.62 14.31
C ASP B 463 -10.50 3.06 12.87
N LEU B 464 -10.27 2.12 11.96
CA LEU B 464 -10.11 2.50 10.56
C LEU B 464 -11.43 3.06 10.02
N LEU B 465 -12.53 2.45 10.42
CA LEU B 465 -13.82 2.94 9.96
C LEU B 465 -14.08 4.35 10.50
N LEU B 466 -13.86 4.56 11.79
CA LEU B 466 -14.12 5.88 12.37
C LEU B 466 -13.29 7.00 11.73
N ARG B 467 -12.02 6.73 11.44
CA ARG B 467 -11.18 7.73 10.75
C ARG B 467 -11.63 7.94 9.30
N PHE B 468 -12.12 6.89 8.65
CA PHE B 468 -12.59 6.99 7.27
C PHE B 468 -13.83 7.87 7.20
N LEU B 469 -14.70 7.72 8.21
CA LEU B 469 -15.96 8.48 8.26
C LEU B 469 -15.75 9.96 8.59
N ALA B 470 -14.68 10.28 9.31
CA ALA B 470 -14.33 11.68 9.61
C ALA B 470 -13.80 12.40 8.38
N LEU B 471 -13.28 11.65 7.43
CA LEU B 471 -12.95 12.22 6.13
C LEU B 471 -14.23 12.34 5.30
N GLY B 472 -15.06 11.29 5.36
CA GLY B 472 -16.33 11.26 4.66
C GLY B 472 -17.24 12.42 5.00
N VAL B 473 -17.18 12.86 6.26
CA VAL B 473 -17.98 13.99 6.73
C VAL B 473 -17.93 15.13 5.71
N PHE B 474 -16.76 15.30 5.08
CA PHE B 474 -16.53 16.43 4.19
C PHE B 474 -16.68 16.16 2.69
N THR B 475 -16.68 14.90 2.28
CA THR B 475 -16.81 14.58 0.86
C THR B 475 -18.29 14.54 0.48
N PRO B 476 -18.65 15.16 -0.66
CA PRO B 476 -20.08 15.24 -0.98
C PRO B 476 -20.77 13.88 -0.96
N LEU B 477 -20.16 12.88 -1.60
CA LEU B 477 -20.58 11.49 -1.44
C LEU B 477 -19.99 10.94 -0.15
N MET B 478 -20.86 10.64 0.81
CA MET B 478 -20.47 9.96 2.04
C MET B 478 -21.23 8.64 2.17
N ARG B 479 -20.60 7.53 1.79
CA ARG B 479 -21.21 6.23 2.03
C ARG B 479 -20.24 5.13 2.46
N ASP B 480 -20.70 4.34 3.43
CA ASP B 480 -20.04 3.16 3.91
C ASP B 480 -20.42 1.98 3.00
N HIS B 481 -19.44 1.43 2.28
CA HIS B 481 -19.69 0.31 1.35
C HIS B 481 -18.65 -0.81 1.51
N ALA B 482 -19.08 -2.07 1.36
CA ALA B 482 -18.17 -3.21 1.53
C ALA B 482 -18.41 -4.29 0.48
N ALA B 483 -17.37 -5.05 0.17
CA ALA B 483 -17.48 -6.18 -0.76
C ALA B 483 -17.96 -7.44 -0.04
N GLU B 484 -18.44 -8.41 -0.80
CA GLU B 484 -18.87 -9.66 -0.19
C GLU B 484 -17.65 -10.36 0.47
N GLY B 485 -17.91 -11.10 1.54
CA GLY B 485 -16.87 -11.87 2.18
C GLY B 485 -15.99 -11.05 3.11
N THR B 486 -16.24 -9.74 3.20
CA THR B 486 -15.46 -8.93 4.13
C THR B 486 -16.13 -8.88 5.48
N ARG B 487 -15.36 -8.58 6.53
CA ARG B 487 -15.93 -8.32 7.84
C ARG B 487 -17.04 -7.28 7.67
N GLU B 488 -18.20 -7.52 8.27
CA GLU B 488 -19.32 -6.57 8.22
C GLU B 488 -18.92 -5.24 8.86
N GLN B 489 -19.17 -4.14 8.16
CA GLN B 489 -18.70 -2.83 8.63
C GLN B 489 -19.76 -1.72 8.66
N GLU B 490 -21.02 -2.08 8.88
CA GLU B 490 -22.03 -1.09 9.22
C GLU B 490 -21.67 -0.47 10.56
N CYS B 491 -22.06 0.78 10.78
CA CYS B 491 -21.67 1.48 12.00
C CYS B 491 -22.11 0.74 13.26
N TYR B 492 -23.13 -0.09 13.14
CA TYR B 492 -23.70 -0.79 14.29
C TYR B 492 -23.08 -2.16 14.50
N GLN B 493 -22.04 -2.48 13.72
CA GLN B 493 -21.35 -3.76 13.85
C GLN B 493 -20.19 -3.66 14.86
N PHE B 494 -20.12 -2.53 15.56
CA PHE B 494 -19.00 -2.26 16.46
C PHE B 494 -19.43 -1.81 17.86
N GLU B 495 -18.55 -2.00 18.83
CA GLU B 495 -18.84 -1.62 20.21
C GLU B 495 -18.86 -0.10 20.35
N ASN B 496 -19.46 0.39 21.43
CA ASN B 496 -19.54 1.82 21.68
C ASN B 496 -20.00 2.56 20.43
N ILE B 497 -21.20 2.22 20.00
CA ILE B 497 -21.76 2.76 18.77
C ILE B 497 -21.99 4.26 18.84
N GLU B 498 -21.95 4.82 20.05
CA GLU B 498 -22.13 6.26 20.22
C GLU B 498 -21.07 7.07 19.48
N ASP B 499 -19.88 6.51 19.32
CA ASP B 499 -18.82 7.20 18.59
C ASP B 499 -19.16 7.38 17.12
N PHE B 500 -19.82 6.37 16.55
CA PHE B 500 -20.29 6.46 15.16
C PHE B 500 -21.43 7.46 15.05
N ARG B 501 -22.31 7.50 16.06
CA ARG B 501 -23.34 8.53 16.06
C ARG B 501 -22.69 9.91 16.01
N SER B 502 -21.71 10.10 16.90
CA SER B 502 -21.00 11.37 17.02
CA SER B 502 -21.00 11.37 17.02
C SER B 502 -20.42 11.85 15.70
N VAL B 503 -19.73 10.96 14.98
CA VAL B 503 -19.08 11.35 13.73
C VAL B 503 -20.09 11.66 12.62
N ILE B 504 -21.13 10.84 12.48
CA ILE B 504 -22.14 11.08 11.46
C ILE B 504 -22.92 12.35 11.82
N ASN B 505 -23.12 12.55 13.11
CA ASN B 505 -23.79 13.76 13.59
C ASN B 505 -23.10 15.02 13.10
N ALA B 506 -21.77 14.97 12.99
CA ALA B 506 -21.02 16.12 12.52
C ALA B 506 -21.29 16.37 11.04
N ARG B 507 -21.46 15.29 10.29
CA ARG B 507 -21.82 15.38 8.87
C ARG B 507 -23.13 16.14 8.72
N TYR B 508 -24.12 15.78 9.54
CA TYR B 508 -25.42 16.42 9.45
C TYR B 508 -25.45 17.84 9.98
N ARG B 509 -24.67 18.13 11.01
CA ARG B 509 -24.61 19.51 11.49
C ARG B 509 -23.96 20.43 10.45
N LEU B 510 -23.14 19.85 9.58
CA LEU B 510 -22.44 20.64 8.56
C LEU B 510 -23.12 20.62 7.18
N VAL B 511 -24.18 19.86 7.03
CA VAL B 511 -24.84 19.76 5.73
C VAL B 511 -25.25 21.11 5.10
N PRO B 512 -25.98 21.97 5.85
CA PRO B 512 -26.33 23.28 5.29
C PRO B 512 -25.10 23.98 4.72
N TYR B 513 -24.01 24.01 5.48
CA TYR B 513 -22.77 24.62 5.01
C TYR B 513 -22.15 23.91 3.79
N LEU B 514 -21.98 22.59 3.88
CA LEU B 514 -21.40 21.83 2.78
C LEU B 514 -22.23 21.92 1.51
N TYR B 515 -23.55 21.84 1.66
CA TYR B 515 -24.44 22.00 0.52
C TYR B 515 -24.33 23.40 -0.07
N SER B 516 -24.33 24.40 0.80
CA SER B 516 -24.25 25.78 0.32
C SER B 516 -22.99 25.91 -0.50
N GLU B 517 -21.89 25.41 0.06
CA GLU B 517 -20.59 25.50 -0.61
C GLU B 517 -20.58 24.79 -1.95
N TYR B 518 -21.21 23.62 -2.01
CA TYR B 518 -21.26 22.86 -3.24
C TYR B 518 -22.04 23.62 -4.32
N MET B 519 -23.20 24.14 -3.95
CA MET B 519 -24.02 24.86 -4.91
C MET B 519 -23.30 26.10 -5.42
N LYS B 520 -22.70 26.86 -4.52
CA LYS B 520 -22.01 28.06 -4.95
C LYS B 520 -20.87 27.72 -5.88
N ALA B 521 -20.19 26.60 -5.61
CA ALA B 521 -19.07 26.18 -6.43
C ALA B 521 -19.53 25.73 -7.81
N ALA B 522 -20.57 24.90 -7.81
CA ALA B 522 -21.10 24.32 -9.04
C ALA B 522 -21.67 25.39 -9.95
N LEU B 523 -22.52 26.25 -9.41
CA LEU B 523 -23.17 27.28 -10.20
C LEU B 523 -22.16 28.27 -10.73
N ASN B 524 -20.99 28.34 -10.11
CA ASN B 524 -19.96 29.30 -10.53
C ASN B 524 -18.74 28.67 -11.18
N ASP B 525 -18.83 27.40 -11.57
CA ASP B 525 -17.70 26.71 -12.16
C ASP B 525 -16.45 26.84 -11.28
N ASP B 526 -16.62 26.74 -9.97
CA ASP B 526 -15.52 26.87 -9.02
C ASP B 526 -15.26 25.54 -8.30
N MET B 527 -14.21 25.51 -7.47
CA MET B 527 -13.84 24.26 -6.79
C MET B 527 -14.39 24.19 -5.36
N TYR B 528 -14.84 22.99 -4.99
CA TYR B 528 -15.28 22.68 -3.63
C TYR B 528 -14.06 22.38 -2.75
N PHE B 529 -13.21 21.48 -3.22
CA PHE B 529 -11.92 21.19 -2.57
C PHE B 529 -10.82 21.80 -3.39
N LYS B 530 -9.83 22.36 -2.70
CA LYS B 530 -8.72 23.06 -3.34
C LYS B 530 -7.44 22.67 -2.62
N PRO B 531 -6.36 22.50 -3.38
CA PRO B 531 -5.07 22.32 -2.69
C PRO B 531 -4.70 23.64 -2.01
N LEU B 532 -3.97 23.56 -0.91
CA LEU B 532 -3.45 24.75 -0.25
C LEU B 532 -2.76 25.71 -1.24
N GLY B 533 -2.04 25.15 -2.21
CA GLY B 533 -1.36 25.97 -3.21
C GLY B 533 -2.25 26.94 -3.97
N PHE B 534 -3.50 26.56 -4.19
CA PHE B 534 -4.44 27.43 -4.89
C PHE B 534 -4.89 28.60 -4.02
N VAL B 535 -4.92 28.41 -2.71
CA VAL B 535 -5.38 29.47 -1.82
C VAL B 535 -4.23 30.34 -1.29
N TYR B 536 -3.05 29.74 -1.11
CA TYR B 536 -1.90 30.51 -0.61
C TYR B 536 -0.71 30.37 -1.55
N PRO B 537 -0.85 30.85 -2.80
CA PRO B 537 0.13 30.59 -3.85
C PRO B 537 1.54 31.12 -3.56
N ASP B 538 1.67 32.17 -2.78
CA ASP B 538 2.99 32.76 -2.48
C ASP B 538 3.74 32.08 -1.33
N ASP B 539 3.05 31.21 -0.59
CA ASP B 539 3.64 30.54 0.56
C ASP B 539 4.25 29.22 0.10
N LYS B 540 5.58 29.14 0.10
CA LYS B 540 6.26 28.00 -0.50
C LYS B 540 6.14 26.71 0.33
N MET B 541 5.76 26.87 1.59
CA MET B 541 5.46 25.73 2.45
C MET B 541 4.04 25.22 2.16
N ALA B 542 3.09 26.14 2.09
CA ALA B 542 1.69 25.77 1.83
C ALA B 542 1.52 25.01 0.53
N ILE B 543 2.26 25.39 -0.51
CA ILE B 543 2.05 24.77 -1.82
C ILE B 543 2.52 23.31 -1.89
N ARG B 544 3.28 22.85 -0.90
CA ARG B 544 3.78 21.47 -0.87
C ARG B 544 2.95 20.57 0.03
N VAL B 545 2.06 21.15 0.82
CA VAL B 545 1.14 20.37 1.65
C VAL B 545 0.20 19.49 0.82
N GLU B 546 0.16 18.19 1.11
CA GLU B 546 -0.68 17.30 0.34
C GLU B 546 -1.67 16.52 1.17
N ASP B 547 -1.68 16.73 2.49
CA ASP B 547 -2.59 15.97 3.35
C ASP B 547 -3.51 16.87 4.14
N GLN B 548 -3.75 18.06 3.58
CA GLN B 548 -4.75 19.00 4.07
C GLN B 548 -5.39 19.59 2.82
N LEU B 549 -6.66 19.98 2.93
CA LEU B 549 -7.35 20.61 1.80
C LEU B 549 -8.17 21.81 2.24
N MET B 550 -8.28 22.83 1.38
CA MET B 550 -9.21 23.94 1.59
C MET B 550 -10.59 23.54 1.07
N LEU B 551 -11.63 23.93 1.80
CA LEU B 551 -12.99 23.64 1.39
C LEU B 551 -13.71 24.97 1.28
N GLY B 552 -14.26 25.28 0.12
CA GLY B 552 -14.90 26.56 -0.11
C GLY B 552 -13.90 27.69 0.11
N ASN B 553 -14.35 28.73 0.81
CA ASN B 553 -13.48 29.85 1.15
C ASN B 553 -13.46 30.10 2.65
N GLU B 554 -13.99 29.15 3.42
CA GLU B 554 -14.11 29.33 4.86
C GLU B 554 -13.18 28.45 5.67
N ILE B 555 -12.99 27.21 5.23
CA ILE B 555 -12.30 26.24 6.10
C ILE B 555 -11.19 25.44 5.42
N MET B 556 -10.45 24.70 6.24
CA MET B 556 -9.44 23.78 5.78
C MET B 556 -9.69 22.47 6.53
N ILE B 557 -9.47 21.34 5.87
CA ILE B 557 -9.57 20.05 6.54
C ILE B 557 -8.19 19.38 6.63
N ALA B 558 -8.02 18.53 7.63
CA ALA B 558 -6.78 17.82 7.88
C ALA B 558 -7.10 16.57 8.70
N PRO B 559 -7.52 15.49 8.02
CA PRO B 559 -7.96 14.24 8.66
C PRO B 559 -6.78 13.41 9.14
N VAL B 560 -6.97 12.71 10.26
CA VAL B 560 -5.95 11.80 10.76
C VAL B 560 -6.02 10.50 9.96
N TYR B 561 -4.89 10.04 9.42
CA TYR B 561 -4.88 8.82 8.61
C TYR B 561 -3.81 7.83 9.05
N GLU B 562 -3.40 7.92 10.31
CA GLU B 562 -2.40 7.01 10.86
C GLU B 562 -3.01 6.18 11.97
N GLN B 563 -2.85 4.86 11.88
CA GLN B 563 -3.37 3.97 12.91
C GLN B 563 -2.72 4.23 14.28
N ASN B 564 -3.56 4.26 15.31
CA ASN B 564 -3.13 4.52 16.69
C ASN B 564 -2.77 5.96 17.00
N ALA B 565 -2.78 6.81 15.98
CA ALA B 565 -2.46 8.22 16.14
C ALA B 565 -3.53 8.95 16.94
N ARG B 566 -3.13 9.82 17.86
CA ARG B 566 -4.10 10.58 18.64
C ARG B 566 -4.10 12.05 18.25
N GLY B 567 -3.47 12.34 17.11
CA GLY B 567 -3.38 13.69 16.59
C GLY B 567 -2.49 13.65 15.36
N ARG B 568 -2.19 14.81 14.80
CA ARG B 568 -1.34 14.87 13.62
C ARG B 568 -0.72 16.25 13.47
N TYR B 569 0.35 16.34 12.69
CA TYR B 569 0.93 17.64 12.37
C TYR B 569 0.09 18.33 11.32
N VAL B 570 -0.12 19.64 11.51
CA VAL B 570 -0.78 20.46 10.50
C VAL B 570 0.06 21.71 10.25
N TYR B 571 0.02 22.21 9.03
CA TYR B 571 0.57 23.53 8.73
C TYR B 571 -0.56 24.51 8.44
N LEU B 572 -0.60 25.62 9.18
CA LEU B 572 -1.59 26.68 8.94
C LEU B 572 -0.91 27.84 8.22
N PRO B 573 -1.36 28.18 7.00
CA PRO B 573 -0.72 29.29 6.27
C PRO B 573 -1.25 30.65 6.69
N GLU B 574 -2.29 30.66 7.51
CA GLU B 574 -2.75 31.88 8.17
C GLU B 574 -3.28 31.48 9.54
N GLU B 575 -3.64 32.46 10.35
CA GLU B 575 -4.29 32.17 11.61
C GLU B 575 -5.64 31.53 11.37
N MET B 576 -5.97 30.49 12.14
CA MET B 576 -7.25 29.81 12.00
C MET B 576 -7.79 29.44 13.36
N LYS B 577 -9.09 29.21 13.44
CA LYS B 577 -9.67 28.62 14.65
C LYS B 577 -9.72 27.11 14.50
N PHE B 578 -9.07 26.40 15.41
CA PHE B 578 -9.12 24.94 15.43
C PHE B 578 -10.43 24.47 16.05
N ILE B 579 -11.27 23.84 15.22
CA ILE B 579 -12.58 23.37 15.66
C ILE B 579 -12.68 21.84 15.70
N LYS B 580 -13.25 21.32 16.78
CA LYS B 580 -13.60 19.91 16.86
C LYS B 580 -15.05 19.72 17.29
N PHE B 581 -15.78 18.84 16.58
CA PHE B 581 -17.08 18.41 17.05
C PHE B 581 -16.90 17.27 18.05
N MET B 582 -17.15 17.56 19.31
CA MET B 582 -16.90 16.60 20.38
C MET B 582 -18.00 15.53 20.48
N PRO B 583 -17.63 14.35 21.01
CA PRO B 583 -18.56 13.23 21.18
C PRO B 583 -19.81 13.64 21.95
N ASP B 584 -19.67 14.61 22.84
CA ASP B 584 -20.78 15.04 23.67
C ASP B 584 -21.67 16.04 22.94
N GLY B 585 -21.34 16.31 21.68
CA GLY B 585 -22.12 17.24 20.87
C GLY B 585 -21.72 18.68 21.05
N SER B 586 -20.66 18.93 21.80
CA SER B 586 -20.14 20.29 21.93
C SER B 586 -19.07 20.54 20.88
N ILE B 587 -18.76 21.81 20.66
CA ILE B 587 -17.81 22.21 19.63
C ILE B 587 -16.61 22.94 20.23
N SER B 588 -15.50 22.23 20.40
CA SER B 588 -14.32 22.84 20.98
C SER B 588 -13.72 23.84 20.01
N GLU B 589 -13.18 24.92 20.53
CA GLU B 589 -12.62 25.97 19.71
C GLU B 589 -11.31 26.49 20.30
N GLU B 590 -10.33 26.69 19.44
CA GLU B 590 -9.03 27.17 19.86
C GLU B 590 -8.40 27.94 18.70
N VAL B 591 -7.92 29.14 18.97
CA VAL B 591 -7.21 29.92 17.97
C VAL B 591 -5.77 29.43 17.82
N LEU B 592 -5.29 29.31 16.59
CA LEU B 592 -3.92 28.89 16.33
C LEU B 592 -3.23 29.78 15.32
N GLU B 593 -2.05 30.27 15.69
CA GLU B 593 -1.29 31.18 14.85
C GLU B 593 -0.78 30.47 13.60
N LYS B 594 -0.45 31.24 12.57
CA LYS B 594 0.17 30.70 11.38
C LYS B 594 1.38 29.85 11.79
N GLY B 595 1.62 28.75 11.09
CA GLY B 595 2.79 27.94 11.37
C GLY B 595 2.50 26.46 11.53
N VAL B 596 3.50 25.74 12.03
CA VAL B 596 3.42 24.31 12.23
C VAL B 596 2.86 24.03 13.61
N HIS B 597 1.94 23.08 13.69
CA HIS B 597 1.38 22.69 14.97
C HIS B 597 1.16 21.18 15.00
N TYR B 598 1.20 20.61 16.20
CA TYR B 598 0.66 19.28 16.40
C TYR B 598 -0.69 19.40 17.07
N VAL B 599 -1.70 18.75 16.51
CA VAL B 599 -3.04 18.85 17.07
C VAL B 599 -3.58 17.51 17.58
N ASP B 600 -4.28 17.56 18.71
CA ASP B 600 -4.92 16.38 19.26
C ASP B 600 -6.30 16.16 18.63
N VAL B 601 -6.48 14.99 18.03
CA VAL B 601 -7.77 14.58 17.50
C VAL B 601 -8.05 13.15 17.94
N ALA B 602 -8.98 12.99 18.88
CA ALA B 602 -9.38 11.67 19.35
C ALA B 602 -10.11 10.93 18.24
N LEU B 603 -10.22 9.61 18.39
CA LEU B 603 -10.90 8.76 17.42
C LEU B 603 -12.32 9.22 17.17
N ASN B 604 -12.95 9.81 18.19
CA ASN B 604 -14.37 10.20 18.08
C ASN B 604 -14.62 11.70 17.98
N GLU B 605 -13.64 12.43 17.48
CA GLU B 605 -13.78 13.87 17.32
C GLU B 605 -13.57 14.20 15.86
N VAL B 606 -14.34 15.15 15.34
CA VAL B 606 -14.16 15.56 13.95
C VAL B 606 -13.56 16.96 13.87
N PRO B 607 -12.35 17.05 13.30
CA PRO B 607 -11.62 18.32 13.26
C PRO B 607 -11.82 19.09 11.95
N LEU B 608 -11.78 20.41 12.03
CA LEU B 608 -11.64 21.30 10.87
C LEU B 608 -11.04 22.62 11.34
N PHE B 609 -10.65 23.47 10.39
CA PHE B 609 -10.13 24.79 10.72
C PHE B 609 -10.91 25.87 9.99
N ILE B 610 -11.19 26.96 10.71
CA ILE B 610 -11.85 28.12 10.15
C ILE B 610 -10.89 29.28 9.90
N ARG B 611 -10.81 29.72 8.65
CA ARG B 611 -9.88 30.78 8.27
C ARG B 611 -10.12 32.07 9.03
N SER B 612 -9.05 32.81 9.29
CA SER B 612 -9.15 34.17 9.81
C SER B 612 -10.18 34.94 9.00
N GLY B 613 -11.03 35.70 9.69
CA GLY B 613 -11.97 36.57 9.01
C GLY B 613 -13.14 35.85 8.34
N LYS B 614 -13.35 34.59 8.69
CA LYS B 614 -14.47 33.82 8.15
C LYS B 614 -15.28 33.13 9.25
N CYS B 615 -16.49 32.71 8.89
CA CYS B 615 -17.32 31.88 9.77
C CYS B 615 -18.12 30.90 8.93
N ILE B 616 -18.72 29.91 9.58
CA ILE B 616 -19.64 28.98 8.92
C ILE B 616 -20.86 28.69 9.79
N PRO B 617 -22.00 28.43 9.14
CA PRO B 617 -23.23 27.97 9.79
C PRO B 617 -23.14 26.52 10.26
N VAL B 618 -23.59 26.25 11.47
CA VAL B 618 -23.62 24.89 12.01
C VAL B 618 -24.98 24.57 12.60
N ALA B 619 -25.69 23.62 12.00
CA ALA B 619 -27.03 23.28 12.48
C ALA B 619 -26.96 22.25 13.60
N GLU B 620 -28.07 22.08 14.29
CA GLU B 620 -28.20 21.00 15.27
C GLU B 620 -28.32 19.66 14.55
N ALA B 621 -27.78 18.62 15.15
CA ALA B 621 -27.83 17.29 14.57
C ALA B 621 -29.27 16.84 14.30
N ALA B 622 -29.49 16.28 13.12
CA ALA B 622 -30.76 15.65 12.80
C ALA B 622 -30.46 14.28 12.17
N GLU B 623 -31.47 13.43 12.07
CA GLU B 623 -31.26 12.05 11.62
C GLU B 623 -31.52 11.86 10.13
N CYS B 624 -32.02 12.90 9.47
CA CYS B 624 -32.17 12.91 8.02
C CYS B 624 -32.12 14.33 7.50
N VAL B 625 -31.78 14.49 6.22
CA VAL B 625 -31.60 15.82 5.65
C VAL B 625 -32.85 16.68 5.84
N LYS B 626 -34.02 16.09 5.58
CA LYS B 626 -35.28 16.81 5.67
C LYS B 626 -35.50 17.46 7.05
N ASP B 627 -35.01 16.82 8.11
CA ASP B 627 -35.29 17.29 9.46
C ASP B 627 -34.27 18.26 10.04
N ILE B 628 -33.30 18.70 9.24
CA ILE B 628 -32.31 19.65 9.73
C ILE B 628 -32.92 21.04 9.86
N ASP B 629 -32.81 21.63 11.05
CA ASP B 629 -33.36 22.95 11.28
C ASP B 629 -32.38 24.04 10.83
N THR B 630 -32.63 24.62 9.66
CA THR B 630 -31.75 25.65 9.13
C THR B 630 -32.27 27.06 9.39
N GLU B 631 -33.33 27.14 10.21
CA GLU B 631 -33.96 28.43 10.50
C GLU B 631 -32.99 29.35 11.23
N ASN B 632 -32.46 28.87 12.35
CA ASN B 632 -31.50 29.65 13.12
C ASN B 632 -30.28 28.84 13.51
N MET B 633 -29.33 28.76 12.59
CA MET B 633 -28.11 28.01 12.82
C MET B 633 -27.05 28.85 13.54
N GLN B 634 -26.31 28.20 14.42
CA GLN B 634 -25.24 28.82 15.17
C GLN B 634 -24.07 29.14 14.24
N LEU B 635 -23.48 30.32 14.40
CA LEU B 635 -22.33 30.70 13.60
C LEU B 635 -21.03 30.47 14.37
N ILE B 636 -20.09 29.76 13.74
CA ILE B 636 -18.79 29.44 14.32
C ILE B 636 -17.67 30.12 13.54
N GLY B 637 -16.67 30.64 14.24
CA GLY B 637 -15.58 31.33 13.58
C GLY B 637 -15.36 32.74 14.10
N TYR B 638 -15.00 33.63 13.19
CA TYR B 638 -14.55 34.97 13.55
C TYR B 638 -15.65 36.04 13.63
N GLU B 639 -15.75 36.69 14.77
CA GLU B 639 -16.71 37.77 14.98
C GLU B 639 -16.58 38.80 13.86
N GLY B 640 -17.72 39.36 13.44
CA GLY B 640 -17.71 40.40 12.43
C GLY B 640 -17.60 39.92 11.00
N SER B 641 -17.38 38.61 10.81
CA SER B 641 -17.32 38.05 9.47
C SER B 641 -18.71 37.71 8.91
N SER B 642 -18.81 37.62 7.59
CA SER B 642 -20.07 37.28 6.95
C SER B 642 -19.97 36.00 6.16
N TYR B 643 -21.07 35.26 6.09
CA TYR B 643 -21.17 34.10 5.23
C TYR B 643 -22.42 34.17 4.35
N THR B 644 -22.23 33.96 3.05
CA THR B 644 -23.37 33.88 2.14
C THR B 644 -23.86 32.43 2.03
N LEU B 645 -25.02 32.18 2.60
CA LEU B 645 -25.61 30.84 2.60
C LEU B 645 -26.57 30.64 1.42
N TYR B 646 -26.22 29.71 0.53
CA TYR B 646 -27.11 29.31 -0.56
C TYR B 646 -28.07 28.24 -0.06
N GLU B 647 -29.32 28.33 -0.44
CA GLU B 647 -30.32 27.40 0.06
C GLU B 647 -31.55 27.37 -0.85
N ASP B 648 -31.84 26.21 -1.46
CA ASP B 648 -33.08 26.02 -2.24
C ASP B 648 -33.84 24.79 -1.73
N ASP B 649 -34.78 24.27 -2.53
CA ASP B 649 -35.60 23.16 -2.05
C ASP B 649 -34.87 21.82 -2.11
N GLY B 650 -33.74 21.81 -2.81
CA GLY B 650 -32.86 20.65 -2.81
C GLY B 650 -33.40 19.56 -3.70
N ILE B 651 -34.45 19.88 -4.46
CA ILE B 651 -35.18 18.89 -5.24
C ILE B 651 -35.29 19.24 -6.73
N HIS B 652 -35.66 20.48 -7.00
CA HIS B 652 -35.74 20.98 -8.37
C HIS B 652 -34.53 21.82 -8.77
N LYS B 653 -34.62 22.53 -9.88
CA LYS B 653 -33.44 23.18 -10.43
C LYS B 653 -33.60 24.70 -10.51
N ASP B 654 -34.31 25.25 -9.53
CA ASP B 654 -34.57 26.68 -9.48
C ASP B 654 -33.36 27.42 -8.86
N TYR B 655 -32.24 27.34 -9.56
CA TYR B 655 -30.94 27.83 -9.07
C TYR B 655 -30.78 29.35 -9.02
N ASP B 656 -31.34 30.06 -9.99
CA ASP B 656 -31.04 31.50 -10.18
C ASP B 656 -31.89 32.50 -9.41
N LYS B 657 -32.64 32.05 -8.42
CA LYS B 657 -33.39 32.99 -7.60
C LYS B 657 -32.45 33.73 -6.63
N LYS B 658 -32.65 35.03 -6.48
CA LYS B 658 -31.90 35.81 -5.51
C LYS B 658 -32.30 35.44 -4.09
N GLU B 659 -33.49 34.88 -3.93
CA GLU B 659 -33.97 34.42 -2.64
C GLU B 659 -33.19 33.19 -2.18
N ASN B 660 -32.36 32.63 -3.07
CA ASN B 660 -31.59 31.45 -2.70
C ASN B 660 -30.38 31.82 -1.83
N TYR B 661 -30.04 33.11 -1.82
CA TYR B 661 -28.89 33.58 -1.08
C TYR B 661 -29.31 34.42 0.13
N ARG B 662 -28.72 34.10 1.27
CA ARG B 662 -28.98 34.81 2.51
C ARG B 662 -27.65 35.05 3.22
N VAL B 663 -27.33 36.32 3.46
CA VAL B 663 -26.09 36.69 4.13
C VAL B 663 -26.22 36.65 5.64
N LEU B 664 -25.36 35.86 6.28
CA LEU B 664 -25.31 35.74 7.74
C LEU B 664 -24.05 36.39 8.27
N THR B 665 -24.16 37.06 9.41
CA THR B 665 -23.02 37.73 10.02
C THR B 665 -22.90 37.37 11.50
N LYS B 666 -21.70 36.99 11.93
CA LYS B 666 -21.51 36.54 13.29
C LYS B 666 -21.27 37.68 14.27
C1 GLC C . -35.44 29.68 -13.09
C2 GLC C . -34.15 29.27 -12.35
C3 GLC C . -33.18 28.60 -13.33
C4 GLC C . -33.93 27.37 -13.87
C5 GLC C . -35.21 27.81 -14.59
C6 GLC C . -36.43 27.07 -14.07
O1 GLC C . -35.48 31.09 -13.27
O2 GLC C . -33.56 30.39 -11.70
O3 GLC C . -31.93 28.26 -12.72
O4 GLC C . -33.20 26.49 -14.73
O5 GLC C . -35.40 29.24 -14.44
O6 GLC C . -36.03 26.07 -13.11
C1 GLC C . -33.38 25.08 -14.52
C2 GLC C . -32.09 24.27 -14.71
C3 GLC C . -31.80 23.93 -16.16
C4 GLC C . -33.01 23.30 -16.81
C5 GLC C . -34.18 24.27 -16.73
C6 GLC C . -35.49 23.77 -17.33
O2 GLC C . -30.97 24.97 -14.13
O3 GLC C . -30.67 23.05 -16.24
O4 GLC C . -32.73 22.90 -18.17
O5 GLC C . -34.45 24.66 -15.38
O6 GLC C . -35.28 22.95 -18.49
C1 AC1 C . -32.37 23.90 -19.15
O2 AC1 C . -33.65 22.28 -20.48
C2 AC1 C . -33.00 23.57 -20.51
C4A AC1 C . -33.04 27.16 -25.07
C3 AC1 C . -32.01 23.60 -21.66
O3 AC1 C . -32.73 23.68 -22.90
C4 AC1 C . -31.07 24.77 -21.48
N4A AC1 C . -30.29 25.03 -22.70
C5 AC1 C . -30.19 24.45 -20.27
O5 AC1 C . -30.93 23.92 -19.15
C6 AC1 C . -29.36 25.66 -19.80
C1B AC1 C . -30.62 25.99 -23.74
C2B AC1 C . -31.20 27.35 -23.29
O2B AC1 C . -32.00 27.22 -22.09
C3B AC1 C . -32.06 28.06 -24.32
O3B AC1 C . -31.24 28.75 -25.28
O4 AC1 C . -34.10 26.72 -24.22
C5B AC1 C . -32.28 26.01 -25.65
C7B AC1 C . -31.40 25.34 -24.88
C6B AC1 C . -32.63 25.49 -27.01
O6B AC1 C . -33.08 26.57 -27.82
C1 GLC D . 7.60 -18.94 -11.94
C2 GLC D . 7.40 -17.45 -12.27
C3 GLC D . 7.07 -16.60 -11.04
C4 GLC D . 6.00 -17.26 -10.16
C5 GLC D . 6.35 -18.73 -9.87
C6 GLC D . 5.28 -19.44 -9.05
O1 GLC D . 8.71 -19.11 -11.05
O2 GLC D . 8.56 -16.94 -12.95
O3 GLC D . 6.68 -15.29 -11.44
O4 GLC D . 5.85 -16.59 -8.91
O5 GLC D . 6.55 -19.44 -11.10
O6 GLC D . 4.41 -20.17 -9.92
C4A AC1 E . 15.61 -13.36 -4.77
N4A AC1 E . 12.11 -13.84 -4.20
C1B AC1 E . 13.18 -14.66 -3.62
C2B AC1 E . 14.15 -13.79 -2.79
O2B AC1 E . 13.47 -13.17 -1.68
C3B AC1 E . 14.79 -12.73 -3.67
O3B AC1 E . 15.63 -11.85 -2.91
O4 AC1 E . 16.05 -12.39 -5.71
C5B AC1 E . 14.85 -14.46 -5.48
C7B AC1 E . 13.96 -15.20 -4.79
C6B AC1 E . 15.40 -14.99 -6.76
O6B AC1 E . 16.50 -15.77 -6.27
C1 GOL F . 40.11 -0.69 -4.31
O1 GOL F . 41.40 -0.90 -3.79
C2 GOL F . 39.56 0.65 -3.83
O2 GOL F . 38.82 1.28 -4.86
C3 GOL F . 38.63 0.40 -2.65
O3 GOL F . 38.16 1.62 -2.11
C4A AC1 G . -19.81 -3.59 -6.30
N4A AC1 G . -16.50 -4.27 -8.12
C1B AC1 G . -17.85 -3.88 -8.54
C2B AC1 G . -18.27 -2.53 -7.94
O2B AC1 G . -17.25 -1.52 -8.09
C3B AC1 G . -18.63 -2.68 -6.48
O3B AC1 G . -18.95 -1.42 -5.88
O4 AC1 G . -20.09 -3.87 -4.93
C5B AC1 G . -19.74 -4.85 -7.13
C7B AC1 G . -18.78 -4.98 -8.06
C6B AC1 G . -20.92 -5.76 -7.18
O6B AC1 G . -21.96 -4.93 -7.72
#